data_1AAY
# 
_entry.id   1AAY 
# 
_audit_conform.dict_name       mmcif_pdbx.dic 
_audit_conform.dict_version    5.375 
_audit_conform.dict_location   http://mmcif.pdb.org/dictionaries/ascii/mmcif_pdbx.dic 
# 
loop_
_database_2.database_id 
_database_2.database_code 
_database_2.pdbx_database_accession 
_database_2.pdbx_DOI 
PDB   1AAY         pdb_00001aay 10.2210/pdb1aay/pdb 
RCSB  PDT039       ?            ?                   
WWPDB D_1000170604 ?            ?                   
# 
_pdbx_database_status.status_code                     REL 
_pdbx_database_status.entry_id                        1AAY 
_pdbx_database_status.recvd_initial_deposition_date   1997-01-18 
_pdbx_database_status.deposit_site                    NDB 
_pdbx_database_status.process_site                    NDB 
_pdbx_database_status.SG_entry                        . 
_pdbx_database_status.pdb_format_compatible           Y 
_pdbx_database_status.status_code_mr                  ? 
_pdbx_database_status.status_code_sf                  ? 
_pdbx_database_status.status_code_cs                  ? 
_pdbx_database_status.status_code_nmr_data            ? 
_pdbx_database_status.methods_development_category    ? 
# 
loop_
_audit_author.name 
_audit_author.pdbx_ordinal 
'Elrod-Erickson, M.' 1 
'Rould, M.A.'        2 
'Pabo, C.O.'         3 
# 
loop_
_citation.id 
_citation.title 
_citation.journal_abbrev 
_citation.journal_volume 
_citation.page_first 
_citation.page_last 
_citation.year 
_citation.journal_id_ASTM 
_citation.country 
_citation.journal_id_ISSN 
_citation.journal_id_CSD 
_citation.book_publisher 
_citation.pdbx_database_id_PubMed 
_citation.pdbx_database_id_DOI 
primary 'Zif268 protein-DNA complex refined at 1.6 A: a model system for understanding zinc finger-DNA interactions.' Structure 4 
1171 1180 1996 STRUE6 UK 0969-2126 2005 ? 8939742 '10.1016/S0969-2126(96)00125-6' 
1       'Zinc Finger-DNA Recognition: Crystal Structure of a Zif268-DNA Complex at 2.1 A'                             Science   
252 809  ?    1991 SCIEAS US 0036-8075 0038 ? ?       ?                               
# 
loop_
_citation_author.citation_id 
_citation_author.name 
_citation_author.ordinal 
_citation_author.identifier_ORCID 
primary 'Elrod-Erickson, M.' 1 ? 
primary 'Rould, M.A.'        2 ? 
primary 'Nekludova, L.'      3 ? 
primary 'Pabo, C.O.'         4 ? 
1       'Pavletich, N.P.'    5 ? 
1       'Pabo, C.O.'         6 ? 
# 
_cell.entry_id           1AAY 
_cell.length_a           45.400 
_cell.length_b           56.200 
_cell.length_c           130.800 
_cell.angle_alpha        90.00 
_cell.angle_beta         90.00 
_cell.angle_gamma        90.00 
_cell.Z_PDB              8 
_cell.pdbx_unique_axis   ? 
# 
_symmetry.entry_id                         1AAY 
_symmetry.space_group_name_H-M             'C 2 2 21' 
_symmetry.pdbx_full_space_group_name_H-M   ? 
_symmetry.cell_setting                     ? 
_symmetry.Int_Tables_number                20 
# 
loop_
_entity.id 
_entity.type 
_entity.src_method 
_entity.pdbx_description 
_entity.formula_weight 
_entity.pdbx_number_of_molecules 
_entity.pdbx_ec 
_entity.pdbx_mutation 
_entity.pdbx_fragment 
_entity.details 
1 polymer     syn 
;DNA (5'-D(*AP*GP*CP*GP*TP*GP*GP*GP*CP*GP*T)-3')
;
3430.233  1   ? ? ? ? 
2 polymer     syn 
;DNA (5'-D(*TP*AP*CP*GP*CP*CP*CP*AP*CP*GP*C)-3')
;
3279.151  1   ? ? ? ? 
3 polymer     man 'PROTEIN (ZIF268 ZINC FINGER PEPTIDE)'            10853.498 1   ? ? ? ? 
4 non-polymer syn 'ZINC ION'                                        65.409    3   ? ? ? ? 
5 water       nat water                                             18.015    148 ? ? ? ? 
# 
loop_
_entity_poly.entity_id 
_entity_poly.type 
_entity_poly.nstd_linkage 
_entity_poly.nstd_monomer 
_entity_poly.pdbx_seq_one_letter_code 
_entity_poly.pdbx_seq_one_letter_code_can 
_entity_poly.pdbx_strand_id 
_entity_poly.pdbx_target_identifier 
1 polydeoxyribonucleotide no no '(DA)(DG)(DC)(DG)(DT)(DG)(DG)(DG)(DC)(DG)(DT)'                                                
AGCGTGGGCGT                                                                                   B ? 
2 polydeoxyribonucleotide no no '(DT)(DA)(DC)(DG)(DC)(DC)(DC)(DA)(DC)(DG)(DC)'                                                
TACGCCCACGC                                                                                   C ? 
3 'polypeptide(L)'        no no 
;MERPYACPVESCDRRFSRSDELTRHIRIHTGQKPFQCRICMRNFSRSDHLTTHIRTHTGEKPFACDICGRKFARSDERKR
HTKIHLRQKD
;
;MERPYACPVESCDRRFSRSDELTRHIRIHTGQKPFQCRICMRNFSRSDHLTTHIRTHTGEKPFACDICGRKFARSDERKR
HTKIHLRQKD
;
A ? 
# 
loop_
_entity_poly_seq.entity_id 
_entity_poly_seq.num 
_entity_poly_seq.mon_id 
_entity_poly_seq.hetero 
1 1  DA  n 
1 2  DG  n 
1 3  DC  n 
1 4  DG  n 
1 5  DT  n 
1 6  DG  n 
1 7  DG  n 
1 8  DG  n 
1 9  DC  n 
1 10 DG  n 
1 11 DT  n 
2 1  DT  n 
2 2  DA  n 
2 3  DC  n 
2 4  DG  n 
2 5  DC  n 
2 6  DC  n 
2 7  DC  n 
2 8  DA  n 
2 9  DC  n 
2 10 DG  n 
2 11 DC  n 
3 1  MET n 
3 2  GLU n 
3 3  ARG n 
3 4  PRO n 
3 5  TYR n 
3 6  ALA n 
3 7  CYS n 
3 8  PRO n 
3 9  VAL n 
3 10 GLU n 
3 11 SER n 
3 12 CYS n 
3 13 ASP n 
3 14 ARG n 
3 15 ARG n 
3 16 PHE n 
3 17 SER n 
3 18 ARG n 
3 19 SER n 
3 20 ASP n 
3 21 GLU n 
3 22 LEU n 
3 23 THR n 
3 24 ARG n 
3 25 HIS n 
3 26 ILE n 
3 27 ARG n 
3 28 ILE n 
3 29 HIS n 
3 30 THR n 
3 31 GLY n 
3 32 GLN n 
3 33 LYS n 
3 34 PRO n 
3 35 PHE n 
3 36 GLN n 
3 37 CYS n 
3 38 ARG n 
3 39 ILE n 
3 40 CYS n 
3 41 MET n 
3 42 ARG n 
3 43 ASN n 
3 44 PHE n 
3 45 SER n 
3 46 ARG n 
3 47 SER n 
3 48 ASP n 
3 49 HIS n 
3 50 LEU n 
3 51 THR n 
3 52 THR n 
3 53 HIS n 
3 54 ILE n 
3 55 ARG n 
3 56 THR n 
3 57 HIS n 
3 58 THR n 
3 59 GLY n 
3 60 GLU n 
3 61 LYS n 
3 62 PRO n 
3 63 PHE n 
3 64 ALA n 
3 65 CYS n 
3 66 ASP n 
3 67 ILE n 
3 68 CYS n 
3 69 GLY n 
3 70 ARG n 
3 71 LYS n 
3 72 PHE n 
3 73 ALA n 
3 74 ARG n 
3 75 SER n 
3 76 ASP n 
3 77 GLU n 
3 78 ARG n 
3 79 LYS n 
3 80 ARG n 
3 81 HIS n 
3 82 THR n 
3 83 LYS n 
3 84 ILE n 
3 85 HIS n 
3 86 LEU n 
3 87 ARG n 
3 88 GLN n 
3 89 LYS n 
3 90 ASP n 
# 
_entity_src_gen.entity_id                          3 
_entity_src_gen.pdbx_src_id                        1 
_entity_src_gen.pdbx_alt_source_flag               sample 
_entity_src_gen.pdbx_seq_type                      ? 
_entity_src_gen.pdbx_beg_seq_num                   ? 
_entity_src_gen.pdbx_end_seq_num                   ? 
_entity_src_gen.gene_src_common_name               'house mouse' 
_entity_src_gen.gene_src_genus                     Mus 
_entity_src_gen.pdbx_gene_src_gene                 ? 
_entity_src_gen.gene_src_species                   ? 
_entity_src_gen.gene_src_strain                    ? 
_entity_src_gen.gene_src_tissue                    ? 
_entity_src_gen.gene_src_tissue_fraction           ? 
_entity_src_gen.gene_src_details                   ? 
_entity_src_gen.pdbx_gene_src_fragment             ? 
_entity_src_gen.pdbx_gene_src_scientific_name      'Mus musculus' 
_entity_src_gen.pdbx_gene_src_ncbi_taxonomy_id     10090 
_entity_src_gen.pdbx_gene_src_variant              ? 
_entity_src_gen.pdbx_gene_src_cell_line            ? 
_entity_src_gen.pdbx_gene_src_atcc                 ? 
_entity_src_gen.pdbx_gene_src_organ                ? 
_entity_src_gen.pdbx_gene_src_organelle            ? 
_entity_src_gen.pdbx_gene_src_cell                 ? 
_entity_src_gen.pdbx_gene_src_cellular_location    ? 
_entity_src_gen.host_org_common_name               ? 
_entity_src_gen.pdbx_host_org_scientific_name      'Escherichia coli BL21(DE3)' 
_entity_src_gen.pdbx_host_org_ncbi_taxonomy_id     469008 
_entity_src_gen.host_org_genus                     Escherichia 
_entity_src_gen.pdbx_host_org_gene                 ? 
_entity_src_gen.pdbx_host_org_organ                ? 
_entity_src_gen.host_org_species                   'Escherichia coli' 
_entity_src_gen.pdbx_host_org_tissue               ? 
_entity_src_gen.pdbx_host_org_tissue_fraction      ? 
_entity_src_gen.pdbx_host_org_strain               'BL21 (DE3)' 
_entity_src_gen.pdbx_host_org_variant              ? 
_entity_src_gen.pdbx_host_org_cell_line            ? 
_entity_src_gen.pdbx_host_org_atcc                 ? 
_entity_src_gen.pdbx_host_org_culture_collection   ? 
_entity_src_gen.pdbx_host_org_cell                 ? 
_entity_src_gen.pdbx_host_org_organelle            ? 
_entity_src_gen.pdbx_host_org_cellular_location    ? 
_entity_src_gen.pdbx_host_org_vector_type          ? 
_entity_src_gen.pdbx_host_org_vector               ? 
_entity_src_gen.host_org_details                   ? 
_entity_src_gen.expression_system_id               ? 
_entity_src_gen.plasmid_name                       PZIF89 
_entity_src_gen.plasmid_details                    ? 
_entity_src_gen.pdbx_description                   ? 
# 
loop_
_struct_ref.id 
_struct_ref.db_name 
_struct_ref.db_code 
_struct_ref.entity_id 
_struct_ref.pdbx_seq_one_letter_code 
_struct_ref.pdbx_align_begin 
_struct_ref.pdbx_db_accession 
_struct_ref.pdbx_db_isoform 
1 UNP EGR1_MOUSE 3 ? ? P08046 ? 
2 PDB 1AAY       1 ? ? 1AAY   ? 
3 PDB 1AAY       2 ? ? 1AAY   ? 
# 
loop_
_struct_ref_seq.align_id 
_struct_ref_seq.ref_id 
_struct_ref_seq.pdbx_PDB_id_code 
_struct_ref_seq.pdbx_strand_id 
_struct_ref_seq.seq_align_beg 
_struct_ref_seq.pdbx_seq_align_beg_ins_code 
_struct_ref_seq.seq_align_end 
_struct_ref_seq.pdbx_seq_align_end_ins_code 
_struct_ref_seq.pdbx_db_accession 
_struct_ref_seq.db_align_beg 
_struct_ref_seq.pdbx_db_align_beg_ins_code 
_struct_ref_seq.db_align_end 
_struct_ref_seq.pdbx_db_align_end_ins_code 
_struct_ref_seq.pdbx_auth_seq_align_beg 
_struct_ref_seq.pdbx_auth_seq_align_end 
1 1 1AAY A 2 ? 90 ? P08046 308 ? 396 ? 102 190 
2 2 1AAY B 1 ? 11 ? 1AAY   1   ? 11  ? 1   11  
3 3 1AAY C 1 ? 11 ? 1AAY   51  ? 61  ? 51  61  
# 
loop_
_chem_comp.id 
_chem_comp.type 
_chem_comp.mon_nstd_flag 
_chem_comp.name 
_chem_comp.pdbx_synonyms 
_chem_comp.formula 
_chem_comp.formula_weight 
ALA 'L-peptide linking' y ALANINE                              ? 'C3 H7 N O2'      89.093  
ARG 'L-peptide linking' y ARGININE                             ? 'C6 H15 N4 O2 1'  175.209 
ASN 'L-peptide linking' y ASPARAGINE                           ? 'C4 H8 N2 O3'     132.118 
ASP 'L-peptide linking' y 'ASPARTIC ACID'                      ? 'C4 H7 N O4'      133.103 
CYS 'L-peptide linking' y CYSTEINE                             ? 'C3 H7 N O2 S'    121.158 
DA  'DNA linking'       y "2'-DEOXYADENOSINE-5'-MONOPHOSPHATE" ? 'C10 H14 N5 O6 P' 331.222 
DC  'DNA linking'       y "2'-DEOXYCYTIDINE-5'-MONOPHOSPHATE"  ? 'C9 H14 N3 O7 P'  307.197 
DG  'DNA linking'       y "2'-DEOXYGUANOSINE-5'-MONOPHOSPHATE" ? 'C10 H14 N5 O7 P' 347.221 
DT  'DNA linking'       y "THYMIDINE-5'-MONOPHOSPHATE"         ? 'C10 H15 N2 O8 P' 322.208 
GLN 'L-peptide linking' y GLUTAMINE                            ? 'C5 H10 N2 O3'    146.144 
GLU 'L-peptide linking' y 'GLUTAMIC ACID'                      ? 'C5 H9 N O4'      147.129 
GLY 'peptide linking'   y GLYCINE                              ? 'C2 H5 N O2'      75.067  
HIS 'L-peptide linking' y HISTIDINE                            ? 'C6 H10 N3 O2 1'  156.162 
HOH non-polymer         . WATER                                ? 'H2 O'            18.015  
ILE 'L-peptide linking' y ISOLEUCINE                           ? 'C6 H13 N O2'     131.173 
LEU 'L-peptide linking' y LEUCINE                              ? 'C6 H13 N O2'     131.173 
LYS 'L-peptide linking' y LYSINE                               ? 'C6 H15 N2 O2 1'  147.195 
MET 'L-peptide linking' y METHIONINE                           ? 'C5 H11 N O2 S'   149.211 
PHE 'L-peptide linking' y PHENYLALANINE                        ? 'C9 H11 N O2'     165.189 
PRO 'L-peptide linking' y PROLINE                              ? 'C5 H9 N O2'      115.130 
SER 'L-peptide linking' y SERINE                               ? 'C3 H7 N O3'      105.093 
THR 'L-peptide linking' y THREONINE                            ? 'C4 H9 N O3'      119.119 
TYR 'L-peptide linking' y TYROSINE                             ? 'C9 H11 N O3'     181.189 
VAL 'L-peptide linking' y VALINE                               ? 'C5 H11 N O2'     117.146 
ZN  non-polymer         . 'ZINC ION'                           ? 'Zn 2'            65.409  
# 
_exptl.entry_id          1AAY 
_exptl.method            'X-RAY DIFFRACTION' 
_exptl.crystals_number   3 
# 
_exptl_crystal.id                    1 
_exptl_crystal.density_meas          ? 
_exptl_crystal.density_Matthews      2.40 
_exptl_crystal.density_percent_sol   55.3000 
_exptl_crystal.description           ? 
# 
_exptl_crystal_grow.crystal_id      1 
_exptl_crystal_grow.method          'VAPOR DIFFUSION, HANGING DROP' 
_exptl_crystal_grow.temp            ? 
_exptl_crystal_grow.temp_details    ? 
_exptl_crystal_grow.pH              8.0 
_exptl_crystal_grow.pdbx_details    '2.5-5% PEG 400; 500-700MM NACL; 25MM BIS-TRIS PROPANE, PH 8.0, VAPOR DIFFUSION, HANGING DROP' 
_exptl_crystal_grow.pdbx_pH_range   ? 
# 
loop_
_exptl_crystal_grow_comp.crystal_id 
_exptl_crystal_grow_comp.id 
_exptl_crystal_grow_comp.sol_id 
_exptl_crystal_grow_comp.name 
_exptl_crystal_grow_comp.volume 
_exptl_crystal_grow_comp.conc 
_exptl_crystal_grow_comp.details 
1 1 1 WATER                ? ? ? 
1 2 1 NACL                 ? ? ? 
1 3 1 BIS-TRIS-PROPANE_HCL ? ? ? 
1 4 2 WATER                ? ? ? 
1 5 2 'PEG 400'            ? ? ? 
# 
_diffrn.id                     1 
_diffrn.ambient_temp           295.00 
_diffrn.ambient_temp_details   ? 
_diffrn.crystal_id             1 
# 
_diffrn_detector.diffrn_id              1 
_diffrn_detector.detector               'IMAGE PLATE' 
_diffrn_detector.type                   'RIGAKU RAXIS IIC' 
_diffrn_detector.pdbx_collection_date   1994-08-01 
_diffrn_detector.details                'YALE MIRRORS' 
# 
_diffrn_radiation.diffrn_id                        1 
_diffrn_radiation.wavelength_id                    1 
_diffrn_radiation.pdbx_monochromatic_or_laue_m_l   M 
_diffrn_radiation.monochromator                    ? 
_diffrn_radiation.pdbx_diffrn_protocol             ? 
_diffrn_radiation.pdbx_scattering_type             x-ray 
# 
_diffrn_radiation_wavelength.id           1 
_diffrn_radiation_wavelength.wavelength   . 
_diffrn_radiation_wavelength.wt           1.0 
# 
_diffrn_source.diffrn_id                   1 
_diffrn_source.source                      'ROTATING ANODE' 
_diffrn_source.type                        'RIGAKU RU200' 
_diffrn_source.pdbx_synchrotron_site       ? 
_diffrn_source.pdbx_synchrotron_beamline   ? 
_diffrn_source.pdbx_wavelength             ? 
_diffrn_source.pdbx_wavelength_list        ? 
# 
_reflns.entry_id                     1AAY 
_reflns.observed_criterion_sigma_I   -2.000 
_reflns.observed_criterion_sigma_F   -2.000 
_reflns.d_resolution_low             20.000 
_reflns.d_resolution_high            1.600 
_reflns.number_obs                   22749 
_reflns.number_all                   ? 
_reflns.percent_possible_obs         96.600 
_reflns.pdbx_Rmerge_I_obs            0.0620000 
_reflns.pdbx_Rsym_value              0.0250000 
_reflns.pdbx_netI_over_sigmaI        34.500 
_reflns.B_iso_Wilson_estimate        ? 
_reflns.pdbx_redundancy              6.500 
_reflns.pdbx_diffrn_id               1 
_reflns.pdbx_ordinal                 1 
# 
_reflns_shell.d_res_high             1.600 
_reflns_shell.d_res_low              1.660 
_reflns_shell.percent_possible_all   92.80 
_reflns_shell.Rmerge_I_obs           0.5340000 
_reflns_shell.pdbx_Rsym_value        0.2230000 
_reflns_shell.meanI_over_sigI_obs    2.000 
_reflns_shell.pdbx_redundancy        4.000 
_reflns_shell.pdbx_diffrn_id         ? 
_reflns_shell.pdbx_ordinal           1 
# 
_refine.entry_id                                 1AAY 
_refine.ls_number_reflns_obs                     19207 
_refine.ls_number_reflns_all                     ? 
_refine.pdbx_ls_sigma_I                          ? 
_refine.pdbx_ls_sigma_F                          2.000 
_refine.pdbx_data_cutoff_high_absF               100000.000 
_refine.pdbx_data_cutoff_low_absF                0.0100 
_refine.pdbx_data_cutoff_high_rms_absF           ? 
_refine.ls_d_res_low                             6.000 
_refine.ls_d_res_high                            1.600 
_refine.ls_percent_reflns_obs                    87.000 
_refine.ls_R_factor_obs                          0.1950000 
_refine.ls_R_factor_all                          0.2030000 
_refine.ls_R_factor_R_work                       0.1950000 
_refine.ls_R_factor_R_free                       0.2420000 
_refine.ls_R_factor_R_free_error                 ? 
_refine.ls_R_factor_R_free_error_details         ? 
_refine.ls_percent_reflns_R_free                 12.00 
_refine.ls_number_reflns_R_free                  2312 
_refine.ls_number_parameters                     ? 
_refine.ls_number_restraints                     ? 
_refine.occupancy_min                            ? 
_refine.occupancy_max                            ? 
_refine.B_iso_mean                               30.00 
_refine.aniso_B[1][1]                            ? 
_refine.aniso_B[2][2]                            ? 
_refine.aniso_B[3][3]                            ? 
_refine.aniso_B[1][2]                            ? 
_refine.aniso_B[1][3]                            ? 
_refine.aniso_B[2][3]                            ? 
_refine.solvent_model_details                    ? 
_refine.solvent_model_param_ksol                 ? 
_refine.solvent_model_param_bsol                 ? 
_refine.pdbx_ls_cross_valid_method               THROUGOUT 
_refine.details                                  ? 
_refine.pdbx_starting_model                      'PDB ENTRY 1ZAA, WITHOUT WATERS' 
_refine.pdbx_method_to_determine_struct          'MOLECULAR REPLACEMENT' 
_refine.pdbx_isotropic_thermal_model             'RESTRAINED INDIVIDUAL' 
_refine.pdbx_stereochemistry_target_values       ? 
_refine.pdbx_stereochem_target_val_spec_case     ? 
_refine.pdbx_R_Free_selection_details            RANDOM 
_refine.pdbx_overall_ESU_R                       ? 
_refine.pdbx_overall_ESU_R_Free                  ? 
_refine.overall_SU_ML                            ? 
_refine.overall_SU_B                             ? 
_refine.pdbx_refine_id                           'X-RAY DIFFRACTION' 
_refine.pdbx_diffrn_id                           1 
_refine.pdbx_TLS_residual_ADP_flag               ? 
_refine.correlation_coeff_Fo_to_Fc               ? 
_refine.correlation_coeff_Fo_to_Fc_free          ? 
_refine.pdbx_solvent_vdw_probe_radii             ? 
_refine.pdbx_solvent_ion_probe_radii             ? 
_refine.pdbx_solvent_shrinkage_radii             ? 
_refine.pdbx_overall_phase_error                 ? 
_refine.overall_SU_R_Cruickshank_DPI             ? 
_refine.pdbx_overall_SU_R_free_Cruickshank_DPI   ? 
_refine.pdbx_overall_SU_R_Blow_DPI               ? 
_refine.pdbx_overall_SU_R_free_Blow_DPI          ? 
# 
_refine_hist.pdbx_refine_id                   'X-RAY DIFFRACTION' 
_refine_hist.cycle_id                         LAST 
_refine_hist.pdbx_number_atoms_protein        734 
_refine_hist.pdbx_number_atoms_nucleic_acid   445 
_refine_hist.pdbx_number_atoms_ligand         3 
_refine_hist.number_atoms_solvent             148 
_refine_hist.number_atoms_total               1330 
_refine_hist.d_res_high                       1.600 
_refine_hist.d_res_low                        6.000 
# 
loop_
_refine_ls_restr.type 
_refine_ls_restr.dev_ideal 
_refine_ls_restr.dev_ideal_target 
_refine_ls_restr.weight 
_refine_ls_restr.number 
_refine_ls_restr.pdbx_refine_id 
_refine_ls_restr.pdbx_restraint_function 
x_bond_d                0.007 ?     ? ? 'X-RAY DIFFRACTION' ? 
x_bond_d_na             0.009 ?     ? ? 'X-RAY DIFFRACTION' ? 
x_bond_d_prot           ?     ?     ? ? 'X-RAY DIFFRACTION' ? 
x_angle_d               ?     ?     ? ? 'X-RAY DIFFRACTION' ? 
x_angle_d_na            ?     ?     ? ? 'X-RAY DIFFRACTION' ? 
x_angle_d_prot          ?     ?     ? ? 'X-RAY DIFFRACTION' ? 
x_angle_deg             1.29  ?     ? ? 'X-RAY DIFFRACTION' ? 
x_angle_deg_na          3.02  ?     ? ? 'X-RAY DIFFRACTION' ? 
x_angle_deg_prot        ?     ?     ? ? 'X-RAY DIFFRACTION' ? 
x_dihedral_angle_d      22.8  ?     ? ? 'X-RAY DIFFRACTION' ? 
x_dihedral_angle_d_na   29.8  ?     ? ? 'X-RAY DIFFRACTION' ? 
x_dihedral_angle_d_prot ?     ?     ? ? 'X-RAY DIFFRACTION' ? 
x_improper_angle_d      1.23  ?     ? ? 'X-RAY DIFFRACTION' ? 
x_improper_angle_d_na   0.60  ?     ? ? 'X-RAY DIFFRACTION' ? 
x_improper_angle_d_prot ?     ?     ? ? 'X-RAY DIFFRACTION' ? 
x_mcbond_it             1.460 1.000 ? ? 'X-RAY DIFFRACTION' ? 
x_mcangle_it            2.380 1.500 ? ? 'X-RAY DIFFRACTION' ? 
x_scbond_it             2.030 1.000 ? ? 'X-RAY DIFFRACTION' ? 
x_scangle_it            3.300 1.500 ? ? 'X-RAY DIFFRACTION' ? 
# 
_refine_ls_shell.pdbx_total_number_of_bins_used   8 
_refine_ls_shell.d_res_high                       1.60 
_refine_ls_shell.d_res_low                        1.67 
_refine_ls_shell.number_reflns_R_work             1674 
_refine_ls_shell.R_factor_R_work                  0.2660000 
_refine_ls_shell.percent_reflns_obs               70.10 
_refine_ls_shell.R_factor_R_free                  0.2860000 
_refine_ls_shell.R_factor_R_free_error            ? 
_refine_ls_shell.percent_reflns_R_free            12.60 
_refine_ls_shell.number_reflns_R_free             242 
_refine_ls_shell.pdbx_refine_id                   'X-RAY DIFFRACTION' 
_refine_ls_shell.number_reflns_all                ? 
_refine_ls_shell.R_factor_all                     ? 
# 
_struct.entry_id                  1AAY 
_struct.title                     'ZIF268 ZINC FINGER-DNA COMPLEX' 
_struct.pdbx_model_details        ? 
_struct.pdbx_CASP_flag            ? 
_struct.pdbx_model_type_details   ? 
# 
_struct_keywords.entry_id        1AAY 
_struct_keywords.pdbx_keywords   TRANSCRIPTION/DNA 
_struct_keywords.text            'ZINC FINGER, DNA-BINDING PROTEIN, COMPLEX (ZINC FINGER-DNA), TRANSCRIPTION-DNA COMPLEX' 
# 
loop_
_struct_asym.id 
_struct_asym.pdbx_blank_PDB_chainid_flag 
_struct_asym.pdbx_modified 
_struct_asym.entity_id 
_struct_asym.details 
A N N 1 ? 
B N N 2 ? 
C N N 3 ? 
D N N 4 ? 
E N N 4 ? 
F N N 4 ? 
G N N 5 ? 
H N N 5 ? 
I N N 5 ? 
# 
_struct_biol.id   1 
# 
loop_
_struct_conf.conf_type_id 
_struct_conf.id 
_struct_conf.pdbx_PDB_helix_id 
_struct_conf.beg_label_comp_id 
_struct_conf.beg_label_asym_id 
_struct_conf.beg_label_seq_id 
_struct_conf.pdbx_beg_PDB_ins_code 
_struct_conf.end_label_comp_id 
_struct_conf.end_label_asym_id 
_struct_conf.end_label_seq_id 
_struct_conf.pdbx_end_PDB_ins_code 
_struct_conf.beg_auth_comp_id 
_struct_conf.beg_auth_asym_id 
_struct_conf.beg_auth_seq_id 
_struct_conf.end_auth_comp_id 
_struct_conf.end_auth_asym_id 
_struct_conf.end_auth_seq_id 
_struct_conf.pdbx_PDB_helix_class 
_struct_conf.details 
_struct_conf.pdbx_PDB_helix_length 
HELX_P HELX_P1 1 SER C 19 ? THR C 30 ? SER A 119 THR A 130 1 ? 12 
HELX_P HELX_P2 2 SER C 47 ? THR C 58 ? SER A 147 THR A 158 1 ? 12 
HELX_P HELX_P3 3 SER C 75 ? HIS C 85 ? SER A 175 HIS A 185 1 ? 11 
# 
_struct_conf_type.id          HELX_P 
_struct_conf_type.criteria    ? 
_struct_conf_type.reference   ? 
# 
loop_
_struct_conn.id 
_struct_conn.conn_type_id 
_struct_conn.pdbx_leaving_atom_flag 
_struct_conn.pdbx_PDB_id 
_struct_conn.ptnr1_label_asym_id 
_struct_conn.ptnr1_label_comp_id 
_struct_conn.ptnr1_label_seq_id 
_struct_conn.ptnr1_label_atom_id 
_struct_conn.pdbx_ptnr1_label_alt_id 
_struct_conn.pdbx_ptnr1_PDB_ins_code 
_struct_conn.pdbx_ptnr1_standard_comp_id 
_struct_conn.ptnr1_symmetry 
_struct_conn.ptnr2_label_asym_id 
_struct_conn.ptnr2_label_comp_id 
_struct_conn.ptnr2_label_seq_id 
_struct_conn.ptnr2_label_atom_id 
_struct_conn.pdbx_ptnr2_label_alt_id 
_struct_conn.pdbx_ptnr2_PDB_ins_code 
_struct_conn.ptnr1_auth_asym_id 
_struct_conn.ptnr1_auth_comp_id 
_struct_conn.ptnr1_auth_seq_id 
_struct_conn.ptnr2_auth_asym_id 
_struct_conn.ptnr2_auth_comp_id 
_struct_conn.ptnr2_auth_seq_id 
_struct_conn.ptnr2_symmetry 
_struct_conn.pdbx_ptnr3_label_atom_id 
_struct_conn.pdbx_ptnr3_label_seq_id 
_struct_conn.pdbx_ptnr3_label_comp_id 
_struct_conn.pdbx_ptnr3_label_asym_id 
_struct_conn.pdbx_ptnr3_label_alt_id 
_struct_conn.pdbx_ptnr3_PDB_ins_code 
_struct_conn.details 
_struct_conn.pdbx_dist_value 
_struct_conn.pdbx_value_order 
_struct_conn.pdbx_role 
metalc1  metalc ? ? C CYS 7  SG  ? ? ? 1_555 D ZN .  ZN ? ? A CYS 107 A ZN 201 1_555 ? ? ? ? ? ? ?            2.215 ? ? 
metalc2  metalc ? ? C CYS 12 SG  ? ? ? 1_555 D ZN .  ZN ? ? A CYS 112 A ZN 201 1_555 ? ? ? ? ? ? ?            2.377 ? ? 
metalc3  metalc ? ? C HIS 25 NE2 ? ? ? 1_555 D ZN .  ZN ? ? A HIS 125 A ZN 201 1_555 ? ? ? ? ? ? ?            2.081 ? ? 
metalc4  metalc ? ? C HIS 29 NE2 ? ? ? 1_555 D ZN .  ZN ? ? A HIS 129 A ZN 201 1_555 ? ? ? ? ? ? ?            1.940 ? ? 
metalc5  metalc ? ? C CYS 37 SG  ? ? ? 1_555 E ZN .  ZN ? ? A CYS 137 A ZN 202 1_555 ? ? ? ? ? ? ?            2.284 ? ? 
metalc6  metalc ? ? C CYS 40 SG  ? ? ? 1_555 E ZN .  ZN ? ? A CYS 140 A ZN 202 1_555 ? ? ? ? ? ? ?            2.249 ? ? 
metalc7  metalc ? ? C HIS 53 NE2 ? ? ? 1_555 E ZN .  ZN ? ? A HIS 153 A ZN 202 1_555 ? ? ? ? ? ? ?            2.060 ? ? 
metalc8  metalc ? ? C HIS 57 NE2 ? ? ? 1_555 E ZN .  ZN ? ? A HIS 157 A ZN 202 1_555 ? ? ? ? ? ? ?            2.068 ? ? 
metalc9  metalc ? ? C CYS 65 SG  ? ? ? 1_555 F ZN .  ZN ? ? A CYS 165 A ZN 203 1_555 ? ? ? ? ? ? ?            2.254 ? ? 
metalc10 metalc ? ? C CYS 68 SG  ? ? ? 1_555 F ZN .  ZN ? ? A CYS 168 A ZN 203 1_555 ? ? ? ? ? ? ?            2.154 ? ? 
metalc11 metalc ? ? C HIS 81 NE2 ? ? ? 1_555 F ZN .  ZN ? ? A HIS 181 A ZN 203 1_555 ? ? ? ? ? ? ?            2.041 ? ? 
metalc12 metalc ? ? C HIS 85 NE2 ? ? ? 1_555 F ZN .  ZN ? ? A HIS 185 A ZN 203 1_555 ? ? ? ? ? ? ?            2.078 ? ? 
hydrog1  hydrog ? ? A DG  2  N1  ? ? ? 1_555 B DC 11 N3 ? ? B DG  2   C DC 61  1_555 ? ? ? ? ? ? WATSON-CRICK ?     ? ? 
hydrog2  hydrog ? ? A DG  2  N2  ? ? ? 1_555 B DC 11 O2 ? ? B DG  2   C DC 61  1_555 ? ? ? ? ? ? WATSON-CRICK ?     ? ? 
hydrog3  hydrog ? ? A DG  2  O6  ? ? ? 1_555 B DC 11 N4 ? ? B DG  2   C DC 61  1_555 ? ? ? ? ? ? WATSON-CRICK ?     ? ? 
hydrog4  hydrog ? ? A DC  3  N3  ? ? ? 1_555 B DG 10 N1 ? ? B DC  3   C DG 60  1_555 ? ? ? ? ? ? WATSON-CRICK ?     ? ? 
hydrog5  hydrog ? ? A DC  3  N4  ? ? ? 1_555 B DG 10 O6 ? ? B DC  3   C DG 60  1_555 ? ? ? ? ? ? WATSON-CRICK ?     ? ? 
hydrog6  hydrog ? ? A DC  3  O2  ? ? ? 1_555 B DG 10 N2 ? ? B DC  3   C DG 60  1_555 ? ? ? ? ? ? WATSON-CRICK ?     ? ? 
hydrog7  hydrog ? ? A DG  4  N1  ? ? ? 1_555 B DC 9  N3 ? ? B DG  4   C DC 59  1_555 ? ? ? ? ? ? WATSON-CRICK ?     ? ? 
hydrog8  hydrog ? ? A DG  4  N2  ? ? ? 1_555 B DC 9  O2 ? ? B DG  4   C DC 59  1_555 ? ? ? ? ? ? WATSON-CRICK ?     ? ? 
hydrog9  hydrog ? ? A DG  4  O6  ? ? ? 1_555 B DC 9  N4 ? ? B DG  4   C DC 59  1_555 ? ? ? ? ? ? WATSON-CRICK ?     ? ? 
hydrog10 hydrog ? ? A DT  5  N3  ? ? ? 1_555 B DA 8  N1 ? ? B DT  5   C DA 58  1_555 ? ? ? ? ? ? WATSON-CRICK ?     ? ? 
hydrog11 hydrog ? ? A DT  5  O4  ? ? ? 1_555 B DA 8  N6 ? ? B DT  5   C DA 58  1_555 ? ? ? ? ? ? WATSON-CRICK ?     ? ? 
hydrog12 hydrog ? ? A DG  6  N1  ? ? ? 1_555 B DC 7  N3 ? ? B DG  6   C DC 57  1_555 ? ? ? ? ? ? WATSON-CRICK ?     ? ? 
hydrog13 hydrog ? ? A DG  6  N2  ? ? ? 1_555 B DC 7  O2 ? ? B DG  6   C DC 57  1_555 ? ? ? ? ? ? WATSON-CRICK ?     ? ? 
hydrog14 hydrog ? ? A DG  6  O6  ? ? ? 1_555 B DC 7  N4 ? ? B DG  6   C DC 57  1_555 ? ? ? ? ? ? WATSON-CRICK ?     ? ? 
hydrog15 hydrog ? ? A DG  7  N1  ? ? ? 1_555 B DC 6  N3 ? ? B DG  7   C DC 56  1_555 ? ? ? ? ? ? WATSON-CRICK ?     ? ? 
hydrog16 hydrog ? ? A DG  7  N2  ? ? ? 1_555 B DC 6  O2 ? ? B DG  7   C DC 56  1_555 ? ? ? ? ? ? WATSON-CRICK ?     ? ? 
hydrog17 hydrog ? ? A DG  7  O6  ? ? ? 1_555 B DC 6  N4 ? ? B DG  7   C DC 56  1_555 ? ? ? ? ? ? WATSON-CRICK ?     ? ? 
hydrog18 hydrog ? ? A DG  8  N1  ? ? ? 1_555 B DC 5  N3 ? ? B DG  8   C DC 55  1_555 ? ? ? ? ? ? WATSON-CRICK ?     ? ? 
hydrog19 hydrog ? ? A DG  8  N2  ? ? ? 1_555 B DC 5  O2 ? ? B DG  8   C DC 55  1_555 ? ? ? ? ? ? WATSON-CRICK ?     ? ? 
hydrog20 hydrog ? ? A DG  8  O6  ? ? ? 1_555 B DC 5  N4 ? ? B DG  8   C DC 55  1_555 ? ? ? ? ? ? WATSON-CRICK ?     ? ? 
hydrog21 hydrog ? ? A DC  9  N3  ? ? ? 1_555 B DG 4  N1 ? ? B DC  9   C DG 54  1_555 ? ? ? ? ? ? WATSON-CRICK ?     ? ? 
hydrog22 hydrog ? ? A DC  9  N4  ? ? ? 1_555 B DG 4  O6 ? ? B DC  9   C DG 54  1_555 ? ? ? ? ? ? WATSON-CRICK ?     ? ? 
hydrog23 hydrog ? ? A DC  9  O2  ? ? ? 1_555 B DG 4  N2 ? ? B DC  9   C DG 54  1_555 ? ? ? ? ? ? WATSON-CRICK ?     ? ? 
hydrog24 hydrog ? ? A DG  10 N1  ? ? ? 1_555 B DC 3  N3 ? ? B DG  10  C DC 53  1_555 ? ? ? ? ? ? WATSON-CRICK ?     ? ? 
hydrog25 hydrog ? ? A DG  10 N2  ? ? ? 1_555 B DC 3  O2 ? ? B DG  10  C DC 53  1_555 ? ? ? ? ? ? WATSON-CRICK ?     ? ? 
hydrog26 hydrog ? ? A DG  10 O6  ? ? ? 1_555 B DC 3  N4 ? ? B DG  10  C DC 53  1_555 ? ? ? ? ? ? WATSON-CRICK ?     ? ? 
hydrog27 hydrog ? ? A DT  11 N3  ? ? ? 1_555 B DA 2  N1 ? ? B DT  11  C DA 52  1_555 ? ? ? ? ? ? WATSON-CRICK ?     ? ? 
hydrog28 hydrog ? ? A DT  11 O4  ? ? ? 1_555 B DA 2  N6 ? ? B DT  11  C DA 52  1_555 ? ? ? ? ? ? WATSON-CRICK ?     ? ? 
# 
loop_
_struct_conn_type.id 
_struct_conn_type.criteria 
_struct_conn_type.reference 
metalc ? ? 
hydrog ? ? 
# 
loop_
_struct_sheet.id 
_struct_sheet.type 
_struct_sheet.number_strands 
_struct_sheet.details 
A ? 2 ? 
B ? 2 ? 
C ? 2 ? 
# 
loop_
_struct_sheet_order.sheet_id 
_struct_sheet_order.range_id_1 
_struct_sheet_order.range_id_2 
_struct_sheet_order.offset 
_struct_sheet_order.sense 
A 1 2 ? anti-parallel 
B 1 2 ? anti-parallel 
C 1 2 ? anti-parallel 
# 
loop_
_struct_sheet_range.sheet_id 
_struct_sheet_range.id 
_struct_sheet_range.beg_label_comp_id 
_struct_sheet_range.beg_label_asym_id 
_struct_sheet_range.beg_label_seq_id 
_struct_sheet_range.pdbx_beg_PDB_ins_code 
_struct_sheet_range.end_label_comp_id 
_struct_sheet_range.end_label_asym_id 
_struct_sheet_range.end_label_seq_id 
_struct_sheet_range.pdbx_end_PDB_ins_code 
_struct_sheet_range.beg_auth_comp_id 
_struct_sheet_range.beg_auth_asym_id 
_struct_sheet_range.beg_auth_seq_id 
_struct_sheet_range.end_auth_comp_id 
_struct_sheet_range.end_auth_asym_id 
_struct_sheet_range.end_auth_seq_id 
A 1 TYR C 5  ? ALA C 6  ? TYR A 105 ALA A 106 
A 2 ARG C 15 ? PHE C 16 ? ARG A 115 PHE A 116 
B 1 PHE C 35 ? GLN C 36 ? PHE A 135 GLN A 136 
B 2 ASN C 43 ? PHE C 44 ? ASN A 143 PHE A 144 
C 1 PHE C 63 ? ALA C 64 ? PHE A 163 ALA A 164 
C 2 LYS C 71 ? PHE C 72 ? LYS A 171 PHE A 172 
# 
loop_
_pdbx_struct_sheet_hbond.sheet_id 
_pdbx_struct_sheet_hbond.range_id_1 
_pdbx_struct_sheet_hbond.range_id_2 
_pdbx_struct_sheet_hbond.range_1_label_atom_id 
_pdbx_struct_sheet_hbond.range_1_label_comp_id 
_pdbx_struct_sheet_hbond.range_1_label_asym_id 
_pdbx_struct_sheet_hbond.range_1_label_seq_id 
_pdbx_struct_sheet_hbond.range_1_PDB_ins_code 
_pdbx_struct_sheet_hbond.range_1_auth_atom_id 
_pdbx_struct_sheet_hbond.range_1_auth_comp_id 
_pdbx_struct_sheet_hbond.range_1_auth_asym_id 
_pdbx_struct_sheet_hbond.range_1_auth_seq_id 
_pdbx_struct_sheet_hbond.range_2_label_atom_id 
_pdbx_struct_sheet_hbond.range_2_label_comp_id 
_pdbx_struct_sheet_hbond.range_2_label_asym_id 
_pdbx_struct_sheet_hbond.range_2_label_seq_id 
_pdbx_struct_sheet_hbond.range_2_PDB_ins_code 
_pdbx_struct_sheet_hbond.range_2_auth_atom_id 
_pdbx_struct_sheet_hbond.range_2_auth_comp_id 
_pdbx_struct_sheet_hbond.range_2_auth_asym_id 
_pdbx_struct_sheet_hbond.range_2_auth_seq_id 
A 1 2 O TYR C 5  ? O TYR A 105 N PHE C 16 ? N PHE A 116 
B 1 2 O PHE C 35 ? O PHE A 135 N PHE C 44 ? N PHE A 144 
C 1 2 O PHE C 63 ? O PHE A 163 N PHE C 72 ? N PHE A 172 
# 
loop_
_struct_site.id 
_struct_site.pdbx_evidence_code 
_struct_site.pdbx_auth_asym_id 
_struct_site.pdbx_auth_comp_id 
_struct_site.pdbx_auth_seq_id 
_struct_site.pdbx_auth_ins_code 
_struct_site.pdbx_num_residues 
_struct_site.details 
AC1 Software A ZN 201 ? 4 'BINDING SITE FOR RESIDUE ZN A 201' 
AC2 Software A ZN 202 ? 4 'BINDING SITE FOR RESIDUE ZN A 202' 
AC3 Software A ZN 203 ? 4 'BINDING SITE FOR RESIDUE ZN A 203' 
# 
loop_
_struct_site_gen.id 
_struct_site_gen.site_id 
_struct_site_gen.pdbx_num_res 
_struct_site_gen.label_comp_id 
_struct_site_gen.label_asym_id 
_struct_site_gen.label_seq_id 
_struct_site_gen.pdbx_auth_ins_code 
_struct_site_gen.auth_comp_id 
_struct_site_gen.auth_asym_id 
_struct_site_gen.auth_seq_id 
_struct_site_gen.label_atom_id 
_struct_site_gen.label_alt_id 
_struct_site_gen.symmetry 
_struct_site_gen.details 
1  AC1 4 CYS C 7  ? CYS A 107 . ? 1_555 ? 
2  AC1 4 CYS C 12 ? CYS A 112 . ? 1_555 ? 
3  AC1 4 HIS C 25 ? HIS A 125 . ? 1_555 ? 
4  AC1 4 HIS C 29 ? HIS A 129 . ? 1_555 ? 
5  AC2 4 CYS C 37 ? CYS A 137 . ? 1_555 ? 
6  AC2 4 CYS C 40 ? CYS A 140 . ? 1_555 ? 
7  AC2 4 HIS C 53 ? HIS A 153 . ? 1_555 ? 
8  AC2 4 HIS C 57 ? HIS A 157 . ? 1_555 ? 
9  AC3 4 CYS C 65 ? CYS A 165 . ? 1_555 ? 
10 AC3 4 CYS C 68 ? CYS A 168 . ? 1_555 ? 
11 AC3 4 HIS C 81 ? HIS A 181 . ? 1_555 ? 
12 AC3 4 HIS C 85 ? HIS A 185 . ? 1_555 ? 
# 
_atom_sites.entry_id                    1AAY 
_atom_sites.fract_transf_matrix[1][1]   0.01341068 
_atom_sites.fract_transf_matrix[1][2]   0.01744497 
_atom_sites.fract_transf_matrix[1][3]   -0.00098570 
_atom_sites.fract_transf_matrix[2][1]   -0.00118752 
_atom_sites.fract_transf_matrix[2][2]   -0.00009028 
_atom_sites.fract_transf_matrix[2][3]   -0.01775410 
_atom_sites.fract_transf_matrix[3][1]   -0.00604313 
_atom_sites.fract_transf_matrix[3][2]   0.00466710 
_atom_sites.fract_transf_matrix[3][3]   0.00038047 
_atom_sites.fract_transf_vector[1]      0.102229 
_atom_sites.fract_transf_vector[2]      0.181037 
_atom_sites.fract_transf_vector[3]      0.367263 
# 
loop_
_atom_type.symbol 
C  
N  
O  
P  
S  
ZN 
# 
loop_
_atom_site.group_PDB 
_atom_site.id 
_atom_site.type_symbol 
_atom_site.label_atom_id 
_atom_site.label_alt_id 
_atom_site.label_comp_id 
_atom_site.label_asym_id 
_atom_site.label_entity_id 
_atom_site.label_seq_id 
_atom_site.pdbx_PDB_ins_code 
_atom_site.Cartn_x 
_atom_site.Cartn_y 
_atom_site.Cartn_z 
_atom_site.occupancy 
_atom_site.B_iso_or_equiv 
_atom_site.pdbx_formal_charge 
_atom_site.auth_seq_id 
_atom_site.auth_comp_id 
_atom_site.auth_asym_id 
_atom_site.auth_atom_id 
_atom_site.pdbx_PDB_model_num 
ATOM   1    O  "O5'" . DA  A 1 1  ? 9.463   1.870   -16.287 1.00 27.98 ? 1   DA  B "O5'" 1 
ATOM   2    C  "C5'" . DA  A 1 1  ? 10.671  2.605   -16.477 1.00 25.91 ? 1   DA  B "C5'" 1 
ATOM   3    C  "C4'" . DA  A 1 1  ? 10.758  3.802   -15.545 1.00 26.90 ? 1   DA  B "C4'" 1 
ATOM   4    O  "O4'" . DA  A 1 1  ? 9.636   4.683   -15.768 1.00 26.42 ? 1   DA  B "O4'" 1 
ATOM   5    C  "C3'" . DA  A 1 1  ? 10.731  3.359   -14.081 1.00 27.31 ? 1   DA  B "C3'" 1 
ATOM   6    O  "O3'" . DA  A 1 1  ? 11.762  4.069   -13.387 1.00 29.53 ? 1   DA  B "O3'" 1 
ATOM   7    C  "C2'" . DA  A 1 1  ? 9.348   3.803   -13.625 1.00 25.13 ? 1   DA  B "C2'" 1 
ATOM   8    C  "C1'" . DA  A 1 1  ? 9.025   5.001   -14.515 1.00 24.42 ? 1   DA  B "C1'" 1 
ATOM   9    N  N9    . DA  A 1 1  ? 7.582   5.179   -14.758 1.00 21.51 ? 1   DA  B N9    1 
ATOM   10   C  C8    . DA  A 1 1  ? 6.833   6.259   -14.417 1.00 20.32 ? 1   DA  B C8    1 
ATOM   11   N  N7    . DA  A 1 1  ? 5.592   6.166   -14.765 1.00 21.20 ? 1   DA  B N7    1 
ATOM   12   C  C5    . DA  A 1 1  ? 5.489   4.936   -15.384 1.00 20.03 ? 1   DA  B C5    1 
ATOM   13   C  C6    . DA  A 1 1  ? 4.415   4.268   -15.964 1.00 20.34 ? 1   DA  B C6    1 
ATOM   14   N  N6    . DA  A 1 1  ? 3.183   4.772   -16.014 1.00 20.30 ? 1   DA  B N6    1 
ATOM   15   N  N1    . DA  A 1 1  ? 4.667   3.056   -16.483 1.00 21.27 ? 1   DA  B N1    1 
ATOM   16   C  C2    . DA  A 1 1  ? 5.894   2.561   -16.424 1.00 20.67 ? 1   DA  B C2    1 
ATOM   17   N  N3    . DA  A 1 1  ? 6.984   3.092   -15.906 1.00 21.50 ? 1   DA  B N3    1 
ATOM   18   C  C4    . DA  A 1 1  ? 6.701   4.312   -15.390 1.00 21.31 ? 1   DA  B C4    1 
ATOM   19   P  P     . DG  A 1 2  ? 12.307  3.475   -11.985 1.00 31.75 ? 2   DG  B P     1 
ATOM   20   O  OP1   . DG  A 1 2  ? 13.698  3.934   -11.789 1.00 32.43 ? 2   DG  B OP1   1 
ATOM   21   O  OP2   . DG  A 1 2  ? 12.001  2.028   -11.923 1.00 31.76 ? 2   DG  B OP2   1 
ATOM   22   O  "O5'" . DG  A 1 2  ? 11.345  4.217   -10.934 1.00 29.06 ? 2   DG  B "O5'" 1 
ATOM   23   C  "C5'" . DG  A 1 2  ? 11.526  5.584   -10.602 1.00 25.43 ? 2   DG  B "C5'" 1 
ATOM   24   C  "C4'" . DG  A 1 2  ? 10.449  6.041   -9.633  1.00 24.66 ? 2   DG  B "C4'" 1 
ATOM   25   O  "O4'" . DG  A 1 2  ? 9.169   6.036   -10.260 1.00 23.28 ? 2   DG  B "O4'" 1 
ATOM   26   C  "C3'" . DG  A 1 2  ? 10.380  5.100   -8.439  1.00 24.59 ? 2   DG  B "C3'" 1 
ATOM   27   O  "O3'" . DG  A 1 2  ? 10.564  5.927   -7.294  1.00 23.99 ? 2   DG  B "O3'" 1 
ATOM   28   C  "C2'" . DG  A 1 2  ? 8.974   4.497   -8.537  1.00 22.77 ? 2   DG  B "C2'" 1 
ATOM   29   C  "C1'" . DG  A 1 2  ? 8.210   5.516   -9.349  1.00 21.94 ? 2   DG  B "C1'" 1 
ATOM   30   N  N9    . DG  A 1 2  ? 7.147   4.971   -10.193 1.00 19.81 ? 2   DG  B N9    1 
ATOM   31   C  C8    . DG  A 1 2  ? 7.118   3.806   -10.916 1.00 20.07 ? 2   DG  B C8    1 
ATOM   32   N  N7    . DG  A 1 2  ? 6.021   3.649   -11.589 1.00 20.11 ? 2   DG  B N7    1 
ATOM   33   C  C5    . DG  A 1 2  ? 5.266   4.779   -11.296 1.00 18.75 ? 2   DG  B C5    1 
ATOM   34   C  C6    . DG  A 1 2  ? 3.966   5.152   -11.726 1.00 19.41 ? 2   DG  B C6    1 
ATOM   35   O  O6    . DG  A 1 2  ? 3.195   4.532   -12.450 1.00 19.52 ? 2   DG  B O6    1 
ATOM   36   N  N1    . DG  A 1 2  ? 3.576   6.363   -11.181 1.00 19.74 ? 2   DG  B N1    1 
ATOM   37   C  C2    . DG  A 1 2  ? 4.342   7.113   -10.325 1.00 21.46 ? 2   DG  B C2    1 
ATOM   38   N  N2    . DG  A 1 2  ? 3.809   8.241   -9.873  1.00 21.95 ? 2   DG  B N2    1 
ATOM   39   N  N3    . DG  A 1 2  ? 5.563   6.766   -9.917  1.00 20.63 ? 2   DG  B N3    1 
ATOM   40   C  C4    . DG  A 1 2  ? 5.955   5.589   -10.443 1.00 20.10 ? 2   DG  B C4    1 
ATOM   41   P  P     . DC  A 1 3  ? 10.553  5.352   -5.794  1.00 25.00 ? 3   DC  B P     1 
ATOM   42   O  OP1   . DC  A 1 3  ? 11.396  6.251   -4.974  1.00 25.98 ? 3   DC  B OP1   1 
ATOM   43   O  OP2   . DC  A 1 3  ? 10.824  3.900   -5.792  1.00 22.54 ? 3   DC  B OP2   1 
ATOM   44   O  "O5'" . DC  A 1 3  ? 9.010   5.545   -5.393  1.00 22.71 ? 3   DC  B "O5'" 1 
ATOM   45   C  "C5'" . DC  A 1 3  ? 8.441   6.832   -5.186  1.00 21.23 ? 3   DC  B "C5'" 1 
ATOM   46   C  "C4'" . DC  A 1 3  ? 6.927   6.773   -5.048  1.00 19.91 ? 3   DC  B "C4'" 1 
ATOM   47   O  "O4'" . DC  A 1 3  ? 6.288   6.264   -6.250  1.00 20.07 ? 3   DC  B "O4'" 1 
ATOM   48   C  "C3'" . DC  A 1 3  ? 6.568   5.795   -3.924  1.00 19.74 ? 3   DC  B "C3'" 1 
ATOM   49   O  "O3'" . DC  A 1 3  ? 5.521   6.391   -3.193  1.00 20.12 ? 3   DC  B "O3'" 1 
ATOM   50   C  "C2'" . DC  A 1 3  ? 6.032   4.614   -4.709  1.00 18.91 ? 3   DC  B "C2'" 1 
ATOM   51   C  "C1'" . DC  A 1 3  ? 5.293   5.351   -5.807  1.00 18.84 ? 3   DC  B "C1'" 1 
ATOM   52   N  N1    . DC  A 1 3  ? 4.820   4.479   -6.915  1.00 18.25 ? 3   DC  B N1    1 
ATOM   53   C  C2    . DC  A 1 3  ? 3.679   4.923   -7.576  1.00 19.13 ? 3   DC  B C2    1 
ATOM   54   O  O2    . DC  A 1 3  ? 3.153   5.995   -7.280  1.00 20.62 ? 3   DC  B O2    1 
ATOM   55   N  N3    . DC  A 1 3  ? 3.149   4.151   -8.551  1.00 19.53 ? 3   DC  B N3    1 
ATOM   56   C  C4    . DC  A 1 3  ? 3.712   2.983   -8.876  1.00 18.38 ? 3   DC  B C4    1 
ATOM   57   N  N4    . DC  A 1 3  ? 3.137   2.255   -9.827  1.00 17.93 ? 3   DC  B N4    1 
ATOM   58   C  C5    . DC  A 1 3  ? 4.897   2.511   -8.210  1.00 18.88 ? 3   DC  B C5    1 
ATOM   59   C  C6    . DC  A 1 3  ? 5.411   3.294   -7.241  1.00 17.33 ? 3   DC  B C6    1 
ATOM   60   P  P     . DG  A 1 4  ? 5.474   6.320   -1.595  1.00 19.11 ? 4   DG  B P     1 
ATOM   61   O  OP1   . DG  A 1 4  ? 6.543   7.186   -1.063  1.00 19.59 ? 4   DG  B OP1   1 
ATOM   62   O  OP2   . DG  A 1 4  ? 5.380   4.899   -1.198  1.00 18.91 ? 4   DG  B OP2   1 
ATOM   63   O  "O5'" . DG  A 1 4  ? 4.070   7.019   -1.332  1.00 20.52 ? 4   DG  B "O5'" 1 
ATOM   64   C  "C5'" . DG  A 1 4  ? 3.846   8.383   -1.663  1.00 19.96 ? 4   DG  B "C5'" 1 
ATOM   65   C  "C4'" . DG  A 1 4  ? 2.379   8.622   -1.979  1.00 21.29 ? 4   DG  B "C4'" 1 
ATOM   66   O  "O4'" . DG  A 1 4  ? 1.993   7.964   -3.207  1.00 21.43 ? 4   DG  B "O4'" 1 
ATOM   67   C  "C3'" . DG  A 1 4  ? 1.521   8.015   -0.881  1.00 21.90 ? 4   DG  B "C3'" 1 
ATOM   68   O  "O3'" . DG  A 1 4  ? 0.410   8.878   -0.697  1.00 23.74 ? 4   DG  B "O3'" 1 
ATOM   69   C  "C2'" . DG  A 1 4  ? 1.078   6.707   -1.519  1.00 20.16 ? 4   DG  B "C2'" 1 
ATOM   70   C  "C1'" . DG  A 1 4  ? 0.944   7.029   -2.988  1.00 19.31 ? 4   DG  B "C1'" 1 
ATOM   71   N  N9    . DG  A 1 4  ? 1.192   5.845   -3.840  1.00 19.95 ? 4   DG  B N9    1 
ATOM   72   C  C8    . DG  A 1 4  ? 2.327   5.072   -3.903  1.00 18.52 ? 4   DG  B C8    1 
ATOM   73   N  N7    . DG  A 1 4  ? 2.232   4.076   -4.734  1.00 19.07 ? 4   DG  B N7    1 
ATOM   74   C  C5    . DG  A 1 4  ? 0.951   4.188   -5.266  1.00 18.71 ? 4   DG  B C5    1 
ATOM   75   C  C6    . DG  A 1 4  ? 0.293   3.377   -6.221  1.00 17.59 ? 4   DG  B C6    1 
ATOM   76   O  O6    . DG  A 1 4  ? 0.716   2.379   -6.791  1.00 19.33 ? 4   DG  B O6    1 
ATOM   77   N  N1    . DG  A 1 4  ? -0.983  3.825   -6.484  1.00 17.90 ? 4   DG  B N1    1 
ATOM   78   C  C2    . DG  A 1 4  ? -1.570  4.927   -5.905  1.00 19.36 ? 4   DG  B C2    1 
ATOM   79   N  N2    . DG  A 1 4  ? -2.804  5.230   -6.304  1.00 19.31 ? 4   DG  B N2    1 
ATOM   80   N  N3    . DG  A 1 4  ? -0.957  5.695   -5.001  1.00 21.23 ? 4   DG  B N3    1 
ATOM   81   C  C4    . DG  A 1 4  ? 0.303   5.267   -4.728  1.00 19.70 ? 4   DG  B C4    1 
ATOM   82   P  P     . DT  A 1 5  ? -0.518  8.758   0.583   1.00 23.74 ? 5   DT  B P     1 
ATOM   83   O  OP1   . DT  A 1 5  ? -1.225  10.056  0.728   1.00 24.52 ? 5   DT  B OP1   1 
ATOM   84   O  OP2   . DT  A 1 5  ? 0.313   8.218   1.685   1.00 23.34 ? 5   DT  B OP2   1 
ATOM   85   O  "O5'" . DT  A 1 5  ? -1.569  7.655   0.152   1.00 23.58 ? 5   DT  B "O5'" 1 
ATOM   86   C  "C5'" . DT  A 1 5  ? -2.694  7.917   -0.679  1.00 23.40 ? 5   DT  B "C5'" 1 
ATOM   87   C  "C4'" . DT  A 1 5  ? -3.377  6.606   -0.983  1.00 25.44 ? 5   DT  B "C4'" 1 
ATOM   88   O  "O4'" . DT  A 1 5  ? -2.510  5.796   -1.794  1.00 25.21 ? 5   DT  B "O4'" 1 
ATOM   89   C  "C3'" . DT  A 1 5  ? -3.633  5.790   0.306   1.00 27.84 ? 5   DT  B "C3'" 1 
ATOM   90   O  "O3'" . DT  A 1 5  ? -4.991  5.360   0.330   1.00 33.20 ? 5   DT  B "O3'" 1 
ATOM   91   C  "C2'" . DT  A 1 5  ? -2.736  4.569   0.094   1.00 26.29 ? 5   DT  B "C2'" 1 
ATOM   92   C  "C1'" . DT  A 1 5  ? -2.805  4.461   -1.414  1.00 24.15 ? 5   DT  B "C1'" 1 
ATOM   93   N  N1    . DT  A 1 5  ? -1.828  3.513   -1.998  1.00 22.51 ? 5   DT  B N1    1 
ATOM   94   C  C2    . DT  A 1 5  ? -2.304  2.696   -3.020  1.00 21.41 ? 5   DT  B C2    1 
ATOM   95   O  O2    . DT  A 1 5  ? -3.444  2.771   -3.484  1.00 21.85 ? 5   DT  B O2    1 
ATOM   96   N  N3    . DT  A 1 5  ? -1.402  1.775   -3.511  1.00 21.03 ? 5   DT  B N3    1 
ATOM   97   C  C4    . DT  A 1 5  ? -0.089  1.605   -3.082  1.00 22.32 ? 5   DT  B C4    1 
ATOM   98   O  O4    . DT  A 1 5  ? 0.622   0.737   -3.584  1.00 21.26 ? 5   DT  B O4    1 
ATOM   99   C  C5    . DT  A 1 5  ? 0.312   2.507   -2.024  1.00 21.75 ? 5   DT  B C5    1 
ATOM   100  C  C7    . DT  A 1 5  ? 1.737   2.429   -1.456  1.00 21.78 ? 5   DT  B C7    1 
ATOM   101  C  C6    . DT  A 1 5  ? -0.547  3.407   -1.529  1.00 22.09 ? 5   DT  B C6    1 
ATOM   102  P  P     . DG  A 1 6  ? -5.857  5.407   1.703   1.00 36.20 ? 6   DG  B P     1 
ATOM   103  O  OP1   . DG  A 1 6  ? -6.106  6.837   1.998   1.00 35.84 ? 6   DG  B OP1   1 
ATOM   104  O  OP2   . DG  A 1 6  ? -5.215  4.524   2.717   1.00 35.58 ? 6   DG  B OP2   1 
ATOM   105  O  "O5'" . DG  A 1 6  ? -7.214  4.682   1.210   1.00 32.80 ? 6   DG  B "O5'" 1 
ATOM   106  C  "C5'" . DG  A 1 6  ? -7.978  5.113   0.089   1.00 28.09 ? 6   DG  B "C5'" 1 
ATOM   107  C  "C4'" . DG  A 1 6  ? -8.482  3.915   -0.711  1.00 27.15 ? 6   DG  B "C4'" 1 
ATOM   108  O  "O4'" . DG  A 1 6  ? -7.401  3.251   -1.398  1.00 25.05 ? 6   DG  B "O4'" 1 
ATOM   109  C  "C3'" . DG  A 1 6  ? -9.110  2.902   0.244   1.00 28.06 ? 6   DG  B "C3'" 1 
ATOM   110  O  "O3'" . DG  A 1 6  ? -10.392 2.513   -0.240  1.00 30.82 ? 6   DG  B "O3'" 1 
ATOM   111  C  "C2'" . DG  A 1 6  ? -8.166  1.734   0.194   1.00 26.27 ? 6   DG  B "C2'" 1 
ATOM   112  C  "C1'" . DG  A 1 6  ? -7.482  1.844   -1.152  1.00 25.13 ? 6   DG  B "C1'" 1 
ATOM   113  N  N9    . DG  A 1 6  ? -6.118  1.283   -1.080  1.00 23.54 ? 6   DG  B N9    1 
ATOM   114  C  C8    . DG  A 1 6  ? -5.074  1.696   -0.289  1.00 23.68 ? 6   DG  B C8    1 
ATOM   115  N  N7    . DG  A 1 6  ? -3.977  1.023   -0.479  1.00 23.73 ? 6   DG  B N7    1 
ATOM   116  C  C5    . DG  A 1 6  ? -4.318  0.098   -1.464  1.00 22.27 ? 6   DG  B C5    1 
ATOM   117  C  C6    . DG  A 1 6  ? -3.523  -0.903  -2.072  1.00 20.87 ? 6   DG  B C6    1 
ATOM   118  O  O6    . DG  A 1 6  ? -2.334  -1.123  -1.882  1.00 19.80 ? 6   DG  B O6    1 
ATOM   119  N  N1    . DG  A 1 6  ? -4.249  -1.634  -3.013  1.00 21.65 ? 6   DG  B N1    1 
ATOM   120  C  C2    . DG  A 1 6  ? -5.579  -1.412  -3.329  1.00 21.79 ? 6   DG  B C2    1 
ATOM   121  N  N2    . DG  A 1 6  ? -6.120  -2.200  -4.254  1.00 22.30 ? 6   DG  B N2    1 
ATOM   122  N  N3    . DG  A 1 6  ? -6.318  -0.463  -2.754  1.00 20.28 ? 6   DG  B N3    1 
ATOM   123  C  C4    . DG  A 1 6  ? -5.627  0.247   -1.836  1.00 21.68 ? 6   DG  B C4    1 
ATOM   124  P  P     . DG  A 1 7  ? -11.433 1.633   0.627   1.00 31.62 ? 7   DG  B P     1 
ATOM   125  O  OP1   . DG  A 1 7  ? -12.790 2.047   0.207   1.00 34.64 ? 7   DG  B OP1   1 
ATOM   126  O  OP2   . DG  A 1 7  ? -11.058 1.688   2.045   1.00 32.50 ? 7   DG  B OP2   1 
ATOM   127  O  "O5'" . DG  A 1 7  ? -11.151 0.156   0.080   1.00 31.45 ? 7   DG  B "O5'" 1 
ATOM   128  C  "C5'" . DG  A 1 7  ? -11.537 -0.040  -1.287  1.00 30.11 ? 7   DG  B "C5'" 1 
ATOM   129  C  "C4'" . DG  A 1 7  ? -11.279 -1.428  -1.824  1.00 27.98 ? 7   DG  B "C4'" 1 
ATOM   130  O  "O4'" . DG  A 1 7  ? -9.877  -1.703  -1.919  1.00 27.14 ? 7   DG  B "O4'" 1 
ATOM   131  C  "C3'" . DG  A 1 7  ? -11.901 -2.440  -0.880  1.00 28.50 ? 7   DG  B "C3'" 1 
ATOM   132  O  "O3'" . DG  A 1 7  ? -12.520 -3.433  -1.682  1.00 28.88 ? 7   DG  B "O3'" 1 
ATOM   133  C  "C2'" . DG  A 1 7  ? -10.665 -2.973  -0.171  1.00 27.22 ? 7   DG  B "C2'" 1 
ATOM   134  C  "C1'" . DG  A 1 7  ? -9.612  -2.951  -1.257  1.00 26.21 ? 7   DG  B "C1'" 1 
ATOM   135  N  N9    . DG  A 1 7  ? -8.244  -2.912  -0.716  1.00 24.81 ? 7   DG  B N9    1 
ATOM   136  C  C8    . DG  A 1 7  ? -7.693  -2.031  0.179   1.00 24.58 ? 7   DG  B C8    1 
ATOM   137  N  N7    . DG  A 1 7  ? -6.425  -2.242  0.409   1.00 24.42 ? 7   DG  B N7    1 
ATOM   138  C  C5    . DG  A 1 7  ? -6.115  -3.336  -0.383  1.00 23.92 ? 7   DG  B C5    1 
ATOM   139  C  C6    . DG  A 1 7  ? -4.883  -4.012  -0.543  1.00 25.16 ? 7   DG  B C6    1 
ATOM   140  O  O6    . DG  A 1 7  ? -3.791  -3.748  -0.043  1.00 24.15 ? 7   DG  B O6    1 
ATOM   141  N  N1    . DG  A 1 7  ? -5.007  -5.069  -1.430  1.00 25.20 ? 7   DG  B N1    1 
ATOM   142  C  C2    . DG  A 1 7  ? -6.163  -5.427  -2.083  1.00 25.05 ? 7   DG  B C2    1 
ATOM   143  N  N2    . DG  A 1 7  ? -6.071  -6.475  -2.906  1.00 26.91 ? 7   DG  B N2    1 
ATOM   144  N  N3    . DG  A 1 7  ? -7.323  -4.784  -1.933  1.00 23.36 ? 7   DG  B N3    1 
ATOM   145  C  C4    . DG  A 1 7  ? -7.221  -3.756  -1.072  1.00 23.83 ? 7   DG  B C4    1 
ATOM   146  P  P     . DG  A 1 8  ? -13.558 -4.494  -1.071  1.00 32.41 ? 8   DG  B P     1 
ATOM   147  O  OP1   . DG  A 1 8  ? -14.750 -4.458  -1.945  1.00 34.07 ? 8   DG  B OP1   1 
ATOM   148  O  OP2   . DG  A 1 8  ? -13.703 -4.306  0.389   1.00 32.27 ? 8   DG  B OP2   1 
ATOM   149  O  "O5'" . DG  A 1 8  ? -12.914 -5.906  -1.300  1.00 32.16 ? 8   DG  B "O5'" 1 
ATOM   150  C  "C5'" . DG  A 1 8  ? -11.530 -6.067  -1.381  1.00 31.47 ? 8   DG  B "C5'" 1 
ATOM   151  C  "C4'" . DG  A 1 8  ? -11.231 -7.485  -1.656  1.00 30.09 ? 8   DG  B "C4'" 1 
ATOM   152  O  "O4'" . DG  A 1 8  ? -9.830  -7.626  -1.415  1.00 29.92 ? 8   DG  B "O4'" 1 
ATOM   153  C  "C3'" . DG  A 1 8  ? -11.958 -8.429  -0.688  1.00 30.15 ? 8   DG  B "C3'" 1 
ATOM   154  O  "O3'" . DG  A 1 8  ? -11.928 -9.755  -1.245  1.00 31.02 ? 8   DG  B "O3'" 1 
ATOM   155  C  "C2'" . DG  A 1 8  ? -11.041 -8.289  0.513   1.00 27.35 ? 8   DG  B "C2'" 1 
ATOM   156  C  "C1'" . DG  A 1 8  ? -9.651  -8.202  -0.112  1.00 27.17 ? 8   DG  B "C1'" 1 
ATOM   157  N  N9    . DG  A 1 8  ? -8.737  -7.322  0.622   1.00 24.57 ? 8   DG  B N9    1 
ATOM   158  C  C8    . DG  A 1 8  ? -8.986  -6.160  1.304   1.00 23.91 ? 8   DG  B C8    1 
ATOM   159  N  N7    . DG  A 1 8  ? -7.922  -5.633  1.833   1.00 22.40 ? 8   DG  B N7    1 
ATOM   160  C  C5    . DG  A 1 8  ? -6.898  -6.505  1.482   1.00 22.01 ? 8   DG  B C5    1 
ATOM   161  C  C6    . DG  A 1 8  ? -5.513  -6.461  1.787   1.00 20.64 ? 8   DG  B C6    1 
ATOM   162  O  O6    . DG  A 1 8  ? -4.915  -5.644  2.476   1.00 20.41 ? 8   DG  B O6    1 
ATOM   163  N  N1    . DG  A 1 8  ? -4.828  -7.542  1.238   1.00 21.38 ? 8   DG  B N1    1 
ATOM   164  C  C2    . DG  A 1 8  ? -5.412  -8.546  0.490   1.00 21.90 ? 8   DG  B C2    1 
ATOM   165  N  N2    . DG  A 1 8  ? -4.612  -9.516  0.055   1.00 22.82 ? 8   DG  B N2    1 
ATOM   166  N  N3    . DG  A 1 8  ? -6.719  -8.588  0.207   1.00 23.18 ? 8   DG  B N3    1 
ATOM   167  C  C4    . DG  A 1 8  ? -7.393  -7.540  0.735   1.00 23.14 ? 8   DG  B C4    1 
ATOM   168  P  P     . DC  A 1 9  ? -12.548 -10.993 -0.437  1.00 33.51 ? 9   DC  B P     1 
ATOM   169  O  OP1   . DC  A 1 9  ? -12.919 -12.034 -1.417  1.00 35.04 ? 9   DC  B OP1   1 
ATOM   170  O  OP2   . DC  A 1 9  ? -13.559 -10.479 0.517   1.00 34.34 ? 9   DC  B OP2   1 
ATOM   171  O  "O5'" . DC  A 1 9  ? -11.310 -11.514 0.429   1.00 32.06 ? 9   DC  B "O5'" 1 
ATOM   172  C  "C5'" . DC  A 1 9  ? -10.235 -12.220 -0.172  1.00 29.72 ? 9   DC  B "C5'" 1 
ATOM   173  C  "C4'" . DC  A 1 9  ? -9.122  -12.458 0.828   1.00 28.69 ? 9   DC  B "C4'" 1 
ATOM   174  O  "O4'" . DC  A 1 9  ? -8.551  -11.210 1.258   1.00 26.73 ? 9   DC  B "O4'" 1 
ATOM   175  C  "C3'" . DC  A 1 9  ? -9.683  -13.182 2.079   1.00 29.22 ? 9   DC  B "C3'" 1 
ATOM   176  O  "O3'" . DC  A 1 9  ? -8.832  -14.266 2.432   1.00 31.07 ? 9   DC  B "O3'" 1 
ATOM   177  C  "C2'" . DC  A 1 9  ? -9.516  -12.108 3.133   1.00 27.19 ? 9   DC  B "C2'" 1 
ATOM   178  C  "C1'" . DC  A 1 9  ? -8.256  -11.420 2.646   1.00 25.48 ? 9   DC  B "C1'" 1 
ATOM   179  N  N1    . DC  A 1 9  ? -7.977  -10.132 3.337   1.00 21.81 ? 9   DC  B N1    1 
ATOM   180  C  C2    . DC  A 1 9  ? -6.636  -9.823  3.544   1.00 20.63 ? 9   DC  B C2    1 
ATOM   181  O  O2    . DC  A 1 9  ? -5.742  -10.569 3.151   1.00 21.20 ? 9   DC  B O2    1 
ATOM   182  N  N3    . DC  A 1 9  ? -6.331  -8.674  4.194   1.00 20.78 ? 9   DC  B N3    1 
ATOM   183  C  C4    . DC  A 1 9  ? -7.300  -7.852  4.628   1.00 21.38 ? 9   DC  B C4    1 
ATOM   184  N  N4    . DC  A 1 9  ? -6.963  -6.729  5.268   1.00 20.40 ? 9   DC  B N4    1 
ATOM   185  C  C5    . DC  A 1 9  ? -8.692  -8.156  4.418   1.00 21.99 ? 9   DC  B C5    1 
ATOM   186  C  C6    . DC  A 1 9  ? -8.974  -9.304  3.771   1.00 21.58 ? 9   DC  B C6    1 
ATOM   187  P  P     . DG  A 1 10 ? -9.358  -15.748 2.727   1.00 31.99 ? 10  DG  B P     1 
ATOM   188  O  OP1   . DG  A 1 10 ? -9.774  -16.355 1.450   1.00 33.15 ? 10  DG  B OP1   1 
ATOM   189  O  OP2   . DG  A 1 10 ? -10.253 -15.732 3.897   1.00 33.08 ? 10  DG  B OP2   1 
ATOM   190  O  "O5'" . DG  A 1 10 ? -7.985  -16.387 3.160   1.00 30.18 ? 10  DG  B "O5'" 1 
ATOM   191  C  "C5'" . DG  A 1 10 ? -6.935  -16.581 2.209   1.00 27.24 ? 10  DG  B "C5'" 1 
ATOM   192  C  "C4'" . DG  A 1 10 ? -5.585  -16.600 2.892   1.00 25.01 ? 10  DG  B "C4'" 1 
ATOM   193  O  "O4'" . DG  A 1 10 ? -5.240  -15.289 3.388   1.00 23.95 ? 10  DG  B "O4'" 1 
ATOM   194  C  "C3'" . DG  A 1 10 ? -5.659  -17.534 4.096   1.00 23.60 ? 10  DG  B "C3'" 1 
ATOM   195  O  "O3'" . DG  A 1 10 ? -4.426  -18.186 4.223   1.00 25.14 ? 10  DG  B "O3'" 1 
ATOM   196  C  "C2'" . DG  A 1 10 ? -5.871  -16.574 5.237   1.00 22.13 ? 10  DG  B "C2'" 1 
ATOM   197  C  "C1'" . DG  A 1 10 ? -5.090  -15.340 4.812   1.00 22.65 ? 10  DG  B "C1'" 1 
ATOM   198  N  N9    . DG  A 1 10 ? -5.662  -14.102 5.379   1.00 21.41 ? 10  DG  B N9    1 
ATOM   199  C  C8    . DG  A 1 10 ? -6.963  -13.677 5.415   1.00 18.86 ? 10  DG  B C8    1 
ATOM   200  N  N7    . DG  A 1 10 ? -7.115  -12.515 5.970   1.00 19.54 ? 10  DG  B N7    1 
ATOM   201  C  C5    . DG  A 1 10 ? -5.829  -12.144 6.328   1.00 18.58 ? 10  DG  B C5    1 
ATOM   202  C  C6    . DG  A 1 10 ? -5.369  -10.975 6.973   1.00 19.77 ? 10  DG  B C6    1 
ATOM   203  O  O6    . DG  A 1 10 ? -6.021  -10.018 7.384   1.00 20.81 ? 10  DG  B O6    1 
ATOM   204  N  N1    . DG  A 1 10 ? -3.998  -11.009 7.139   1.00 19.78 ? 10  DG  B N1    1 
ATOM   205  C  C2    . DG  A 1 10 ? -3.168  -12.035 6.741   1.00 19.96 ? 10  DG  B C2    1 
ATOM   206  N  N2    . DG  A 1 10 ? -1.864  -11.881 6.965   1.00 19.84 ? 10  DG  B N2    1 
ATOM   207  N  N3    . DG  A 1 10 ? -3.602  -13.129 6.140   1.00 18.39 ? 10  DG  B N3    1 
ATOM   208  C  C4    . DG  A 1 10 ? -4.934  -13.109 5.970   1.00 19.68 ? 10  DG  B C4    1 
ATOM   209  P  P     . DT  A 1 11 ? -4.272  -19.428 5.240   1.00 26.36 ? 11  DT  B P     1 
ATOM   210  O  OP1   . DT  A 1 11 ? -3.202  -20.298 4.722   1.00 28.31 ? 11  DT  B OP1   1 
ATOM   211  O  OP2   . DT  A 1 11 ? -5.600  -19.988 5.539   1.00 26.04 ? 11  DT  B OP2   1 
ATOM   212  O  "O5'" . DT  A 1 11 ? -3.741  -18.641 6.535   1.00 24.26 ? 11  DT  B "O5'" 1 
ATOM   213  C  "C5'" . DT  A 1 11 ? -2.420  -18.089 6.560   1.00 21.89 ? 11  DT  B "C5'" 1 
ATOM   214  C  "C4'" . DT  A 1 11 ? -2.234  -17.179 7.753   1.00 21.47 ? 11  DT  B "C4'" 1 
ATOM   215  O  "O4'" . DT  A 1 11 ? -3.126  -16.050 7.719   1.00 21.14 ? 11  DT  B "O4'" 1 
ATOM   216  C  "C3'" . DT  A 1 11 ? -2.565  -17.989 9.020   1.00 21.41 ? 11  DT  B "C3'" 1 
ATOM   217  O  "O3'" . DT  A 1 11 ? -1.353  -18.164 9.759   1.00 22.47 ? 11  DT  B "O3'" 1 
ATOM   218  C  "C2'" . DT  A 1 11 ? -3.564  -17.113 9.753   1.00 21.35 ? 11  DT  B "C2'" 1 
ATOM   219  C  "C1'" . DT  A 1 11 ? -3.400  -15.749 9.091   1.00 21.31 ? 11  DT  B "C1'" 1 
ATOM   220  N  N1    . DT  A 1 11 ? -4.622  -14.925 9.205   1.00 19.58 ? 11  DT  B N1    1 
ATOM   221  C  C2    . DT  A 1 11 ? -4.443  -13.651 9.698   1.00 19.58 ? 11  DT  B C2    1 
ATOM   222  O  O2    . DT  A 1 11 ? -3.343  -13.212 10.017  1.00 21.21 ? 11  DT  B O2    1 
ATOM   223  N  N3    . DT  A 1 11 ? -5.577  -12.866 9.791   1.00 19.04 ? 11  DT  B N3    1 
ATOM   224  C  C4    . DT  A 1 11 ? -6.854  -13.229 9.441   1.00 18.46 ? 11  DT  B C4    1 
ATOM   225  O  O4    . DT  A 1 11 ? -7.768  -12.417 9.516   1.00 20.86 ? 11  DT  B O4    1 
ATOM   226  C  C5    . DT  A 1 11 ? -6.956  -14.583 8.937   1.00 18.51 ? 11  DT  B C5    1 
ATOM   227  C  C7    . DT  A 1 11 ? -8.317  -15.106 8.515   1.00 19.25 ? 11  DT  B C7    1 
ATOM   228  C  C6    . DT  A 1 11 ? -5.868  -15.366 8.837   1.00 19.31 ? 11  DT  B C6    1 
ATOM   229  O  "O5'" . DT  B 2 1  ? -10.485 -4.061  14.929  1.00 41.60 ? 51  DT  C "O5'" 1 
ATOM   230  C  "C5'" . DT  B 2 1  ? -10.104 -3.573  16.227  1.00 41.02 ? 51  DT  C "C5'" 1 
ATOM   231  C  "C4'" . DT  B 2 1  ? -8.946  -4.357  16.856  1.00 39.67 ? 51  DT  C "C4'" 1 
ATOM   232  O  "O4'" . DT  B 2 1  ? -9.277  -5.724  17.129  1.00 39.72 ? 51  DT  C "O4'" 1 
ATOM   233  C  "C3'" . DT  B 2 1  ? -7.812  -4.410  15.870  1.00 40.55 ? 51  DT  C "C3'" 1 
ATOM   234  O  "O3'" . DT  B 2 1  ? -7.066  -3.201  16.044  1.00 45.55 ? 51  DT  C "O3'" 1 
ATOM   235  C  "C2'" . DT  B 2 1  ? -7.076  -5.642  16.326  1.00 37.37 ? 51  DT  C "C2'" 1 
ATOM   236  C  "C1'" . DT  B 2 1  ? -8.168  -6.579  16.797  1.00 35.48 ? 51  DT  C "C1'" 1 
ATOM   237  N  N1    . DT  B 2 1  ? -8.606  -7.554  15.756  1.00 30.87 ? 51  DT  C N1    1 
ATOM   238  C  C2    . DT  B 2 1  ? -7.831  -8.692  15.576  1.00 28.26 ? 51  DT  C C2    1 
ATOM   239  O  O2    . DT  B 2 1  ? -6.769  -8.904  16.160  1.00 28.48 ? 51  DT  C O2    1 
ATOM   240  N  N3    . DT  B 2 1  ? -8.311  -9.590  14.653  1.00 26.39 ? 51  DT  C N3    1 
ATOM   241  C  C4    . DT  B 2 1  ? -9.452  -9.465  13.910  1.00 25.87 ? 51  DT  C C4    1 
ATOM   242  O  O4    . DT  B 2 1  ? -9.769  -10.359 13.138  1.00 28.89 ? 51  DT  C O4    1 
ATOM   243  C  C5    . DT  B 2 1  ? -10.194 -8.261  14.143  1.00 24.53 ? 51  DT  C C5    1 
ATOM   244  C  C7    . DT  B 2 1  ? -11.477 -8.004  13.355  1.00 24.99 ? 51  DT  C C7    1 
ATOM   245  C  C6    . DT  B 2 1  ? -9.761  -7.366  15.036  1.00 26.99 ? 51  DT  C C6    1 
ATOM   246  P  P     . DA  B 2 2  ? -6.084  -2.668  14.891  1.00 46.60 ? 52  DA  C P     1 
ATOM   247  O  OP1   . DA  B 2 2  ? -5.494  -1.398  15.366  1.00 48.12 ? 52  DA  C OP1   1 
ATOM   248  O  OP2   . DA  B 2 2  ? -6.798  -2.738  13.590  1.00 46.58 ? 52  DA  C OP2   1 
ATOM   249  O  "O5'" . DA  B 2 2  ? -4.970  -3.806  14.900  1.00 43.75 ? 52  DA  C "O5'" 1 
ATOM   250  C  "C5'" . DA  B 2 2  ? -4.013  -3.988  15.941  1.00 41.21 ? 52  DA  C "C5'" 1 
ATOM   251  C  "C4'" . DA  B 2 2  ? -2.968  -4.952  15.441  1.00 40.83 ? 52  DA  C "C4'" 1 
ATOM   252  O  "O4'" . DA  B 2 2  ? -3.532  -6.246  15.147  1.00 38.75 ? 52  DA  C "O4'" 1 
ATOM   253  C  "C3'" . DA  B 2 2  ? -2.428  -4.384  14.134  1.00 41.41 ? 52  DA  C "C3'" 1 
ATOM   254  O  "O3'" . DA  B 2 2  ? -1.008  -4.332  14.142  1.00 44.38 ? 52  DA  C "O3'" 1 
ATOM   255  C  "C2'" . DA  B 2 2  ? -2.885  -5.340  13.076  1.00 39.48 ? 52  DA  C "C2'" 1 
ATOM   256  C  "C1'" . DA  B 2 2  ? -3.256  -6.612  13.785  1.00 36.78 ? 52  DA  C "C1'" 1 
ATOM   257  N  N9    . DA  B 2 2  ? -4.447  -7.148  13.114  1.00 33.25 ? 52  DA  C N9    1 
ATOM   258  C  C8    . DA  B 2 2  ? -5.685  -6.583  12.980  1.00 30.33 ? 52  DA  C C8    1 
ATOM   259  N  N7    . DA  B 2 2  ? -6.537  -7.323  12.334  1.00 30.09 ? 52  DA  C N7    1 
ATOM   260  C  C5    . DA  B 2 2  ? -5.809  -8.460  12.016  1.00 28.28 ? 52  DA  C C5    1 
ATOM   261  C  C6    . DA  B 2 2  ? -6.146  -9.627  11.332  1.00 26.36 ? 52  DA  C C6    1 
ATOM   262  N  N6    . DA  B 2 2  ? -7.371  -9.863  10.874  1.00 24.89 ? 52  DA  C N6    1 
ATOM   263  N  N1    . DA  B 2 2  ? -5.178  -10.541 11.186  1.00 24.77 ? 52  DA  C N1    1 
ATOM   264  C  C2    . DA  B 2 2  ? -3.970  -10.323 11.687  1.00 26.04 ? 52  DA  C C2    1 
ATOM   265  N  N3    . DA  B 2 2  ? -3.529  -9.275  12.357  1.00 28.51 ? 52  DA  C N3    1 
ATOM   266  C  C4    . DA  B 2 2  ? -4.527  -8.365  12.484  1.00 30.09 ? 52  DA  C C4    1 
ATOM   267  P  P     . DC  B 2 3  ? -0.225  -3.534  12.977  1.00 43.20 ? 53  DC  C P     1 
ATOM   268  O  OP1   . DC  B 2 3  ? 0.838   -2.754  13.653  1.00 44.08 ? 53  DC  C OP1   1 
ATOM   269  O  OP2   . DC  B 2 3  ? -1.184  -2.865  12.055  1.00 42.92 ? 53  DC  C OP2   1 
ATOM   270  O  "O5'" . DC  B 2 3  ? 0.413   -4.796  12.203  1.00 40.42 ? 53  DC  C "O5'" 1 
ATOM   271  C  "C5'" . DC  B 2 3  ? 1.160   -5.798  12.916  1.00 35.07 ? 53  DC  C "C5'" 1 
ATOM   272  C  "C4'" . DC  B 2 3  ? 1.500   -7.012  12.042  1.00 32.61 ? 53  DC  C "C4'" 1 
ATOM   273  O  "O4'" . DC  B 2 3  ? 0.310   -7.717  11.590  1.00 30.11 ? 53  DC  C "O4'" 1 
ATOM   274  C  "C3'" . DC  B 2 3  ? 2.245   -6.516  10.799  1.00 31.07 ? 53  DC  C "C3'" 1 
ATOM   275  O  "O3'" . DC  B 2 3  ? 3.373   -7.374  10.540  1.00 29.93 ? 53  DC  C "O3'" 1 
ATOM   276  C  "C2'" . DC  B 2 3  ? 1.182   -6.646  9.725   1.00 29.68 ? 53  DC  C "C2'" 1 
ATOM   277  C  "C1'" . DC  B 2 3  ? 0.328   -7.828  10.160  1.00 27.80 ? 53  DC  C "C1'" 1 
ATOM   278  N  N1    . DC  B 2 3  ? -1.073  -7.751  9.675   1.00 25.38 ? 53  DC  C N1    1 
ATOM   279  C  C2    . DC  B 2 3  ? -1.599  -8.850  8.993   1.00 25.44 ? 53  DC  C C2    1 
ATOM   280  O  O2    . DC  B 2 3  ? -0.889  -9.823  8.740   1.00 27.26 ? 53  DC  C O2    1 
ATOM   281  N  N3    . DC  B 2 3  ? -2.905  -8.811  8.608   1.00 22.86 ? 53  DC  C N3    1 
ATOM   282  C  C4    . DC  B 2 3  ? -3.671  -7.749  8.871   1.00 21.44 ? 53  DC  C C4    1 
ATOM   283  N  N4    . DC  B 2 3  ? -4.946  -7.739  8.499   1.00 21.28 ? 53  DC  C N4    1 
ATOM   284  C  C5    . DC  B 2 3  ? -3.141  -6.617  9.561   1.00 22.10 ? 53  DC  C C5    1 
ATOM   285  C  C6    . DC  B 2 3  ? -1.848  -6.664  9.939   1.00 22.64 ? 53  DC  C C6    1 
ATOM   286  P  P     . DG  B 2 4  ? 4.542   -6.902  9.546   1.00 29.69 ? 54  DG  C P     1 
ATOM   287  O  OP1   . DG  B 2 4  ? 5.794   -7.597  9.914   1.00 29.65 ? 54  DG  C OP1   1 
ATOM   288  O  OP2   . DG  B 2 4  ? 4.525   -5.427  9.436   1.00 27.81 ? 54  DG  C OP2   1 
ATOM   289  O  "O5'" . DG  B 2 4  ? 3.976   -7.510  8.179   1.00 29.04 ? 54  DG  C "O5'" 1 
ATOM   290  C  "C5'" . DG  B 2 4  ? 4.030   -8.908  7.906   1.00 27.40 ? 54  DG  C "C5'" 1 
ATOM   291  C  "C4'" . DG  B 2 4  ? 3.313   -9.214  6.613   1.00 28.09 ? 54  DG  C "C4'" 1 
ATOM   292  O  "O4'" . DG  B 2 4  ? 1.904   -8.913  6.707   1.00 26.98 ? 54  DG  C "O4'" 1 
ATOM   293  C  "C3'" . DG  B 2 4  ? 3.865   -8.338  5.506   1.00 28.25 ? 54  DG  C "C3'" 1 
ATOM   294  O  "O3'" . DG  B 2 4  ? 4.061   -9.175  4.382   1.00 32.91 ? 54  DG  C "O3'" 1 
ATOM   295  C  "C2'" . DG  B 2 4  ? 2.714   -7.381  5.256   1.00 26.58 ? 54  DG  C "C2'" 1 
ATOM   296  C  "C1'" . DG  B 2 4  ? 1.518   -8.262  5.506   1.00 24.63 ? 54  DG  C "C1'" 1 
ATOM   297  N  N9    . DG  B 2 4  ? 0.275   -7.523  5.752   1.00 20.94 ? 54  DG  C N9    1 
ATOM   298  C  C8    . DG  B 2 4  ? 0.099   -6.295  6.322   1.00 22.16 ? 54  DG  C C8    1 
ATOM   299  N  N7    . DG  B 2 4  ? -1.137  -5.911  6.360   1.00 21.43 ? 54  DG  C N7    1 
ATOM   300  C  C5    . DG  B 2 4  ? -1.830  -6.963  5.769   1.00 19.94 ? 54  DG  C C5    1 
ATOM   301  C  C6    . DG  B 2 4  ? -3.215  -7.106  5.519   1.00 19.69 ? 54  DG  C C6    1 
ATOM   302  O  O6    . DG  B 2 4  ? -4.093  -6.290  5.777   1.00 21.51 ? 54  DG  C O6    1 
ATOM   303  N  N1    . DG  B 2 4  ? -3.525  -8.308  4.899   1.00 18.02 ? 54  DG  C N1    1 
ATOM   304  C  C2    . DG  B 2 4  ? -2.592  -9.270  4.558   1.00 19.29 ? 54  DG  C C2    1 
ATOM   305  N  N2    . DG  B 2 4  ? -3.039  -10.373 3.950   1.00 19.87 ? 54  DG  C N2    1 
ATOM   306  N  N3    . DG  B 2 4  ? -1.281  -9.133  4.794   1.00 19.53 ? 54  DG  C N3    1 
ATOM   307  C  C4    . DG  B 2 4  ? -0.974  -7.956  5.400   1.00 19.98 ? 54  DG  C C4    1 
ATOM   308  P  P     . DC  B 2 5  ? 5.487   -9.278  3.672   1.00 32.28 ? 55  DC  C P     1 
ATOM   309  O  OP1   . DC  B 2 5  ? 6.372   -10.114 4.514   1.00 35.01 ? 55  DC  C OP1   1 
ATOM   310  O  OP2   . DC  B 2 5  ? 5.885   -7.914  3.275   1.00 32.40 ? 55  DC  C OP2   1 
ATOM   311  O  "O5'" . DC  B 2 5  ? 5.029   -10.136 2.400   1.00 31.79 ? 55  DC  C "O5'" 1 
ATOM   312  C  "C5'" . DC  B 2 5  ? 4.260   -9.577  1.339   1.00 30.27 ? 55  DC  C "C5'" 1 
ATOM   313  C  "C4'" . DC  B 2 5  ? 2.965   -10.350 1.072   1.00 29.91 ? 55  DC  C "C4'" 1 
ATOM   314  O  "O4'" . DC  B 2 5  ? 1.924   -10.095 2.041   1.00 26.78 ? 55  DC  C "O4'" 1 
ATOM   315  C  "C3'" . DC  B 2 5  ? 2.445   -9.884  -0.281  1.00 28.30 ? 55  DC  C "C3'" 1 
ATOM   316  O  "O3'" . DC  B 2 5  ? 3.159   -10.647 -1.250  1.00 30.82 ? 55  DC  C "O3'" 1 
ATOM   317  C  "C2'" . DC  B 2 5  ? 1.007   -10.270 -0.168  1.00 26.48 ? 55  DC  C "C2'" 1 
ATOM   318  C  "C1'" . DC  B 2 5  ? 0.683   -10.045 1.302   1.00 25.57 ? 55  DC  C "C1'" 1 
ATOM   319  N  N1    . DC  B 2 5  ? 0.005   -8.730  1.538   1.00 22.25 ? 55  DC  C N1    1 
ATOM   320  C  C2    . DC  B 2 5  ? -1.372  -8.713  1.427   1.00 22.38 ? 55  DC  C C2    1 
ATOM   321  O  O2    . DC  B 2 5  ? -1.980  -9.687  0.984   1.00 23.65 ? 55  DC  C O2    1 
ATOM   322  N  N3    . DC  B 2 5  ? -2.041  -7.580  1.775   1.00 20.47 ? 55  DC  C N3    1 
ATOM   323  C  C4    . DC  B 2 5  ? -1.397  -6.498  2.205   1.00 19.18 ? 55  DC  C C4    1 
ATOM   324  N  N4    . DC  B 2 5  ? -2.118  -5.442  2.577   1.00 18.15 ? 55  DC  C N4    1 
ATOM   325  C  C5    . DC  B 2 5  ? 0.036   -6.481  2.309   1.00 19.47 ? 55  DC  C C5    1 
ATOM   326  C  C6    . DC  B 2 5  ? 0.686   -7.614  1.965   1.00 21.35 ? 55  DC  C C6    1 
ATOM   327  P  P     . DC  B 2 6  ? 3.437   -10.185 -2.767  1.00 30.29 ? 56  DC  C P     1 
ATOM   328  O  OP1   . DC  B 2 6  ? 4.400   -11.159 -3.332  1.00 30.74 ? 56  DC  C OP1   1 
ATOM   329  O  OP2   . DC  B 2 6  ? 3.723   -8.733  -2.797  1.00 28.51 ? 56  DC  C OP2   1 
ATOM   330  O  "O5'" . DC  B 2 6  ? 2.011   -10.409 -3.441  1.00 28.68 ? 56  DC  C "O5'" 1 
ATOM   331  C  "C5'" . DC  B 2 6  ? 1.324   -11.671 -3.481  1.00 27.83 ? 56  DC  C "C5'" 1 
ATOM   332  C  "C4'" . DC  B 2 6  ? -0.136  -11.501 -3.934  1.00 27.33 ? 56  DC  C "C4'" 1 
ATOM   333  O  "O4'" . DC  B 2 6  ? -0.849  -10.623 -3.029  1.00 25.61 ? 56  DC  C "O4'" 1 
ATOM   334  C  "C3'" . DC  B 2 6  ? -0.175  -10.866 -5.317  1.00 26.94 ? 56  DC  C "C3'" 1 
ATOM   335  O  "O3'" . DC  B 2 6  ? -1.223  -11.477 -6.084  1.00 30.66 ? 56  DC  C "O3'" 1 
ATOM   336  C  "C2'" . DC  B 2 6  ? -0.510  -9.415  -4.969  1.00 25.38 ? 56  DC  C "C2'" 1 
ATOM   337  C  "C1'" . DC  B 2 6  ? -1.420  -9.509  -3.752  1.00 24.51 ? 56  DC  C "C1'" 1 
ATOM   338  N  N1    . DC  B 2 6  ? -1.366  -8.269  -2.922  1.00 20.99 ? 56  DC  C N1    1 
ATOM   339  C  C2    . DC  B 2 6  ? -2.559  -7.608  -2.590  1.00 23.18 ? 56  DC  C C2    1 
ATOM   340  O  O2    . DC  B 2 6  ? -3.672  -7.995  -2.963  1.00 23.00 ? 56  DC  C O2    1 
ATOM   341  N  N3    . DC  B 2 6  ? -2.464  -6.494  -1.817  1.00 21.33 ? 56  DC  C N3    1 
ATOM   342  C  C4    . DC  B 2 6  ? -1.298  -6.038  -1.385  1.00 19.02 ? 56  DC  C C4    1 
ATOM   343  N  N4    . DC  B 2 6  ? -1.276  -4.932  -0.655  1.00 20.84 ? 56  DC  C N4    1 
ATOM   344  C  C5    . DC  B 2 6  ? -0.079  -6.695  -1.711  1.00 19.26 ? 56  DC  C C5    1 
ATOM   345  C  C6    . DC  B 2 6  ? -0.172  -7.797  -2.478  1.00 19.97 ? 56  DC  C C6    1 
ATOM   346  P  P     . DC  B 2 7  ? -1.339  -11.257 -7.706  1.00 34.22 ? 57  DC  C P     1 
ATOM   347  O  OP1   . DC  B 2 7  ? -2.119  -12.381 -8.286  1.00 34.03 ? 57  DC  C OP1   1 
ATOM   348  O  OP2   . DC  B 2 7  ? 0.015   -10.945 -8.219  1.00 34.06 ? 57  DC  C OP2   1 
ATOM   349  O  "O5'" . DC  B 2 7  ? -2.236  -9.917  -7.819  1.00 31.98 ? 57  DC  C "O5'" 1 
ATOM   350  C  "C5'" . DC  B 2 7  ? -3.625  -9.988  -7.479  1.00 31.97 ? 57  DC  C "C5'" 1 
ATOM   351  C  "C4'" . DC  B 2 7  ? -4.225  -8.624  -7.304  1.00 32.54 ? 57  DC  C "C4'" 1 
ATOM   352  O  "O4'" . DC  B 2 7  ? -3.587  -7.935  -6.231  1.00 31.03 ? 57  DC  C "O4'" 1 
ATOM   353  C  "C3'" . DC  B 2 7  ? -3.956  -7.777  -8.538  1.00 33.99 ? 57  DC  C "C3'" 1 
ATOM   354  O  "O3'" . DC  B 2 7  ? -5.137  -7.629  -9.328  1.00 38.13 ? 57  DC  C "O3'" 1 
ATOM   355  C  "C2'" . DC  B 2 7  ? -3.577  -6.438  -7.957  1.00 30.58 ? 57  DC  C "C2'" 1 
ATOM   356  C  "C1'" . DC  B 2 7  ? -3.854  -6.562  -6.491  1.00 28.73 ? 57  DC  C "C1'" 1 
ATOM   357  N  N1    . DC  B 2 7  ? -2.964  -5.660  -5.715  1.00 26.22 ? 57  DC  C N1    1 
ATOM   358  C  C2    . DC  B 2 7  ? -3.577  -4.608  -5.053  1.00 24.56 ? 57  DC  C C2    1 
ATOM   359  O  O2    . DC  B 2 7  ? -4.795  -4.441  -5.145  1.00 26.17 ? 57  DC  C O2    1 
ATOM   360  N  N3    . DC  B 2 7  ? -2.792  -3.773  -4.323  1.00 22.42 ? 57  DC  C N3    1 
ATOM   361  C  C4    . DC  B 2 7  ? -1.468  -3.959  -4.249  1.00 20.64 ? 57  DC  C C4    1 
ATOM   362  N  N4    . DC  B 2 7  ? -0.738  -3.120  -3.525  1.00 18.80 ? 57  DC  C N4    1 
ATOM   363  C  C5    . DC  B 2 7  ? -0.825  -5.036  -4.931  1.00 21.68 ? 57  DC  C C5    1 
ATOM   364  C  C6    . DC  B 2 7  ? -1.614  -5.855  -5.646  1.00 23.39 ? 57  DC  C C6    1 
ATOM   365  P  P     . DA  B 2 8  ? -4.952  -7.031  -10.825 1.00 41.62 ? 58  DA  C P     1 
ATOM   366  O  OP1   . DA  B 2 8  ? -5.257  -8.142  -11.746 1.00 42.76 ? 58  DA  C OP1   1 
ATOM   367  O  OP2   . DA  B 2 8  ? -3.657  -6.319  -10.967 1.00 40.25 ? 58  DA  C OP2   1 
ATOM   368  O  "O5'" . DA  B 2 8  ? -6.116  -5.965  -10.995 1.00 40.59 ? 58  DA  C "O5'" 1 
ATOM   369  C  "C5'" . DA  B 2 8  ? -6.942  -5.421  -9.978  1.00 40.96 ? 58  DA  C "C5'" 1 
ATOM   370  C  "C4'" . DA  B 2 8  ? -6.571  -3.969  -9.656  1.00 40.60 ? 58  DA  C "C4'" 1 
ATOM   371  O  "O4'" . DA  B 2 8  ? -5.457  -3.867  -8.782  1.00 38.67 ? 58  DA  C "O4'" 1 
ATOM   372  C  "C3'" . DA  B 2 8  ? -6.091  -3.246  -10.905 1.00 40.30 ? 58  DA  C "C3'" 1 
ATOM   373  O  "O3'" . DA  B 2 8  ? -7.275  -2.848  -11.602 1.00 43.34 ? 58  DA  C "O3'" 1 
ATOM   374  C  "C2'" . DA  B 2 8  ? -5.286  -2.109  -10.303 1.00 37.89 ? 58  DA  C "C2'" 1 
ATOM   375  C  "C1'" . DA  B 2 8  ? -5.152  -2.465  -8.830  1.00 35.54 ? 58  DA  C "C1'" 1 
ATOM   376  N  N9    . DA  B 2 8  ? -3.788  -2.273  -8.292  1.00 29.89 ? 58  DA  C N9    1 
ATOM   377  C  C8    . DA  B 2 8  ? -2.630  -2.924  -8.614  1.00 27.94 ? 58  DA  C C8    1 
ATOM   378  N  N7    . DA  B 2 8  ? -1.600  -2.554  -7.920  1.00 25.40 ? 58  DA  C N7    1 
ATOM   379  C  C5    . DA  B 2 8  ? -2.108  -1.582  -7.075  1.00 24.12 ? 58  DA  C C5    1 
ATOM   380  C  C6    . DA  B 2 8  ? -1.517  -0.786  -6.091  1.00 22.57 ? 58  DA  C C6    1 
ATOM   381  N  N6    . DA  B 2 8  ? -0.229  -0.850  -5.772  1.00 21.17 ? 58  DA  C N6    1 
ATOM   382  N  N1    . DA  B 2 8  ? -2.311  0.074   -5.455  1.00 22.51 ? 58  DA  C N1    1 
ATOM   383  C  C2    . DA  B 2 8  ? -3.590  0.144   -5.767  1.00 22.62 ? 58  DA  C C2    1 
ATOM   384  N  N3    . DA  B 2 8  ? -4.264  -0.541  -6.663  1.00 24.40 ? 58  DA  C N3    1 
ATOM   385  C  C4    . DA  B 2 8  ? -3.443  -1.403  -7.293  1.00 26.05 ? 58  DA  C C4    1 
ATOM   386  P  P     . DC  B 2 9  ? -7.313  -1.793  -12.810 1.00 44.85 ? 59  DC  C P     1 
ATOM   387  O  OP1   . DC  B 2 9  ? -8.642  -1.905  -13.452 1.00 46.81 ? 59  DC  C OP1   1 
ATOM   388  O  OP2   . DC  B 2 9  ? -6.085  -1.943  -13.618 1.00 44.40 ? 59  DC  C OP2   1 
ATOM   389  O  "O5'" . DC  B 2 9  ? -7.226  -0.377  -12.039 1.00 43.03 ? 59  DC  C "O5'" 1 
ATOM   390  C  "C5'" . DC  B 2 9  ? -8.251  0.105   -11.166 1.00 40.40 ? 59  DC  C "C5'" 1 
ATOM   391  C  "C4'" . DC  B 2 9  ? -7.834  1.431   -10.506 1.00 38.99 ? 59  DC  C "C4'" 1 
ATOM   392  O  "O4'" . DC  B 2 9  ? -6.635  1.264   -9.719  1.00 37.21 ? 59  DC  C "O4'" 1 
ATOM   393  C  "C3'" . DC  B 2 9  ? -7.523  2.479   -11.571 1.00 38.13 ? 59  DC  C "C3'" 1 
ATOM   394  O  "O3'" . DC  B 2 9  ? -8.306  3.629   -11.275 1.00 40.56 ? 59  DC  C "O3'" 1 
ATOM   395  C  "C2'" . DC  B 2 9  ? -6.045  2.747   -11.379 1.00 36.48 ? 59  DC  C "C2'" 1 
ATOM   396  C  "C1'" . DC  B 2 9  ? -5.775  2.394   -9.930  1.00 34.10 ? 59  DC  C "C1'" 1 
ATOM   397  N  N1    . DC  B 2 9  ? -4.345  2.013   -9.706  1.00 30.09 ? 59  DC  C N1    1 
ATOM   398  C  C2    . DC  B 2 9  ? -3.626  2.703   -8.732  1.00 27.56 ? 59  DC  C C2    1 
ATOM   399  O  O2    . DC  B 2 9  ? -4.135  3.627   -8.100  1.00 27.23 ? 59  DC  C O2    1 
ATOM   400  N  N3    . DC  B 2 9  ? -2.334  2.340   -8.516  1.00 23.79 ? 59  DC  C N3    1 
ATOM   401  C  C4    . DC  B 2 9  ? -1.752  1.355   -9.213  1.00 23.41 ? 59  DC  C C4    1 
ATOM   402  N  N4    . DC  B 2 9  ? -0.488  1.021   -8.954  1.00 20.34 ? 59  DC  C N4    1 
ATOM   403  C  C5    . DC  B 2 9  ? -2.472  0.641   -10.220 1.00 24.98 ? 59  DC  C C5    1 
ATOM   404  C  C6    . DC  B 2 9  ? -3.755  1.006   -10.426 1.00 28.20 ? 59  DC  C C6    1 
ATOM   405  P  P     . DG  B 2 10 ? -8.530  4.875   -12.288 1.00 41.76 ? 60  DG  C P     1 
ATOM   406  O  OP1   . DG  B 2 10 ? -9.878  5.414   -12.003 1.00 41.42 ? 60  DG  C OP1   1 
ATOM   407  O  OP2   . DG  B 2 10 ? -8.153  4.470   -13.665 1.00 41.36 ? 60  DG  C OP2   1 
ATOM   408  O  "O5'" . DG  B 2 10 ? -7.439  5.930   -11.755 1.00 39.57 ? 60  DG  C "O5'" 1 
ATOM   409  C  "C5'" . DG  B 2 10 ? -7.614  6.613   -10.508 1.00 39.59 ? 60  DG  C "C5'" 1 
ATOM   410  C  "C4'" . DG  B 2 10 ? -6.345  7.339   -10.082 1.00 39.92 ? 60  DG  C "C4'" 1 
ATOM   411  O  "O4'" . DG  B 2 10 ? -5.267  6.413   -9.848  1.00 38.05 ? 60  DG  C "O4'" 1 
ATOM   412  C  "C3'" . DG  B 2 10 ? -5.910  8.282   -11.211 1.00 40.49 ? 60  DG  C "C3'" 1 
ATOM   413  O  "O3'" . DG  B 2 10 ? -6.039  9.634   -10.752 1.00 44.10 ? 60  DG  C "O3'" 1 
ATOM   414  C  "C2'" . DG  B 2 10 ? -4.461  7.915   -11.460 1.00 37.70 ? 60  DG  C "C2'" 1 
ATOM   415  C  "C1'" . DG  B 2 10 ? -4.058  7.039   -10.292 1.00 35.32 ? 60  DG  C "C1'" 1 
ATOM   416  N  N9    . DG  B 2 10 ? -3.106  5.983   -10.696 1.00 31.13 ? 60  DG  C N9    1 
ATOM   417  C  C8    . DG  B 2 10 ? -3.245  4.984   -11.624 1.00 29.29 ? 60  DG  C C8    1 
ATOM   418  N  N7    . DG  B 2 10 ? -2.212  4.189   -11.699 1.00 28.16 ? 60  DG  C N7    1 
ATOM   419  C  C5    . DG  B 2 10 ? -1.326  4.700   -10.752 1.00 25.72 ? 60  DG  C C5    1 
ATOM   420  C  C6    . DG  B 2 10 ? -0.029  4.259   -10.381 1.00 23.61 ? 60  DG  C C6    1 
ATOM   421  O  O6    . DG  B 2 10 ? 0.611   3.309   -10.818 1.00 22.26 ? 60  DG  C O6    1 
ATOM   422  N  N1    . DG  B 2 10 ? 0.515   5.064   -9.398  1.00 23.81 ? 60  DG  C N1    1 
ATOM   423  C  C2    . DG  B 2 10 ? -0.103  6.163   -8.833  1.00 24.59 ? 60  DG  C C2    1 
ATOM   424  N  N2    . DG  B 2 10 ? 0.579   6.819   -7.900  1.00 23.78 ? 60  DG  C N2    1 
ATOM   425  N  N3    . DG  B 2 10 ? -1.325  6.580   -9.180  1.00 26.69 ? 60  DG  C N3    1 
ATOM   426  C  C4    . DG  B 2 10 ? -1.870  5.800   -10.141 1.00 27.43 ? 60  DG  C C4    1 
ATOM   427  P  P     . DC  B 2 11 ? -5.993  10.871  -11.791 1.00 46.22 ? 61  DC  C P     1 
ATOM   428  O  OP1   . DC  B 2 11 ? -6.785  11.975  -11.202 1.00 48.49 ? 61  DC  C OP1   1 
ATOM   429  O  OP2   . DC  B 2 11 ? -6.309  10.378  -13.152 1.00 46.05 ? 61  DC  C OP2   1 
ATOM   430  O  "O5'" . DC  B 2 11 ? -4.441  11.300  -11.763 1.00 43.86 ? 61  DC  C "O5'" 1 
ATOM   431  C  "C5'" . DC  B 2 11 ? -3.955  11.894  -10.567 1.00 39.03 ? 61  DC  C "C5'" 1 
ATOM   432  C  "C4'" . DC  B 2 11 ? -2.446  11.851  -10.492 1.00 36.70 ? 61  DC  C "C4'" 1 
ATOM   433  O  "O4'" . DC  B 2 11 ? -2.005  10.502  -10.673 1.00 33.71 ? 61  DC  C "O4'" 1 
ATOM   434  C  "C3'" . DC  B 2 11 ? -1.804  12.697  -11.578 1.00 35.76 ? 61  DC  C "C3'" 1 
ATOM   435  O  "O3'" . DC  B 2 11 ? -0.975  13.663  -10.929 1.00 38.15 ? 61  DC  C "O3'" 1 
ATOM   436  C  "C2'" . DC  B 2 11 ? -0.966  11.670  -12.337 1.00 34.25 ? 61  DC  C "C2'" 1 
ATOM   437  C  "C1'" . DC  B 2 11 ? -0.742  10.587  -11.316 1.00 31.47 ? 61  DC  C "C1'" 1 
ATOM   438  N  N1    . DC  B 2 11 ? -0.429  9.257   -11.879 1.00 28.43 ? 61  DC  C N1    1 
ATOM   439  C  C2    . DC  B 2 11 ? 0.711   8.641   -11.410 1.00 26.20 ? 61  DC  C C2    1 
ATOM   440  O  O2    . DC  B 2 11 ? 1.416   9.192   -10.578 1.00 26.56 ? 61  DC  C O2    1 
ATOM   441  N  N3    . DC  B 2 11 ? 1.035   7.421   -11.894 1.00 24.73 ? 61  DC  C N3    1 
ATOM   442  C  C4    . DC  B 2 11 ? 0.275   6.824   -12.801 1.00 23.92 ? 61  DC  C C4    1 
ATOM   443  N  N4    . DC  B 2 11 ? 0.627   5.617   -13.246 1.00 25.45 ? 61  DC  C N4    1 
ATOM   444  C  C5    . DC  B 2 11 ? -0.915  7.444   -13.300 1.00 25.48 ? 61  DC  C C5    1 
ATOM   445  C  C6    . DC  B 2 11 ? -1.221  8.659   -12.806 1.00 25.21 ? 61  DC  C C6    1 
ATOM   446  N  N     . ARG C 3 3  ? -21.694 -8.464  3.158   1.00 49.94 ? 103 ARG A N     1 
ATOM   447  C  CA    . ARG C 3 3  ? -20.974 -7.313  3.691   1.00 48.76 ? 103 ARG A CA    1 
ATOM   448  C  C     . ARG C 3 3  ? -21.798 -6.592  4.760   1.00 47.07 ? 103 ARG A C     1 
ATOM   449  O  O     . ARG C 3 3  ? -22.516 -5.635  4.465   1.00 49.34 ? 103 ARG A O     1 
ATOM   450  C  CB    . ARG C 3 3  ? -20.582 -6.367  2.556   1.00 49.32 ? 103 ARG A CB    1 
ATOM   451  C  CG    . ARG C 3 3  ? -19.544 -6.967  1.630   1.00 51.09 ? 103 ARG A CG    1 
ATOM   452  C  CD    . ARG C 3 3  ? -19.331 -6.122  0.396   1.00 53.52 ? 103 ARG A CD    1 
ATOM   453  N  NE    . ARG C 3 3  ? -18.302 -6.695  -0.471  1.00 54.53 ? 103 ARG A NE    1 
ATOM   454  C  CZ    . ARG C 3 3  ? -17.147 -6.098  -0.751  1.00 55.24 ? 103 ARG A CZ    1 
ATOM   455  N  NH1   . ARG C 3 3  ? -16.872 -4.906  -0.231  1.00 55.62 ? 103 ARG A NH1   1 
ATOM   456  N  NH2   . ARG C 3 3  ? -16.265 -6.692  -1.547  1.00 55.64 ? 103 ARG A NH2   1 
ATOM   457  N  N     . PRO C 3 4  ? -21.720 -7.071  6.015   1.00 44.55 ? 104 PRO A N     1 
ATOM   458  C  CA    . PRO C 3 4  ? -22.430 -6.532  7.179   1.00 44.34 ? 104 PRO A CA    1 
ATOM   459  C  C     . PRO C 3 4  ? -21.878 -5.244  7.811   1.00 43.85 ? 104 PRO A C     1 
ATOM   460  O  O     . PRO C 3 4  ? -22.440 -4.743  8.792   1.00 44.20 ? 104 PRO A O     1 
ATOM   461  C  CB    A PRO C 3 4  ? -22.386 -7.697  8.164   0.50 44.41 ? 104 PRO A CB    1 
ATOM   462  C  CB    B PRO C 3 4  ? -22.348 -7.683  8.194   0.50 44.90 ? 104 PRO A CB    1 
ATOM   463  C  CG    A PRO C 3 4  ? -21.067 -8.318  7.869   0.50 43.57 ? 104 PRO A CG    1 
ATOM   464  C  CG    B PRO C 3 4  ? -21.987 -8.896  7.363   0.50 45.01 ? 104 PRO A CG    1 
ATOM   465  C  CD    A PRO C 3 4  ? -21.027 -8.327  6.365   0.50 43.86 ? 104 PRO A CD    1 
ATOM   466  C  CD    B PRO C 3 4  ? -21.036 -8.323  6.375   0.50 44.59 ? 104 PRO A CD    1 
ATOM   467  N  N     . TYR C 3 5  ? -20.779 -4.718  7.281   1.00 40.71 ? 105 TYR A N     1 
ATOM   468  C  CA    . TYR C 3 5  ? -20.205 -3.510  7.852   1.00 38.76 ? 105 TYR A CA    1 
ATOM   469  C  C     . TYR C 3 5  ? -20.210 -2.327  6.888   1.00 38.51 ? 105 TYR A C     1 
ATOM   470  O  O     . TYR C 3 5  ? -19.364 -2.234  6.001   1.00 40.45 ? 105 TYR A O     1 
ATOM   471  C  CB    . TYR C 3 5  ? -18.786 -3.789  8.358   1.00 39.65 ? 105 TYR A CB    1 
ATOM   472  C  CG    . TYR C 3 5  ? -18.706 -4.921  9.362   1.00 40.20 ? 105 TYR A CG    1 
ATOM   473  C  CD1   . TYR C 3 5  ? -18.586 -6.245  8.940   1.00 39.30 ? 105 TYR A CD1   1 
ATOM   474  C  CD2   . TYR C 3 5  ? -18.764 -4.672  10.733  1.00 39.46 ? 105 TYR A CD2   1 
ATOM   475  C  CE1   . TYR C 3 5  ? -18.529 -7.292  9.853   1.00 40.21 ? 105 TYR A CE1   1 
ATOM   476  C  CE2   . TYR C 3 5  ? -18.708 -5.713  11.655  1.00 39.97 ? 105 TYR A CE2   1 
ATOM   477  C  CZ    . TYR C 3 5  ? -18.590 -7.023  11.208  1.00 40.06 ? 105 TYR A CZ    1 
ATOM   478  O  OH    . TYR C 3 5  ? -18.526 -8.059  12.115  1.00 40.20 ? 105 TYR A OH    1 
ATOM   479  N  N     . ALA C 3 6  ? -21.175 -1.428  7.059   1.00 34.88 ? 106 ALA A N     1 
ATOM   480  C  CA    . ALA C 3 6  ? -21.276 -0.252  6.208   1.00 34.21 ? 106 ALA A CA    1 
ATOM   481  C  C     . ALA C 3 6  ? -20.584 0.943   6.848   1.00 33.49 ? 106 ALA A C     1 
ATOM   482  O  O     . ALA C 3 6  ? -20.576 1.083   8.071   1.00 33.33 ? 106 ALA A O     1 
ATOM   483  C  CB    . ALA C 3 6  ? -22.729 0.082   5.951   1.00 34.80 ? 106 ALA A CB    1 
ATOM   484  N  N     . CYS C 3 7  ? -20.011 1.811   6.021   1.00 32.20 ? 107 CYS A N     1 
ATOM   485  C  CA    . CYS C 3 7  ? -19.347 2.994   6.536   1.00 31.83 ? 107 CYS A CA    1 
ATOM   486  C  C     . CYS C 3 7  ? -20.447 3.967   6.969   1.00 33.44 ? 107 CYS A C     1 
ATOM   487  O  O     . CYS C 3 7  ? -21.388 4.220   6.215   1.00 33.13 ? 107 CYS A O     1 
ATOM   488  C  CB    . CYS C 3 7  ? -18.473 3.632   5.464   1.00 31.46 ? 107 CYS A CB    1 
ATOM   489  S  SG    . CYS C 3 7  ? -17.638 5.098   6.056   1.00 30.16 ? 107 CYS A SG    1 
ATOM   490  N  N     . PRO C 3 8  ? -20.359 4.489   8.207   1.00 33.09 ? 108 PRO A N     1 
ATOM   491  C  CA    . PRO C 3 8  ? -21.318 5.431   8.794   1.00 32.48 ? 108 PRO A CA    1 
ATOM   492  C  C     . PRO C 3 8  ? -21.310 6.860   8.254   1.00 32.80 ? 108 PRO A C     1 
ATOM   493  O  O     . PRO C 3 8  ? -22.232 7.624   8.522   1.00 31.99 ? 108 PRO A O     1 
ATOM   494  C  CB    . PRO C 3 8  ? -20.949 5.397   10.270  1.00 32.96 ? 108 PRO A CB    1 
ATOM   495  C  CG    . PRO C 3 8  ? -19.470 5.193   10.221  1.00 32.82 ? 108 PRO A CG    1 
ATOM   496  C  CD    . PRO C 3 8  ? -19.350 4.096   9.208   1.00 31.90 ? 108 PRO A CD    1 
ATOM   497  N  N     . VAL C 3 9  ? -20.256 7.250   7.549   1.00 34.72 ? 109 VAL A N     1 
ATOM   498  C  CA    . VAL C 3 9  ? -20.206 8.599   6.987   1.00 39.11 ? 109 VAL A CA    1 
ATOM   499  C  C     . VAL C 3 9  ? -21.267 8.680   5.889   1.00 42.04 ? 109 VAL A C     1 
ATOM   500  O  O     . VAL C 3 9  ? -21.220 7.930   4.909   1.00 42.02 ? 109 VAL A O     1 
ATOM   501  C  CB    . VAL C 3 9  ? -18.810 8.916   6.421   1.00 40.43 ? 109 VAL A CB    1 
ATOM   502  C  CG1   . VAL C 3 9  ? -18.785 10.318  5.801   1.00 39.40 ? 109 VAL A CG1   1 
ATOM   503  C  CG2   . VAL C 3 9  ? -17.774 8.804   7.538   1.00 41.21 ? 109 VAL A CG2   1 
ATOM   504  N  N     . GLU C 3 10 ? -22.247 9.564   6.081   1.00 45.36 ? 110 GLU A N     1 
ATOM   505  C  CA    . GLU C 3 10 ? -23.354 9.713   5.137   1.00 47.53 ? 110 GLU A CA    1 
ATOM   506  C  C     . GLU C 3 10 ? -22.960 9.913   3.672   1.00 48.31 ? 110 GLU A C     1 
ATOM   507  O  O     . GLU C 3 10 ? -23.641 9.415   2.771   1.00 49.29 ? 110 GLU A O     1 
ATOM   508  C  CB    . GLU C 3 10 ? -24.325 10.823  5.592   1.00 49.19 ? 110 GLU A CB    1 
ATOM   509  C  CG    . GLU C 3 10 ? -23.772 12.252  5.590   1.00 50.98 ? 110 GLU A CG    1 
ATOM   510  C  CD    . GLU C 3 10 ? -23.080 12.627  6.882   1.00 53.06 ? 110 GLU A CD    1 
ATOM   511  O  OE1   . GLU C 3 10 ? -23.775 13.093  7.817   1.00 53.57 ? 110 GLU A OE1   1 
ATOM   512  O  OE2   . GLU C 3 10 ? -21.841 12.472  6.958   1.00 54.22 ? 110 GLU A OE2   1 
ATOM   513  N  N     . SER C 3 11 ? -21.851 10.613  3.442   1.00 48.42 ? 111 SER A N     1 
ATOM   514  C  CA    . SER C 3 11 ? -21.372 10.886  2.087   1.00 49.52 ? 111 SER A CA    1 
ATOM   515  C  C     . SER C 3 11 ? -20.735 9.672   1.411   1.00 49.01 ? 111 SER A C     1 
ATOM   516  O  O     . SER C 3 11 ? -20.600 9.631   0.189   1.00 48.88 ? 111 SER A O     1 
ATOM   517  C  CB    . SER C 3 11 ? -20.375 12.048  2.105   1.00 50.10 ? 111 SER A CB    1 
ATOM   518  O  OG    . SER C 3 11 ? -19.244 11.744  2.905   1.00 50.98 ? 111 SER A OG    1 
ATOM   519  N  N     . CYS C 3 12 ? -20.356 8.685   2.214   1.00 47.58 ? 112 CYS A N     1 
ATOM   520  C  CA    . CYS C 3 12 ? -19.718 7.474   1.715   1.00 47.31 ? 112 CYS A CA    1 
ATOM   521  C  C     . CYS C 3 12 ? -20.644 6.267   1.829   1.00 48.65 ? 112 CYS A C     1 
ATOM   522  O  O     . CYS C 3 12 ? -21.462 6.205   2.742   1.00 50.31 ? 112 CYS A O     1 
ATOM   523  C  CB    . CYS C 3 12 ? -18.440 7.230   2.521   1.00 45.58 ? 112 CYS A CB    1 
ATOM   524  S  SG    . CYS C 3 12 ? -17.619 5.665   2.229   1.00 41.68 ? 112 CYS A SG    1 
ATOM   525  N  N     . ASP C 3 13 ? -20.516 5.312   0.907   1.00 50.02 ? 113 ASP A N     1 
ATOM   526  C  CA    . ASP C 3 13 ? -21.343 4.101   0.942   1.00 51.66 ? 113 ASP A CA    1 
ATOM   527  C  C     . ASP C 3 13 ? -20.577 2.795   0.725   1.00 49.63 ? 113 ASP A C     1 
ATOM   528  O  O     . ASP C 3 13 ? -21.015 1.927   -0.030  1.00 49.16 ? 113 ASP A O     1 
ATOM   529  C  CB    . ASP C 3 13 ? -22.514 4.199   -0.043  1.00 56.26 ? 113 ASP A CB    1 
ATOM   530  C  CG    . ASP C 3 13 ? -23.647 5.062   0.486   1.00 60.90 ? 113 ASP A CG    1 
ATOM   531  O  OD1   . ASP C 3 13 ? -24.475 4.542   1.272   1.00 62.84 ? 113 ASP A OD1   1 
ATOM   532  O  OD2   . ASP C 3 13 ? -23.699 6.263   0.131   1.00 63.20 ? 113 ASP A OD2   1 
ATOM   533  N  N     . ARG C 3 14 ? -19.437 2.661   1.400   1.00 47.50 ? 114 ARG A N     1 
ATOM   534  C  CA    . ARG C 3 14 ? -18.612 1.454   1.309   1.00 46.42 ? 114 ARG A CA    1 
ATOM   535  C  C     . ARG C 3 14 ? -19.064 0.448   2.375   1.00 44.72 ? 114 ARG A C     1 
ATOM   536  O  O     . ARG C 3 14 ? -19.392 0.831   3.501   1.00 44.18 ? 114 ARG A O     1 
ATOM   537  C  CB    . ARG C 3 14 ? -17.132 1.787   1.551   1.00 46.90 ? 114 ARG A CB    1 
ATOM   538  C  CG    . ARG C 3 14 ? -16.538 2.886   0.676   1.00 49.08 ? 114 ARG A CG    1 
ATOM   539  C  CD    . ARG C 3 14 ? -16.306 2.426   -0.742  1.00 51.44 ? 114 ARG A CD    1 
ATOM   540  N  NE    . ARG C 3 14 ? -15.420 1.269   -0.793  1.00 54.10 ? 114 ARG A NE    1 
ATOM   541  C  CZ    . ARG C 3 14 ? -15.462 0.341   -1.747  1.00 56.75 ? 114 ARG A CZ    1 
ATOM   542  N  NH1   . ARG C 3 14 ? -16.343 0.435   -2.736  1.00 58.23 ? 114 ARG A NH1   1 
ATOM   543  N  NH2   . ARG C 3 14 ? -14.641 -0.702  -1.695  1.00 57.09 ? 114 ARG A NH2   1 
ATOM   544  N  N     . ARG C 3 15 ? -19.086 -0.829  2.009   1.00 42.35 ? 115 ARG A N     1 
ATOM   545  C  CA    . ARG C 3 15 ? -19.466 -1.909  2.924   1.00 41.80 ? 115 ARG A CA    1 
ATOM   546  C  C     . ARG C 3 15 ? -18.350 -2.961  2.921   1.00 39.26 ? 115 ARG A C     1 
ATOM   547  O  O     . ARG C 3 15 ? -17.736 -3.214  1.882   1.00 39.45 ? 115 ARG A O     1 
ATOM   548  C  CB    A ARG C 3 15 ? -20.783 -2.554  2.477   0.50 42.31 ? 115 ARG A CB    1 
ATOM   549  C  CB    B ARG C 3 15 ? -20.801 -2.543  2.509   0.50 42.78 ? 115 ARG A CB    1 
ATOM   550  C  CG    A ARG C 3 15 ? -22.020 -1.701  2.703   0.50 42.83 ? 115 ARG A CG    1 
ATOM   551  C  CG    B ARG C 3 15 ? -21.989 -1.582  2.505   0.50 43.84 ? 115 ARG A CG    1 
ATOM   552  C  CD    A ARG C 3 15 ? -23.275 -2.426  2.229   0.50 42.43 ? 115 ARG A CD    1 
ATOM   553  C  CD    B ARG C 3 15 ? -23.310 -2.312  2.273   0.50 43.82 ? 115 ARG A CD    1 
ATOM   554  N  NE    A ARG C 3 15 ? -24.446 -2.080  3.034   0.50 41.69 ? 115 ARG A NE    1 
ATOM   555  N  NE    B ARG C 3 15 ? -23.699 -3.131  3.420   0.50 43.41 ? 115 ARG A NE    1 
ATOM   556  C  CZ    A ARG C 3 15 ? -24.616 -2.455  4.299   0.50 41.66 ? 115 ARG A CZ    1 
ATOM   557  C  CZ    B ARG C 3 15 ? -24.587 -2.761  4.340   0.50 43.15 ? 115 ARG A CZ    1 
ATOM   558  N  NH1   A ARG C 3 15 ? -23.693 -3.187  4.912   0.50 42.50 ? 115 ARG A NH1   1 
ATOM   559  N  NH1   B ARG C 3 15 ? -25.192 -1.583  4.253   0.50 42.48 ? 115 ARG A NH1   1 
ATOM   560  N  NH2   A ARG C 3 15 ? -25.710 -2.098  4.956   0.50 41.66 ? 115 ARG A NH2   1 
ATOM   561  N  NH2   B ARG C 3 15 ? -24.859 -3.564  5.360   0.50 43.58 ? 115 ARG A NH2   1 
ATOM   562  N  N     . PHE C 3 16 ? -18.136 -3.618  4.060   1.00 34.88 ? 116 PHE A N     1 
ATOM   563  C  CA    . PHE C 3 16 ? -17.069 -4.603  4.184   1.00 31.41 ? 116 PHE A CA    1 
ATOM   564  C  C     . PHE C 3 16 ? -17.490 -5.906  4.843   1.00 31.57 ? 116 PHE A C     1 
ATOM   565  O  O     . PHE C 3 16 ? -18.438 -5.928  5.624   1.00 31.83 ? 116 PHE A O     1 
ATOM   566  C  CB    . PHE C 3 16 ? -15.915 -3.992  4.976   1.00 31.78 ? 116 PHE A CB    1 
ATOM   567  C  CG    . PHE C 3 16 ? -15.379 -2.730  4.374   1.00 32.26 ? 116 PHE A CG    1 
ATOM   568  C  CD1   . PHE C 3 16 ? -14.423 -2.781  3.360   1.00 32.04 ? 116 PHE A CD1   1 
ATOM   569  C  CD2   . PHE C 3 16 ? -15.847 -1.491  4.796   1.00 31.09 ? 116 PHE A CD2   1 
ATOM   570  C  CE1   . PHE C 3 16 ? -13.943 -1.611  2.771   1.00 33.15 ? 116 PHE A CE1   1 
ATOM   571  C  CE2   . PHE C 3 16 ? -15.378 -0.313  4.216   1.00 31.43 ? 116 PHE A CE2   1 
ATOM   572  C  CZ    . PHE C 3 16 ? -14.423 -0.372  3.200   1.00 32.25 ? 116 PHE A CZ    1 
ATOM   573  N  N     . SER C 3 17 ? -16.737 -6.971  4.560   1.00 29.92 ? 117 SER A N     1 
ATOM   574  C  CA    . SER C 3 17 ? -16.984 -8.309  5.097   1.00 30.41 ? 117 SER A CA    1 
ATOM   575  C  C     . SER C 3 17 ? -16.593 -8.461  6.562   1.00 32.04 ? 117 SER A C     1 
ATOM   576  O  O     . SER C 3 17 ? -17.283 -9.133  7.335   1.00 33.48 ? 117 SER A O     1 
ATOM   577  C  CB    . SER C 3 17 ? -16.212 -9.357  4.290   1.00 32.06 ? 117 SER A CB    1 
ATOM   578  O  OG    . SER C 3 17 ? -16.665 -9.415  2.952   1.00 35.78 ? 117 SER A OG    1 
ATOM   579  N  N     . ARG C 3 18 ? -15.456 -7.882  6.933   1.00 29.94 ? 118 ARG A N     1 
ATOM   580  C  CA    . ARG C 3 18 ? -14.980 -7.974  8.304   1.00 28.29 ? 118 ARG A CA    1 
ATOM   581  C  C     . ARG C 3 18 ? -14.930 -6.600  8.954   1.00 28.58 ? 118 ARG A C     1 
ATOM   582  O  O     . ARG C 3 18 ? -14.769 -5.577  8.275   1.00 27.79 ? 118 ARG A O     1 
ATOM   583  C  CB    . ARG C 3 18 ? -13.587 -8.601  8.348   1.00 27.49 ? 118 ARG A CB    1 
ATOM   584  C  CG    . ARG C 3 18 ? -13.442 -9.876  7.554   1.00 27.64 ? 118 ARG A CG    1 
ATOM   585  C  CD    . ARG C 3 18 ? -12.168 -10.624 7.918   1.00 27.49 ? 118 ARG A CD    1 
ATOM   586  N  NE    . ARG C 3 18 ? -10.978 -9.777  7.903   1.00 27.18 ? 118 ARG A NE    1 
ATOM   587  C  CZ    . ARG C 3 18 ? -9.766  -10.181 7.537   1.00 26.64 ? 118 ARG A CZ    1 
ATOM   588  N  NH1   . ARG C 3 18 ? -9.563  -11.431 7.134   1.00 28.61 ? 118 ARG A NH1   1 
ATOM   589  N  NH2   . ARG C 3 18 ? -8.739  -9.351  7.637   1.00 25.54 ? 118 ARG A NH2   1 
ATOM   590  N  N     . SER C 3 19 ? -15.028 -6.586  10.276  1.00 27.30 ? 119 SER A N     1 
ATOM   591  C  CA    . SER C 3 19 ? -14.992 -5.340  11.019  1.00 27.30 ? 119 SER A CA    1 
ATOM   592  C  C     . SER C 3 19 ? -13.659 -4.628  10.896  1.00 24.75 ? 119 SER A C     1 
ATOM   593  O  O     . SER C 3 19 ? -13.622 -3.415  10.878  1.00 23.67 ? 119 SER A O     1 
ATOM   594  C  CB    . SER C 3 19 ? -15.319 -5.576  12.499  1.00 29.80 ? 119 SER A CB    1 
ATOM   595  O  OG    . SER C 3 19 ? -14.377 -6.440  13.104  1.00 33.72 ? 119 SER A OG    1 
ATOM   596  N  N     . ASP C 3 20 ? -12.565 -5.374  10.807  1.00 24.04 ? 120 ASP A N     1 
ATOM   597  C  CA    . ASP C 3 20 ? -11.251 -4.748  10.701  1.00 24.45 ? 120 ASP A CA    1 
ATOM   598  C  C     . ASP C 3 20 ? -11.069 -3.983  9.392   1.00 23.65 ? 120 ASP A C     1 
ATOM   599  O  O     . ASP C 3 20 ? -10.311 -3.011  9.329   1.00 21.07 ? 120 ASP A O     1 
ATOM   600  C  CB    . ASP C 3 20 ? -10.117 -5.765  10.920  1.00 24.72 ? 120 ASP A CB    1 
ATOM   601  C  CG    . ASP C 3 20 ? -10.097 -6.860  9.885   1.00 25.96 ? 120 ASP A CG    1 
ATOM   602  O  OD1   . ASP C 3 20 ? -11.054 -7.650  9.833   1.00 27.08 ? 120 ASP A OD1   1 
ATOM   603  O  OD2   . ASP C 3 20 ? -9.104  -6.945  9.134   1.00 28.48 ? 120 ASP A OD2   1 
ATOM   604  N  N     . GLU C 3 21 ? -11.779 -4.416  8.354   1.00 23.09 ? 121 GLU A N     1 
ATOM   605  C  CA    . GLU C 3 21 ? -11.716 -3.741  7.067   1.00 22.53 ? 121 GLU A CA    1 
ATOM   606  C  C     . GLU C 3 21 ? -12.406 -2.379  7.208   1.00 24.00 ? 121 GLU A C     1 
ATOM   607  O  O     . GLU C 3 21 ? -11.993 -1.407  6.577   1.00 23.82 ? 121 GLU A O     1 
ATOM   608  C  CB    . GLU C 3 21 ? -12.404 -4.565  5.975   1.00 22.78 ? 121 GLU A CB    1 
ATOM   609  C  CG    . GLU C 3 21 ? -11.810 -5.940  5.739   1.00 24.21 ? 121 GLU A CG    1 
ATOM   610  C  CD    . GLU C 3 21 ? -12.541 -6.695  4.641   1.00 27.68 ? 121 GLU A CD    1 
ATOM   611  O  OE1   . GLU C 3 21 ? -13.735 -7.007  4.805   1.00 28.93 ? 121 GLU A OE1   1 
ATOM   612  O  OE2   . GLU C 3 21 ? -11.930 -6.968  3.599   1.00 29.64 ? 121 GLU A OE2   1 
ATOM   613  N  N     . LEU C 3 22 ? -13.455 -2.313  8.035   1.00 22.59 ? 122 LEU A N     1 
ATOM   614  C  CA    . LEU C 3 22 ? -14.171 -1.057  8.248   1.00 22.11 ? 122 LEU A CA    1 
ATOM   615  C  C     . LEU C 3 22 ? -13.303 -0.093  9.036   1.00 20.97 ? 122 LEU A C     1 
ATOM   616  O  O     . LEU C 3 22 ? -13.221 1.086   8.706   1.00 19.82 ? 122 LEU A O     1 
ATOM   617  C  CB    . LEU C 3 22 ? -15.507 -1.282  8.972   1.00 22.69 ? 122 LEU A CB    1 
ATOM   618  C  CG    . LEU C 3 22 ? -16.303 -0.013  9.342   1.00 24.76 ? 122 LEU A CG    1 
ATOM   619  C  CD1   . LEU C 3 22 ? -16.569 0.854   8.113   1.00 24.97 ? 122 LEU A CD1   1 
ATOM   620  C  CD2   . LEU C 3 22 ? -17.611 -0.382  10.013  1.00 24.52 ? 122 LEU A CD2   1 
ATOM   621  N  N     . THR C 3 23 ? -12.622 -0.605  10.055  1.00 22.40 ? 123 THR A N     1 
ATOM   622  C  CA    . THR C 3 23 ? -11.757 0.230   10.882  1.00 23.03 ? 123 THR A CA    1 
ATOM   623  C  C     . THR C 3 23 ? -10.601 0.809   10.070  1.00 22.59 ? 123 THR A C     1 
ATOM   624  O  O     . THR C 3 23 ? -10.257 1.975   10.218  1.00 22.50 ? 123 THR A O     1 
ATOM   625  C  CB    A THR C 3 23 ? -11.218 -0.567  12.083  0.50 22.58 ? 123 THR A CB    1 
ATOM   626  C  CB    B THR C 3 23 ? -11.185 -0.538  12.096  0.50 25.44 ? 123 THR A CB    1 
ATOM   627  O  OG1   A THR C 3 23 ? -12.321 -1.081  12.843  0.50 22.03 ? 123 THR A OG1   1 
ATOM   628  O  OG1   B THR C 3 23 ? -10.240 -1.522  11.653  0.50 28.25 ? 123 THR A OG1   1 
ATOM   629  C  CG2   A THR C 3 23 ? -10.363 0.313   12.973  0.50 20.50 ? 123 THR A CG2   1 
ATOM   630  C  CG2   B THR C 3 23 ? -12.302 -1.225  12.862  0.50 25.58 ? 123 THR A CG2   1 
ATOM   631  N  N     . ARG C 3 24 ? -10.023 0.006   9.186   1.00 22.48 ? 124 ARG A N     1 
ATOM   632  C  CA    . ARG C 3 24 ? -8.926  0.481   8.356   1.00 21.93 ? 124 ARG A CA    1 
ATOM   633  C  C     . ARG C 3 24 ? -9.431  1.558   7.382   1.00 22.23 ? 124 ARG A C     1 
ATOM   634  O  O     . ARG C 3 24 ? -8.804  2.604   7.227   1.00 22.25 ? 124 ARG A O     1 
ATOM   635  C  CB    . ARG C 3 24 ? -8.310  -0.692  7.587   1.00 23.59 ? 124 ARG A CB    1 
ATOM   636  C  CG    . ARG C 3 24 ? -7.110  -0.321  6.726   1.00 23.53 ? 124 ARG A CG    1 
ATOM   637  C  CD    . ARG C 3 24 ? -6.540  -1.542  6.039   1.00 22.48 ? 124 ARG A CD    1 
ATOM   638  N  NE    . ARG C 3 24 ? -7.460  -2.051  5.034   1.00 23.46 ? 124 ARG A NE    1 
ATOM   639  C  CZ    . ARG C 3 24 ? -7.167  -3.011  4.163   1.00 22.97 ? 124 ARG A CZ    1 
ATOM   640  N  NH1   . ARG C 3 24 ? -5.968  -3.587  4.169   1.00 19.65 ? 124 ARG A NH1   1 
ATOM   641  N  NH2   . ARG C 3 24 ? -8.075  -3.383  3.275   1.00 22.40 ? 124 ARG A NH2   1 
ATOM   642  N  N     . HIS C 3 25 ? -10.585 1.303   6.763   1.00 21.44 ? 125 HIS A N     1 
ATOM   643  C  CA    . HIS C 3 25 ? -11.204 2.223   5.804   1.00 21.04 ? 125 HIS A CA    1 
ATOM   644  C  C     . HIS C 3 25 ? -11.573 3.553   6.453   1.00 23.38 ? 125 HIS A C     1 
ATOM   645  O  O     . HIS C 3 25 ? -11.381 4.612   5.856   1.00 24.23 ? 125 HIS A O     1 
ATOM   646  C  CB    . HIS C 3 25 ? -12.466 1.587   5.200   1.00 22.52 ? 125 HIS A CB    1 
ATOM   647  C  CG    . HIS C 3 25 ? -13.413 2.576   4.588   1.00 22.37 ? 125 HIS A CG    1 
ATOM   648  N  ND1   . HIS C 3 25 ? -13.267 3.056   3.305   1.00 22.83 ? 125 HIS A ND1   1 
ATOM   649  C  CD2   . HIS C 3 25 ? -14.486 3.218   5.107   1.00 23.18 ? 125 HIS A CD2   1 
ATOM   650  C  CE1   . HIS C 3 25 ? -14.202 3.955   3.063   1.00 22.59 ? 125 HIS A CE1   1 
ATOM   651  N  NE2   . HIS C 3 25 ? -14.955 4.071   4.141   1.00 23.14 ? 125 HIS A NE2   1 
ATOM   652  N  N     . ILE C 3 26 ? -12.111 3.480   7.669   1.00 24.56 ? 126 ILE A N     1 
ATOM   653  C  CA    . ILE C 3 26 ? -12.537 4.648   8.437   1.00 27.76 ? 126 ILE A CA    1 
ATOM   654  C  C     . ILE C 3 26 ? -11.462 5.737   8.497   1.00 28.63 ? 126 ILE A C     1 
ATOM   655  O  O     . ILE C 3 26 ? -11.772 6.932   8.505   1.00 26.41 ? 126 ILE A O     1 
ATOM   656  C  CB    . ILE C 3 26 ? -12.961 4.207   9.861   1.00 30.82 ? 126 ILE A CB    1 
ATOM   657  C  CG1   . ILE C 3 26 ? -14.401 3.697   9.836   1.00 33.50 ? 126 ILE A CG1   1 
ATOM   658  C  CG2   . ILE C 3 26 ? -12.795 5.321   10.863  1.00 33.44 ? 126 ILE A CG2   1 
ATOM   659  C  CD1   . ILE C 3 26 ? -15.439 4.782   9.580   1.00 35.19 ? 126 ILE A CD1   1 
ATOM   660  N  N     . ARG C 3 27 ? -10.202 5.307   8.487   1.00 29.64 ? 127 ARG A N     1 
ATOM   661  C  CA    . ARG C 3 27 ? -9.068  6.223   8.532   1.00 32.24 ? 127 ARG A CA    1 
ATOM   662  C  C     . ARG C 3 27 ? -9.012  7.250   7.402   1.00 31.67 ? 127 ARG A C     1 
ATOM   663  O  O     . ARG C 3 27 ? -8.399  8.299   7.566   1.00 33.95 ? 127 ARG A O     1 
ATOM   664  C  CB    . ARG C 3 27 ? -7.749  5.447   8.595   1.00 35.14 ? 127 ARG A CB    1 
ATOM   665  C  CG    . ARG C 3 27 ? -7.433  4.882   9.969   1.00 36.88 ? 127 ARG A CG    1 
ATOM   666  C  CD    . ARG C 3 27 ? -6.022  4.320   10.015  1.00 39.77 ? 127 ARG A CD    1 
ATOM   667  N  NE    . ARG C 3 27 ? -5.995  2.873   9.826   1.00 42.68 ? 127 ARG A NE    1 
ATOM   668  C  CZ    . ARG C 3 27 ? -6.102  1.991   10.816  1.00 43.82 ? 127 ARG A CZ    1 
ATOM   669  N  NH1   . ARG C 3 27 ? -6.235  2.407   12.068  1.00 46.21 ? 127 ARG A NH1   1 
ATOM   670  N  NH2   . ARG C 3 27 ? -6.065  0.693   10.557  1.00 45.22 ? 127 ARG A NH2   1 
ATOM   671  N  N     . ILE C 3 28 ? -9.617  6.958   6.255   1.00 31.85 ? 128 ILE A N     1 
ATOM   672  C  CA    . ILE C 3 28 ? -9.608  7.930   5.154   1.00 33.86 ? 128 ILE A CA    1 
ATOM   673  C  C     . ILE C 3 28 ? -10.505 9.111   5.540   1.00 32.59 ? 128 ILE A C     1 
ATOM   674  O  O     . ILE C 3 28 ? -10.286 10.231  5.088   1.00 32.67 ? 128 ILE A O     1 
ATOM   675  C  CB    . ILE C 3 28 ? -10.108 7.341   3.790   1.00 36.19 ? 128 ILE A CB    1 
ATOM   676  C  CG1   . ILE C 3 28 ? -11.623 7.137   3.812   1.00 38.81 ? 128 ILE A CG1   1 
ATOM   677  C  CG2   . ILE C 3 28 ? -9.409  6.016   3.467   1.00 35.43 ? 128 ILE A CG2   1 
ATOM   678  C  CD1   . ILE C 3 28 ? -12.203 6.810   2.449   1.00 42.81 ? 128 ILE A CD1   1 
ATOM   679  N  N     . HIS C 3 29 ? -11.502 8.842   6.389   1.00 31.96 ? 129 HIS A N     1 
ATOM   680  C  CA    . HIS C 3 29 ? -12.441 9.864   6.856   1.00 30.61 ? 129 HIS A CA    1 
ATOM   681  C  C     . HIS C 3 29 ? -11.917 10.639  8.065   1.00 30.64 ? 129 HIS A C     1 
ATOM   682  O  O     . HIS C 3 29 ? -12.096 11.853  8.155   1.00 32.34 ? 129 HIS A O     1 
ATOM   683  C  CB    . HIS C 3 29 ? -13.803 9.241   7.196   1.00 30.05 ? 129 HIS A CB    1 
ATOM   684  C  CG    . HIS C 3 29 ? -14.470 8.565   6.038   1.00 30.29 ? 129 HIS A CG    1 
ATOM   685  N  ND1   . HIS C 3 29 ? -14.788 9.226   4.870   1.00 31.43 ? 129 HIS A ND1   1 
ATOM   686  C  CD2   . HIS C 3 29 ? -14.888 7.289   5.871   1.00 29.22 ? 129 HIS A CD2   1 
ATOM   687  C  CE1   . HIS C 3 29 ? -15.374 8.386   4.035   1.00 29.85 ? 129 HIS A CE1   1 
ATOM   688  N  NE2   . HIS C 3 29 ? -15.447 7.203   4.618   1.00 29.21 ? 129 HIS A NE2   1 
ATOM   689  N  N     . THR C 3 30 ? -11.280 9.942   9.000   1.00 29.61 ? 130 THR A N     1 
ATOM   690  C  CA    . THR C 3 30 ? -10.755 10.599  10.194  1.00 29.95 ? 130 THR A CA    1 
ATOM   691  C  C     . THR C 3 30 ? -9.411  11.286  9.954   1.00 31.23 ? 130 THR A C     1 
ATOM   692  O  O     . THR C 3 30 ? -8.994  12.122  10.754  1.00 33.42 ? 130 THR A O     1 
ATOM   693  C  CB    . THR C 3 30 ? -10.604 9.612   11.364  1.00 29.86 ? 130 THR A CB    1 
ATOM   694  O  OG1   . THR C 3 30 ? -9.597  8.643   11.047  1.00 29.91 ? 130 THR A OG1   1 
ATOM   695  C  CG2   . THR C 3 30 ? -11.920 8.903   11.642  1.00 28.24 ? 130 THR A CG2   1 
ATOM   696  N  N     . GLY C 3 31 ? -8.739  10.918  8.860   1.00 31.36 ? 131 GLY A N     1 
ATOM   697  C  CA    . GLY C 3 31 ? -7.447  11.491  8.520   1.00 30.50 ? 131 GLY A CA    1 
ATOM   698  C  C     . GLY C 3 31 ? -6.304  10.968  9.367   1.00 31.22 ? 131 GLY A C     1 
ATOM   699  O  O     . GLY C 3 31 ? -5.179  11.467  9.277   1.00 32.12 ? 131 GLY A O     1 
ATOM   700  N  N     . GLN C 3 32 ? -6.587  9.951   10.174  1.00 31.78 ? 132 GLN A N     1 
ATOM   701  C  CA    . GLN C 3 32 ? -5.604  9.352   11.063  1.00 33.77 ? 132 GLN A CA    1 
ATOM   702  C  C     . GLN C 3 32 ? -4.574  8.537   10.295  1.00 33.96 ? 132 GLN A C     1 
ATOM   703  O  O     . GLN C 3 32 ? -4.922  7.716   9.448   1.00 35.34 ? 132 GLN A O     1 
ATOM   704  C  CB    . GLN C 3 32 ? -6.321  8.476   12.101  1.00 37.40 ? 132 GLN A CB    1 
ATOM   705  C  CG    . GLN C 3 32 ? -5.426  7.665   13.044  1.00 42.38 ? 132 GLN A CG    1 
ATOM   706  C  CD    . GLN C 3 32 ? -4.675  8.510   14.062  1.00 45.80 ? 132 GLN A CD    1 
ATOM   707  O  OE1   . GLN C 3 32 ? -3.508  8.244   14.362  1.00 47.91 ? 132 GLN A OE1   1 
ATOM   708  N  NE2   . GLN C 3 32 ? -5.347  9.514   14.622  1.00 47.92 ? 132 GLN A NE2   1 
ATOM   709  N  N     . LYS C 3 33 ? -3.304  8.786   10.598  1.00 33.29 ? 133 LYS A N     1 
ATOM   710  C  CA    . LYS C 3 33 ? -2.179  8.099   9.971   1.00 32.73 ? 133 LYS A CA    1 
ATOM   711  C  C     . LYS C 3 33 ? -1.217  7.697   11.092  1.00 32.02 ? 133 LYS A C     1 
ATOM   712  O  O     . LYS C 3 33 ? -0.279  8.419   11.417  1.00 31.53 ? 133 LYS A O     1 
ATOM   713  C  CB    . LYS C 3 33 ? -1.498  9.028   8.966   1.00 33.40 ? 133 LYS A CB    1 
ATOM   714  C  CG    . LYS C 3 33 ? -2.382  9.418   7.800   1.00 35.12 ? 133 LYS A CG    1 
ATOM   715  C  CD    . LYS C 3 33 ? -1.636  10.301  6.820   1.00 37.41 ? 133 LYS A CD    1 
ATOM   716  C  CE    . LYS C 3 33 ? -2.460  10.518  5.565   1.00 40.56 ? 133 LYS A CE    1 
ATOM   717  N  NZ    . LYS C 3 33 ? -1.746  11.348  4.549   1.00 44.32 ? 133 LYS A NZ    1 
ATOM   718  N  N     . PRO C 3 34 ? -1.441  6.513   11.681  1.00 32.48 ? 134 PRO A N     1 
ATOM   719  C  CA    . PRO C 3 34 ? -0.677  5.918   12.782  1.00 33.50 ? 134 PRO A CA    1 
ATOM   720  C  C     . PRO C 3 34 ? 0.810   5.626   12.583  1.00 34.42 ? 134 PRO A C     1 
ATOM   721  O  O     . PRO C 3 34 ? 1.561   5.578   13.552  1.00 35.99 ? 134 PRO A O     1 
ATOM   722  C  CB    . PRO C 3 34 ? -1.438  4.611   13.057  1.00 33.74 ? 134 PRO A CB    1 
ATOM   723  C  CG    . PRO C 3 34 ? -2.808  4.845   12.480  1.00 32.12 ? 134 PRO A CG    1 
ATOM   724  C  CD    . PRO C 3 34 ? -2.492  5.585   11.228  1.00 31.72 ? 134 PRO A CD    1 
ATOM   725  N  N     . PHE C 3 35 ? 1.240   5.431   11.344  1.00 33.31 ? 135 PHE A N     1 
ATOM   726  C  CA    . PHE C 3 35 ? 2.634   5.083   11.086  1.00 31.62 ? 135 PHE A CA    1 
ATOM   727  C  C     . PHE C 3 35 ? 3.472   6.215   10.514  1.00 30.40 ? 135 PHE A C     1 
ATOM   728  O  O     . PHE C 3 35 ? 3.078   6.868   9.563   1.00 32.23 ? 135 PHE A O     1 
ATOM   729  C  CB    . PHE C 3 35 ? 2.662   3.847   10.195  1.00 30.59 ? 135 PHE A CB    1 
ATOM   730  C  CG    . PHE C 3 35 ? 1.719   2.765   10.658  1.00 30.31 ? 135 PHE A CG    1 
ATOM   731  C  CD1   . PHE C 3 35 ? 2.124   1.828   11.596  1.00 30.12 ? 135 PHE A CD1   1 
ATOM   732  C  CD2   . PHE C 3 35 ? 0.409   2.729   10.199  1.00 30.00 ? 135 PHE A CD2   1 
ATOM   733  C  CE1   . PHE C 3 35 ? 1.242   0.876   12.074  1.00 29.94 ? 135 PHE A CE1   1 
ATOM   734  C  CE2   . PHE C 3 35 ? -0.481  1.781   10.670  1.00 30.42 ? 135 PHE A CE2   1 
ATOM   735  C  CZ    . PHE C 3 35 ? -0.059  0.851   11.613  1.00 30.35 ? 135 PHE A CZ    1 
ATOM   736  N  N     . GLN C 3 36 ? 4.630   6.449   11.115  1.00 30.08 ? 136 GLN A N     1 
ATOM   737  C  CA    . GLN C 3 36 ? 5.507   7.529   10.687  1.00 30.05 ? 136 GLN A CA    1 
ATOM   738  C  C     . GLN C 3 36 ? 6.858   7.021   10.188  1.00 29.20 ? 136 GLN A C     1 
ATOM   739  O  O     . GLN C 3 36 ? 7.447   6.113   10.777  1.00 29.76 ? 136 GLN A O     1 
ATOM   740  C  CB    A GLN C 3 36 ? 5.709   8.527   11.832  0.50 31.70 ? 136 GLN A CB    1 
ATOM   741  C  CB    B GLN C 3 36 ? 5.714   8.499   11.850  0.50 30.92 ? 136 GLN A CB    1 
ATOM   742  C  CG    A GLN C 3 36 ? 6.570   9.737   11.484  0.50 33.97 ? 136 GLN A CG    1 
ATOM   743  C  CG    B GLN C 3 36 ? 6.717   9.607   11.592  0.50 31.95 ? 136 GLN A CG    1 
ATOM   744  C  CD    A GLN C 3 36 ? 6.519   10.829  12.546  0.50 35.85 ? 136 GLN A CD    1 
ATOM   745  C  CD    B GLN C 3 36 ? 6.753   10.622  12.717  0.50 33.31 ? 136 GLN A CD    1 
ATOM   746  O  OE1   A GLN C 3 36 ? 6.330   10.552  13.731  0.50 36.98 ? 136 GLN A OE1   1 
ATOM   747  O  OE1   B GLN C 3 36 ? 6.076   11.652  12.661  0.50 33.88 ? 136 GLN A OE1   1 
ATOM   748  N  NE2   A GLN C 3 36 ? 6.692   12.081  12.122  0.50 36.10 ? 136 GLN A NE2   1 
ATOM   749  N  NE2   B GLN C 3 36 ? 7.530   10.330  13.756  0.50 33.49 ? 136 GLN A NE2   1 
ATOM   750  N  N     . CYS C 3 37 ? 7.338   7.609   9.093   1.00 26.89 ? 137 CYS A N     1 
ATOM   751  C  CA    . CYS C 3 37 ? 8.625   7.232   8.518   1.00 25.59 ? 137 CYS A CA    1 
ATOM   752  C  C     . CYS C 3 37 ? 9.738   7.815   9.380   1.00 27.63 ? 137 CYS A C     1 
ATOM   753  O  O     . CYS C 3 37 ? 9.825   9.036   9.566   1.00 29.36 ? 137 CYS A O     1 
ATOM   754  C  CB    . CYS C 3 37 ? 8.765   7.750   7.085   1.00 23.82 ? 137 CYS A CB    1 
ATOM   755  S  SG    . CYS C 3 37 ? 10.361  7.344   6.333   1.00 21.50 ? 137 CYS A SG    1 
ATOM   756  N  N     . ARG C 3 38 ? 10.596  6.932   9.876   1.00 28.48 ? 138 ARG A N     1 
ATOM   757  C  CA    . ARG C 3 38 ? 11.721  7.305   10.728  1.00 31.53 ? 138 ARG A CA    1 
ATOM   758  C  C     . ARG C 3 38 ? 12.665  8.255   10.000  1.00 31.05 ? 138 ARG A C     1 
ATOM   759  O  O     . ARG C 3 38 ? 13.330  9.086   10.626  1.00 30.75 ? 138 ARG A O     1 
ATOM   760  C  CB    . ARG C 3 38 ? 12.461  6.031   11.146  1.00 33.07 ? 138 ARG A CB    1 
ATOM   761  C  CG    . ARG C 3 38 ? 13.474  6.177   12.266  1.00 37.65 ? 138 ARG A CG    1 
ATOM   762  C  CD    . ARG C 3 38 ? 13.921  4.786   12.715  1.00 39.23 ? 138 ARG A CD    1 
ATOM   763  N  NE    . ARG C 3 38 ? 14.985  4.814   13.716  1.00 41.73 ? 138 ARG A NE    1 
ATOM   764  C  CZ    . ARG C 3 38 ? 14.804  4.571   15.010  1.00 44.21 ? 138 ARG A CZ    1 
ATOM   765  N  NH1   . ARG C 3 38 ? 13.591  4.289   15.477  1.00 44.92 ? 138 ARG A NH1   1 
ATOM   766  N  NH2   . ARG C 3 38 ? 15.848  4.567   15.835  1.00 45.09 ? 138 ARG A NH2   1 
ATOM   767  N  N     . ILE C 3 39 ? 12.687  8.159   8.671   1.00 29.84 ? 139 ILE A N     1 
ATOM   768  C  CA    . ILE C 3 39 ? 13.569  8.998   7.870   1.00 28.65 ? 139 ILE A CA    1 
ATOM   769  C  C     . ILE C 3 39 ? 13.051  10.383  7.497   1.00 27.63 ? 139 ILE A C     1 
ATOM   770  O  O     . ILE C 3 39 ? 13.663  11.375  7.868   1.00 28.60 ? 139 ILE A O     1 
ATOM   771  C  CB    . ILE C 3 39 ? 14.097  8.264   6.600   1.00 28.22 ? 139 ILE A CB    1 
ATOM   772  C  CG1   . ILE C 3 39 ? 14.987  7.078   6.996   1.00 28.86 ? 139 ILE A CG1   1 
ATOM   773  C  CG2   . ILE C 3 39 ? 14.917  9.220   5.736   1.00 27.35 ? 139 ILE A CG2   1 
ATOM   774  C  CD1   . ILE C 3 39 ? 14.234  5.849   7.399   1.00 32.15 ? 139 ILE A CD1   1 
ATOM   775  N  N     . CYS C 3 40 ? 11.941  10.461  6.771   1.00 27.06 ? 140 CYS A N     1 
ATOM   776  C  CA    . CYS C 3 40 ? 11.416  11.760  6.354   1.00 26.67 ? 140 CYS A CA    1 
ATOM   777  C  C     . CYS C 3 40 ? 10.300  12.333  7.228   1.00 28.23 ? 140 CYS A C     1 
ATOM   778  O  O     . CYS C 3 40 ? 9.841   13.453  6.986   1.00 29.36 ? 140 CYS A O     1 
ATOM   779  C  CB    . CYS C 3 40 ? 10.928  11.696  4.909   1.00 26.88 ? 140 CYS A CB    1 
ATOM   780  S  SG    . CYS C 3 40 ? 9.433   10.701  4.722   1.00 26.18 ? 140 CYS A SG    1 
ATOM   781  N  N     . MET C 3 41 ? 9.861   11.571  8.228   1.00 28.59 ? 141 MET A N     1 
ATOM   782  C  CA    . MET C 3 41 ? 8.798   11.997  9.147   1.00 30.84 ? 141 MET A CA    1 
ATOM   783  C  C     . MET C 3 41 ? 7.377   12.025  8.571   1.00 30.15 ? 141 MET A C     1 
ATOM   784  O  O     . MET C 3 41 ? 6.438   12.407  9.266   1.00 30.96 ? 141 MET A O     1 
ATOM   785  C  CB    . MET C 3 41 ? 9.131   13.354  9.785   1.00 34.27 ? 141 MET A CB    1 
ATOM   786  C  CG    . MET C 3 41 ? 10.459  13.368  10.529  1.00 38.71 ? 141 MET A CG    1 
ATOM   787  S  SD    . MET C 3 41 ? 10.569  12.010  11.710  1.00 44.76 ? 141 MET A SD    1 
ATOM   788  C  CE    . MET C 3 41 ? 9.933   12.821  13.159  1.00 45.57 ? 141 MET A CE    1 
ATOM   789  N  N     . ARG C 3 42 ? 7.203   11.605  7.321   1.00 28.36 ? 142 ARG A N     1 
ATOM   790  C  CA    . ARG C 3 42 ? 5.871   11.587  6.727   1.00 28.52 ? 142 ARG A CA    1 
ATOM   791  C  C     . ARG C 3 42 ? 5.046   10.484  7.376   1.00 28.90 ? 142 ARG A C     1 
ATOM   792  O  O     . ARG C 3 42 ? 5.571   9.418   7.695   1.00 26.75 ? 142 ARG A O     1 
ATOM   793  C  CB    . ARG C 3 42 ? 5.950   11.357  5.218   1.00 31.04 ? 142 ARG A CB    1 
ATOM   794  C  CG    . ARG C 3 42 ? 4.592   11.322  4.525   1.00 34.75 ? 142 ARG A CG    1 
ATOM   795  C  CD    . ARG C 3 42 ? 4.747   11.124  3.019   1.00 36.65 ? 142 ARG A CD    1 
ATOM   796  N  NE    . ARG C 3 42 ? 3.467   11.155  2.311   1.00 36.22 ? 142 ARG A NE    1 
ATOM   797  C  CZ    . ARG C 3 42 ? 3.351   11.383  1.008   1.00 36.34 ? 142 ARG A CZ    1 
ATOM   798  N  NH1   . ARG C 3 42 ? 4.435   11.595  0.276   1.00 36.38 ? 142 ARG A NH1   1 
ATOM   799  N  NH2   . ARG C 3 42 ? 2.154   11.439  0.442   1.00 36.49 ? 142 ARG A NH2   1 
ATOM   800  N  N     . ASN C 3 43 ? 3.753   10.744  7.557   1.00 28.79 ? 143 ASN A N     1 
ATOM   801  C  CA    . ASN C 3 43 ? 2.847   9.786   8.178   1.00 29.29 ? 143 ASN A CA    1 
ATOM   802  C  C     . ASN C 3 43 ? 2.047   9.008   7.139   1.00 27.65 ? 143 ASN A C     1 
ATOM   803  O  O     . ASN C 3 43 ? 1.760   9.515   6.059   1.00 27.10 ? 143 ASN A O     1 
ATOM   804  C  CB    . ASN C 3 43 ? 1.912   10.501  9.153   1.00 32.25 ? 143 ASN A CB    1 
ATOM   805  C  CG    . ASN C 3 43 ? 2.670   11.359  10.150  1.00 35.72 ? 143 ASN A CG    1 
ATOM   806  O  OD1   . ASN C 3 43 ? 2.795   12.572  9.971   1.00 37.29 ? 143 ASN A OD1   1 
ATOM   807  N  ND2   . ASN C 3 43 ? 3.208   10.728  11.186  1.00 36.51 ? 143 ASN A ND2   1 
ATOM   808  N  N     . PHE C 3 44 ? 1.674   7.781   7.492   1.00 26.75 ? 144 PHE A N     1 
ATOM   809  C  CA    . PHE C 3 44 ? 0.938   6.907   6.593   1.00 27.03 ? 144 PHE A CA    1 
ATOM   810  C  C     . PHE C 3 44 ? -0.223  6.234   7.311   1.00 27.71 ? 144 PHE A C     1 
ATOM   811  O  O     . PHE C 3 44 ? -0.162  5.966   8.522   1.00 27.48 ? 144 PHE A O     1 
ATOM   812  C  CB    . PHE C 3 44 ? 1.873   5.835   6.019   1.00 26.68 ? 144 PHE A CB    1 
ATOM   813  C  CG    . PHE C 3 44 ? 2.992   6.389   5.193   1.00 26.63 ? 144 PHE A CG    1 
ATOM   814  C  CD1   . PHE C 3 44 ? 4.178   6.803   5.793   1.00 27.82 ? 144 PHE A CD1   1 
ATOM   815  C  CD2   . PHE C 3 44 ? 2.849   6.535   3.815   1.00 28.36 ? 144 PHE A CD2   1 
ATOM   816  C  CE1   . PHE C 3 44 ? 5.212   7.363   5.033   1.00 28.44 ? 144 PHE A CE1   1 
ATOM   817  C  CE2   . PHE C 3 44 ? 3.877   7.095   3.041   1.00 28.97 ? 144 PHE A CE2   1 
ATOM   818  C  CZ    . PHE C 3 44 ? 5.060   7.511   3.654   1.00 28.32 ? 144 PHE A CZ    1 
ATOM   819  N  N     . SER C 3 45 ? -1.258  5.919   6.538   1.00 27.67 ? 145 SER A N     1 
ATOM   820  C  CA    . SER C 3 45 ? -2.453  5.271   7.064   1.00 28.60 ? 145 SER A CA    1 
ATOM   821  C  C     . SER C 3 45 ? -2.231  3.801   7.365   1.00 28.61 ? 145 SER A C     1 
ATOM   822  O  O     . SER C 3 45 ? -2.918  3.231   8.217   1.00 29.21 ? 145 SER A O     1 
ATOM   823  C  CB    . SER C 3 45 ? -3.620  5.416   6.070   1.00 29.51 ? 145 SER A CB    1 
ATOM   824  O  OG    . SER C 3 45 ? -3.325  4.880   4.781   1.00 31.12 ? 145 SER A OG    1 
ATOM   825  N  N     . ARG C 3 46 ? -1.259  3.194   6.685   1.00 26.54 ? 146 ARG A N     1 
ATOM   826  C  CA    . ARG C 3 46 ? -1.001  1.770   6.852   1.00 26.17 ? 146 ARG A CA    1 
ATOM   827  C  C     . ARG C 3 46 ? 0.466   1.378   7.017   1.00 25.82 ? 146 ARG A C     1 
ATOM   828  O  O     . ARG C 3 46 ? 1.356   2.045   6.499   1.00 25.04 ? 146 ARG A O     1 
ATOM   829  C  CB    . ARG C 3 46 ? -1.616  1.015   5.673   1.00 25.50 ? 146 ARG A CB    1 
ATOM   830  C  CG    . ARG C 3 46 ? -3.141  1.008   5.663   1.00 25.27 ? 146 ARG A CG    1 
ATOM   831  C  CD    . ARG C 3 46 ? -3.700  0.714   4.277   1.00 25.10 ? 146 ARG A CD    1 
ATOM   832  N  NE    . ARG C 3 46 ? -3.103  -0.468  3.654   1.00 22.05 ? 146 ARG A NE    1 
ATOM   833  C  CZ    . ARG C 3 46 ? -3.673  -1.152  2.671   1.00 21.30 ? 146 ARG A CZ    1 
ATOM   834  N  NH1   . ARG C 3 46 ? -4.853  -0.779  2.203   1.00 22.16 ? 146 ARG A NH1   1 
ATOM   835  N  NH2   . ARG C 3 46 ? -3.064  -2.210  2.154   1.00 21.47 ? 146 ARG A NH2   1 
ATOM   836  N  N     . SER C 3 47 ? 0.683   0.267   7.725   1.00 25.66 ? 147 SER A N     1 
ATOM   837  C  CA    . SER C 3 47 ? 2.014   -0.276  8.001   1.00 25.99 ? 147 SER A CA    1 
ATOM   838  C  C     . SER C 3 47 ? 2.706   -0.840  6.771   1.00 23.81 ? 147 SER A C     1 
ATOM   839  O  O     . SER C 3 47 ? 3.915   -0.679  6.604   1.00 23.79 ? 147 SER A O     1 
ATOM   840  C  CB    . SER C 3 47 ? 1.932   -1.386  9.052   1.00 28.69 ? 147 SER A CB    1 
ATOM   841  O  OG    . SER C 3 47 ? 1.174   -2.482  8.563   1.00 31.37 ? 147 SER A OG    1 
ATOM   842  N  N     . ASP C 3 48 ? 1.961   -1.573  5.952   1.00 23.68 ? 148 ASP A N     1 
ATOM   843  C  CA    . ASP C 3 48 ? 2.546   -2.146  4.742   1.00 22.51 ? 148 ASP A CA    1 
ATOM   844  C  C     . ASP C 3 48 ? 2.985   -1.055  3.760   1.00 21.90 ? 148 ASP A C     1 
ATOM   845  O  O     . ASP C 3 48 ? 4.023   -1.180  3.106   1.00 22.33 ? 148 ASP A O     1 
ATOM   846  C  CB    . ASP C 3 48 ? 1.606   -3.170  4.082   1.00 22.55 ? 148 ASP A CB    1 
ATOM   847  C  CG    . ASP C 3 48 ? 0.247   -2.597  3.711   1.00 23.52 ? 148 ASP A CG    1 
ATOM   848  O  OD1   . ASP C 3 48 ? -0.289  -1.712  4.419   1.00 23.18 ? 148 ASP A OD1   1 
ATOM   849  O  OD2   . ASP C 3 48 ? -0.307  -3.073  2.702   1.00 23.20 ? 148 ASP A OD2   1 
ATOM   850  N  N     . HIS C 3 49 ? 2.227   0.037   3.702   1.00 19.68 ? 149 HIS A N     1 
ATOM   851  C  CA    . HIS C 3 49 ? 2.571   1.139   2.812   1.00 20.01 ? 149 HIS A CA    1 
ATOM   852  C  C     . HIS C 3 49 ? 3.789   1.898   3.352   1.00 19.59 ? 149 HIS A C     1 
ATOM   853  O  O     . HIS C 3 49 ? 4.560   2.485   2.588   1.00 18.69 ? 149 HIS A O     1 
ATOM   854  C  CB    . HIS C 3 49 ? 1.367   2.065   2.598   1.00 20.99 ? 149 HIS A CB    1 
ATOM   855  C  CG    . HIS C 3 49 ? 0.262   1.438   1.797   1.00 21.52 ? 149 HIS A CG    1 
ATOM   856  N  ND1   . HIS C 3 49 ? 0.467   0.362   0.959   1.00 22.83 ? 149 HIS A ND1   1 
ATOM   857  C  CD2   . HIS C 3 49 ? -1.053  1.744   1.696   1.00 20.10 ? 149 HIS A CD2   1 
ATOM   858  C  CE1   . HIS C 3 49 ? -0.672  0.032   0.379   1.00 22.10 ? 149 HIS A CE1   1 
ATOM   859  N  NE2   . HIS C 3 49 ? -1.609  0.855   0.809   1.00 20.44 ? 149 HIS A NE2   1 
ATOM   860  N  N     . LEU C 3 50 ? 3.970   1.874   4.670   1.00 19.16 ? 150 LEU A N     1 
ATOM   861  C  CA    . LEU C 3 50 ? 5.133   2.520   5.268   1.00 20.19 ? 150 LEU A CA    1 
ATOM   862  C  C     . LEU C 3 50 ? 6.364   1.689   4.899   1.00 19.11 ? 150 LEU A C     1 
ATOM   863  O  O     . LEU C 3 50 ? 7.411   2.230   4.545   1.00 18.67 ? 150 LEU A O     1 
ATOM   864  C  CB    A LEU C 3 50 ? 4.999   2.587   6.793   0.50 20.39 ? 150 LEU A CB    1 
ATOM   865  C  CB    B LEU C 3 50 ? 4.965   2.616   6.792   0.50 21.35 ? 150 LEU A CB    1 
ATOM   866  C  CG    A LEU C 3 50 ? 6.279   2.999   7.531   0.50 20.63 ? 150 LEU A CG    1 
ATOM   867  C  CG    B LEU C 3 50 ? 6.086   3.229   7.643   0.50 22.64 ? 150 LEU A CG    1 
ATOM   868  C  CD1   A LEU C 3 50 ? 6.695   4.418   7.148   0.50 20.84 ? 150 LEU A CD1   1 
ATOM   869  C  CD1   B LEU C 3 50 ? 7.161   2.194   7.933   0.50 23.69 ? 150 LEU A CD1   1 
ATOM   870  C  CD2   A LEU C 3 50 ? 6.062   2.886   9.031   0.50 20.75 ? 150 LEU A CD2   1 
ATOM   871  C  CD2   B LEU C 3 50 ? 6.670   4.478   6.980   0.50 22.41 ? 150 LEU A CD2   1 
ATOM   872  N  N     . THR C 3 51 ? 6.215   0.369   4.950   1.00 19.89 ? 151 THR A N     1 
ATOM   873  C  CA    . THR C 3 51 ? 7.304   -0.548  4.627   1.00 21.00 ? 151 THR A CA    1 
ATOM   874  C  C     . THR C 3 51 ? 7.829   -0.346  3.212   1.00 20.64 ? 151 THR A C     1 
ATOM   875  O  O     . THR C 3 51 ? 9.033   -0.256  3.000   1.00 20.65 ? 151 THR A O     1 
ATOM   876  C  CB    . THR C 3 51 ? 6.846   -2.006  4.790   1.00 23.27 ? 151 THR A CB    1 
ATOM   877  O  OG1   . THR C 3 51 ? 6.574   -2.252  6.174   1.00 24.66 ? 151 THR A OG1   1 
ATOM   878  C  CG2   . THR C 3 51 ? 7.917   -2.991  4.272   1.00 23.94 ? 151 THR A CG2   1 
ATOM   879  N  N     . THR C 3 52 ? 6.922   -0.243  2.245   1.00 20.17 ? 152 THR A N     1 
ATOM   880  C  CA    . THR C 3 52 ? 7.357   -0.047  0.876   1.00 18.95 ? 152 THR A CA    1 
ATOM   881  C  C     . THR C 3 52 ? 7.856   1.376   0.657   1.00 18.54 ? 152 THR A C     1 
ATOM   882  O  O     . THR C 3 52 ? 8.803   1.605   -0.090  1.00 18.89 ? 152 THR A O     1 
ATOM   883  C  CB    . THR C 3 52 ? 6.271   -0.479  -0.135  1.00 20.16 ? 152 THR A CB    1 
ATOM   884  O  OG1   . THR C 3 52 ? 5.089   0.305   0.026   1.00 20.49 ? 152 THR A OG1   1 
ATOM   885  C  CG2   . THR C 3 52 ? 5.926   -1.950  0.083   1.00 20.20 ? 152 THR A CG2   1 
ATOM   886  N  N     . HIS C 3 53 ? 7.283   2.326   1.383   1.00 19.29 ? 153 HIS A N     1 
ATOM   887  C  CA    . HIS C 3 53 ? 7.719   3.701   1.257   1.00 19.06 ? 153 HIS A CA    1 
ATOM   888  C  C     . HIS C 3 53 ? 9.178   3.844   1.683   1.00 18.93 ? 153 HIS A C     1 
ATOM   889  O  O     . HIS C 3 53 ? 9.947   4.591   1.060   1.00 20.27 ? 153 HIS A O     1 
ATOM   890  C  CB    . HIS C 3 53 ? 6.882   4.639   2.122   1.00 17.46 ? 153 HIS A CB    1 
ATOM   891  C  CG    . HIS C 3 53 ? 7.577   5.934   2.406   1.00 18.06 ? 153 HIS A CG    1 
ATOM   892  N  ND1   . HIS C 3 53 ? 7.678   6.944   1.470   1.00 17.06 ? 153 HIS A ND1   1 
ATOM   893  C  CD2   . HIS C 3 53 ? 8.296   6.342   3.478   1.00 18.32 ? 153 HIS A CD2   1 
ATOM   894  C  CE1   . HIS C 3 53 ? 8.431   7.913   1.951   1.00 18.15 ? 153 HIS A CE1   1 
ATOM   895  N  NE2   . HIS C 3 53 ? 8.820   7.574   3.168   1.00 19.42 ? 153 HIS A NE2   1 
ATOM   896  N  N     . ILE C 3 54 ? 9.546   3.167   2.767   1.00 18.98 ? 154 ILE A N     1 
ATOM   897  C  CA    . ILE C 3 54 ? 10.912  3.259   3.282   1.00 20.99 ? 154 ILE A CA    1 
ATOM   898  C  C     . ILE C 3 54 ? 11.967  2.856   2.267   1.00 21.90 ? 154 ILE A C     1 
ATOM   899  O  O     . ILE C 3 54 ? 13.068  3.418   2.274   1.00 21.53 ? 154 ILE A O     1 
ATOM   900  C  CB    . ILE C 3 54 ? 11.079  2.498   4.615   1.00 22.39 ? 154 ILE A CB    1 
ATOM   901  C  CG1   . ILE C 3 54 ? 10.322  3.251   5.718   1.00 22.17 ? 154 ILE A CG1   1 
ATOM   902  C  CG2   . ILE C 3 54 ? 12.564  2.366   4.984   1.00 23.23 ? 154 ILE A CG2   1 
ATOM   903  C  CD1   . ILE C 3 54 ? 10.401  2.624   7.067   1.00 23.31 ? 154 ILE A CD1   1 
ATOM   904  N  N     . ARG C 3 55 ? 11.612  1.942   1.360   1.00 20.10 ? 155 ARG A N     1 
ATOM   905  C  CA    . ARG C 3 55 ? 12.537  1.498   0.312   1.00 22.90 ? 155 ARG A CA    1 
ATOM   906  C  C     . ARG C 3 55 ? 12.975  2.617   -0.639  1.00 23.35 ? 155 ARG A C     1 
ATOM   907  O  O     . ARG C 3 55 ? 14.034  2.536   -1.263  1.00 22.59 ? 155 ARG A O     1 
ATOM   908  C  CB    . ARG C 3 55 ? 11.932  0.358   -0.486  1.00 23.25 ? 155 ARG A CB    1 
ATOM   909  C  CG    . ARG C 3 55 ? 11.796  -0.899  0.331   1.00 25.47 ? 155 ARG A CG    1 
ATOM   910  C  CD    . ARG C 3 55 ? 11.325  -2.069  -0.509  1.00 26.62 ? 155 ARG A CD    1 
ATOM   911  N  NE    . ARG C 3 55 ? 11.087  -3.192  0.380   1.00 28.09 ? 155 ARG A NE    1 
ATOM   912  C  CZ    . ARG C 3 55 ? 10.028  -3.990  0.335   1.00 27.07 ? 155 ARG A CZ    1 
ATOM   913  N  NH1   . ARG C 3 55 ? 9.086   -3.820  -0.583  1.00 24.98 ? 155 ARG A NH1   1 
ATOM   914  N  NH2   . ARG C 3 55 ? 9.877   -4.902  1.284   1.00 28.35 ? 155 ARG A NH2   1 
ATOM   915  N  N     . THR C 3 56 ? 12.169  3.671   -0.719  1.00 23.57 ? 156 THR A N     1 
ATOM   916  C  CA    . THR C 3 56 ? 12.483  4.811   -1.570  1.00 23.08 ? 156 THR A CA    1 
ATOM   917  C  C     . THR C 3 56 ? 13.692  5.563   -0.984  1.00 23.72 ? 156 THR A C     1 
ATOM   918  O  O     . THR C 3 56 ? 14.389  6.307   -1.692  1.00 23.95 ? 156 THR A O     1 
ATOM   919  C  CB    . THR C 3 56 ? 11.265  5.779   -1.705  1.00 23.08 ? 156 THR A CB    1 
ATOM   920  O  OG1   . THR C 3 56 ? 11.027  6.447   -0.460  1.00 24.17 ? 156 THR A OG1   1 
ATOM   921  C  CG2   . THR C 3 56 ? 10.010  5.008   -2.094  1.00 23.74 ? 156 THR A CG2   1 
ATOM   922  N  N     . HIS C 3 57 ? 13.912  5.375   0.316   1.00 22.67 ? 157 HIS A N     1 
ATOM   923  C  CA    . HIS C 3 57 ? 15.017  6.012   1.017   1.00 23.99 ? 157 HIS A CA    1 
ATOM   924  C  C     . HIS C 3 57 ? 16.263  5.152   0.976   1.00 25.42 ? 157 HIS A C     1 
ATOM   925  O  O     . HIS C 3 57 ? 17.371  5.652   0.730   1.00 26.72 ? 157 HIS A O     1 
ATOM   926  C  CB    . HIS C 3 57 ? 14.656  6.247   2.484   1.00 22.52 ? 157 HIS A CB    1 
ATOM   927  C  CG    . HIS C 3 57 ? 13.567  7.250   2.686   1.00 23.56 ? 157 HIS A CG    1 
ATOM   928  N  ND1   . HIS C 3 57 ? 13.654  8.545   2.221   1.00 22.25 ? 157 HIS A ND1   1 
ATOM   929  C  CD2   . HIS C 3 57 ? 12.363  7.149   3.298   1.00 21.94 ? 157 HIS A CD2   1 
ATOM   930  C  CE1   . HIS C 3 57 ? 12.550  9.198   2.535   1.00 22.03 ? 157 HIS A CE1   1 
ATOM   931  N  NE2   . HIS C 3 57 ? 11.750  8.374   3.189   1.00 22.80 ? 157 HIS A NE2   1 
ATOM   932  N  N     . THR C 3 58 ? 16.072  3.860   1.235   1.00 25.17 ? 158 THR A N     1 
ATOM   933  C  CA    . THR C 3 58 ? 17.175  2.905   1.294   1.00 27.08 ? 158 THR A CA    1 
ATOM   934  C  C     . THR C 3 58 ? 17.690  2.399   -0.038  1.00 26.88 ? 158 THR A C     1 
ATOM   935  O  O     . THR C 3 58 ? 18.841  1.983   -0.128  1.00 26.74 ? 158 THR A O     1 
ATOM   936  C  CB    . THR C 3 58 ? 16.808  1.685   2.157   1.00 28.06 ? 158 THR A CB    1 
ATOM   937  O  OG1   . THR C 3 58 ? 15.629  1.068   1.631   1.00 29.61 ? 158 THR A OG1   1 
ATOM   938  C  CG2   . THR C 3 58 ? 16.553  2.104   3.595   1.00 27.85 ? 158 THR A CG2   1 
ATOM   939  N  N     . GLY C 3 59 ? 16.842  2.438   -1.065  1.00 26.18 ? 159 GLY A N     1 
ATOM   940  C  CA    . GLY C 3 59 ? 17.238  1.959   -2.384  1.00 26.21 ? 159 GLY A CA    1 
ATOM   941  C  C     . GLY C 3 59 ? 17.169  0.448   -2.483  1.00 26.23 ? 159 GLY A C     1 
ATOM   942  O  O     . GLY C 3 59 ? 17.730  -0.168  -3.391  1.00 26.84 ? 159 GLY A O     1 
ATOM   943  N  N     . GLU C 3 60 ? 16.486  -0.146  -1.513  1.00 26.06 ? 160 GLU A N     1 
ATOM   944  C  CA    . GLU C 3 60 ? 16.307  -1.581  -1.439  1.00 27.43 ? 160 GLU A CA    1 
ATOM   945  C  C     . GLU C 3 60 ? 15.290  -2.023  -2.491  1.00 28.90 ? 160 GLU A C     1 
ATOM   946  O  O     . GLU C 3 60 ? 14.199  -1.442  -2.600  1.00 28.23 ? 160 GLU A O     1 
ATOM   947  C  CB    . GLU C 3 60 ? 15.823  -1.937  -0.042  1.00 29.22 ? 160 GLU A CB    1 
ATOM   948  C  CG    . GLU C 3 60 ? 15.369  -3.354  0.152   1.00 35.35 ? 160 GLU A CG    1 
ATOM   949  C  CD    . GLU C 3 60 ? 14.866  -3.585  1.561   1.00 39.36 ? 160 GLU A CD    1 
ATOM   950  O  OE1   . GLU C 3 60 ? 15.496  -3.050  2.498   1.00 42.46 ? 160 GLU A OE1   1 
ATOM   951  O  OE2   . GLU C 3 60 ? 13.844  -4.283  1.737   1.00 40.82 ? 160 GLU A OE2   1 
ATOM   952  N  N     . LYS C 3 61 ? 15.662  -3.041  -3.266  1.00 27.66 ? 161 LYS A N     1 
ATOM   953  C  CA    . LYS C 3 61 ? 14.812  -3.585  -4.327  1.00 26.95 ? 161 LYS A CA    1 
ATOM   954  C  C     . LYS C 3 61 ? 14.881  -5.109  -4.292  1.00 26.17 ? 161 LYS A C     1 
ATOM   955  O  O     . LYS C 3 61 ? 15.676  -5.732  -5.001  1.00 26.03 ? 161 LYS A O     1 
ATOM   956  C  CB    . LYS C 3 61 ? 15.271  -3.063  -5.691  1.00 26.70 ? 161 LYS A CB    1 
ATOM   957  C  CG    . LYS C 3 61 ? 15.112  -1.576  -5.842  1.00 29.79 ? 161 LYS A CG    1 
ATOM   958  C  CD    . LYS C 3 61 ? 15.706  -1.100  -7.132  1.00 32.67 ? 161 LYS A CD    1 
ATOM   959  C  CE    . LYS C 3 61 ? 15.417  0.354   -7.324  1.00 35.52 ? 161 LYS A CE    1 
ATOM   960  N  NZ    . LYS C 3 61 ? 16.106  0.829   -8.552  1.00 42.94 ? 161 LYS A NZ    1 
ATOM   961  N  N     . PRO C 3 62 ? 14.014  -5.729  -3.485  1.00 24.91 ? 162 PRO A N     1 
ATOM   962  C  CA    . PRO C 3 62 ? 13.922  -7.179  -3.300  1.00 24.66 ? 162 PRO A CA    1 
ATOM   963  C  C     . PRO C 3 62 ? 13.350  -8.014  -4.459  1.00 25.26 ? 162 PRO A C     1 
ATOM   964  O  O     . PRO C 3 62 ? 13.516  -9.235  -4.467  1.00 26.72 ? 162 PRO A O     1 
ATOM   965  C  CB    . PRO C 3 62 ? 13.021  -7.311  -2.069  1.00 25.57 ? 162 PRO A CB    1 
ATOM   966  C  CG    . PRO C 3 62 ? 13.009  -5.910  -1.440  1.00 26.38 ? 162 PRO A CG    1 
ATOM   967  C  CD    . PRO C 3 62 ? 13.046  -5.028  -2.627  1.00 24.44 ? 162 PRO A CD    1 
ATOM   968  N  N     . PHE C 3 63 ? 12.717  -7.378  -5.445  1.00 22.36 ? 163 PHE A N     1 
ATOM   969  C  CA    . PHE C 3 63 ? 12.100  -8.136  -6.539  1.00 20.28 ? 163 PHE A CA    1 
ATOM   970  C  C     . PHE C 3 63 ? 12.767  -7.971  -7.890  1.00 21.54 ? 163 PHE A C     1 
ATOM   971  O  O     . PHE C 3 63 ? 12.745  -6.894  -8.473  1.00 24.17 ? 163 PHE A O     1 
ATOM   972  C  CB    . PHE C 3 63 ? 10.622  -7.767  -6.655  1.00 20.04 ? 163 PHE A CB    1 
ATOM   973  C  CG    . PHE C 3 63 ? 9.895   -7.788  -5.349  1.00 20.84 ? 163 PHE A CG    1 
ATOM   974  C  CD1   . PHE C 3 63 ? 9.308   -8.956  -4.892  1.00 21.37 ? 163 PHE A CD1   1 
ATOM   975  C  CD2   . PHE C 3 63 ? 9.813   -6.644  -4.567  1.00 18.40 ? 163 PHE A CD2   1 
ATOM   976  C  CE1   . PHE C 3 63 ? 8.650   -8.984  -3.674  1.00 22.67 ? 163 PHE A CE1   1 
ATOM   977  C  CE2   . PHE C 3 63 ? 9.159   -6.663  -3.353  1.00 20.40 ? 163 PHE A CE2   1 
ATOM   978  C  CZ    . PHE C 3 63 ? 8.576   -7.833  -2.902  1.00 21.12 ? 163 PHE A CZ    1 
ATOM   979  N  N     . ALA C 3 64 ? 13.289  -9.063  -8.427  1.00 20.47 ? 164 ALA A N     1 
ATOM   980  C  CA    . ALA C 3 64 ? 13.958  -9.014  -9.718  1.00 19.91 ? 164 ALA A CA    1 
ATOM   981  C  C     . ALA C 3 64 ? 13.171  -9.730  -10.803 1.00 18.25 ? 164 ALA A C     1 
ATOM   982  O  O     . ALA C 3 64 ? 12.497  -10.721 -10.545 1.00 18.51 ? 164 ALA A O     1 
ATOM   983  C  CB    . ALA C 3 64 ? 15.365  -9.608  -9.610  1.00 20.91 ? 164 ALA A CB    1 
ATOM   984  N  N     . CYS C 3 65 ? 13.270  -9.210  -12.019 1.00 17.45 ? 165 CYS A N     1 
ATOM   985  C  CA    . CYS C 3 65 ? 12.603  -9.803  -13.169 1.00 18.61 ? 165 CYS A CA    1 
ATOM   986  C  C     . CYS C 3 65 ? 13.314  -11.120 -13.493 1.00 18.24 ? 165 CYS A C     1 
ATOM   987  O  O     . CYS C 3 65 ? 14.536  -11.152 -13.579 1.00 19.43 ? 165 CYS A O     1 
ATOM   988  C  CB    . CYS C 3 65 ? 12.680  -8.862  -14.378 1.00 17.29 ? 165 CYS A CB    1 
ATOM   989  S  SG    . CYS C 3 65 ? 12.027  -9.576  -15.905 1.00 17.54 ? 165 CYS A SG    1 
ATOM   990  N  N     . ASP C 3 66 ? 12.551  -12.201 -13.658 1.00 18.42 ? 166 ASP A N     1 
ATOM   991  C  CA    . ASP C 3 66 ? 13.135  -13.506 -13.974 1.00 19.23 ? 166 ASP A CA    1 
ATOM   992  C  C     . ASP C 3 66 ? 13.816  -13.537 -15.330 1.00 19.63 ? 166 ASP A C     1 
ATOM   993  O  O     . ASP C 3 66 ? 14.727  -14.328 -15.553 1.00 20.50 ? 166 ASP A O     1 
ATOM   994  C  CB    . ASP C 3 66 ? 12.066  -14.589 -13.987 1.00 20.25 ? 166 ASP A CB    1 
ATOM   995  C  CG    . ASP C 3 66 ? 11.597  -14.978 -12.609 1.00 20.65 ? 166 ASP A CG    1 
ATOM   996  O  OD1   . ASP C 3 66 ? 12.336  -14.782 -11.629 1.00 19.76 ? 166 ASP A OD1   1 
ATOM   997  O  OD2   . ASP C 3 66 ? 10.474  -15.514 -12.531 1.00 22.60 ? 166 ASP A OD2   1 
ATOM   998  N  N     . ILE C 3 67 ? 13.360  -12.675 -16.232 1.00 19.88 ? 167 ILE A N     1 
ATOM   999  C  CA    . ILE C 3 67 ? 13.888  -12.621 -17.580 1.00 20.13 ? 167 ILE A CA    1 
ATOM   1000 C  C     . ILE C 3 67 ? 15.104  -11.723 -17.792 1.00 22.20 ? 167 ILE A C     1 
ATOM   1001 O  O     . ILE C 3 67 ? 16.098  -12.160 -18.394 1.00 23.28 ? 167 ILE A O     1 
ATOM   1002 C  CB    . ILE C 3 67 ? 12.744  -12.299 -18.586 1.00 21.58 ? 167 ILE A CB    1 
ATOM   1003 C  CG1   . ILE C 3 67 ? 11.772  -13.489 -18.629 1.00 22.61 ? 167 ILE A CG1   1 
ATOM   1004 C  CG2   . ILE C 3 67 ? 13.290  -12.039 -20.001 1.00 22.98 ? 167 ILE A CG2   1 
ATOM   1005 C  CD1   . ILE C 3 67 ? 10.489  -13.200 -19.354 1.00 24.35 ? 167 ILE A CD1   1 
ATOM   1006 N  N     . CYS C 3 68 ? 15.068  -10.504 -17.261 1.00 20.31 ? 168 CYS A N     1 
ATOM   1007 C  CA    . CYS C 3 68 ? 16.188  -9.594  -17.460 1.00 20.89 ? 168 CYS A CA    1 
ATOM   1008 C  C     . CYS C 3 68 ? 16.936  -9.179  -16.190 1.00 21.74 ? 168 CYS A C     1 
ATOM   1009 O  O     . CYS C 3 68 ? 17.930  -8.455  -16.260 1.00 22.26 ? 168 CYS A O     1 
ATOM   1010 C  CB    . CYS C 3 68 ? 15.727  -8.354  -18.224 1.00 20.69 ? 168 CYS A CB    1 
ATOM   1011 S  SG    . CYS C 3 68 ? 14.649  -7.259  -17.271 1.00 21.04 ? 168 CYS A SG    1 
ATOM   1012 N  N     . GLY C 3 69 ? 16.471  -9.644  -15.035 1.00 21.05 ? 169 GLY A N     1 
ATOM   1013 C  CA    . GLY C 3 69 ? 17.138  -9.302  -13.792 1.00 22.67 ? 169 GLY A CA    1 
ATOM   1014 C  C     . GLY C 3 69 ? 16.939  -7.887  -13.262 1.00 23.00 ? 169 GLY A C     1 
ATOM   1015 O  O     . GLY C 3 69 ? 17.526  -7.524  -12.248 1.00 22.88 ? 169 GLY A O     1 
ATOM   1016 N  N     . ARG C 3 70 ? 16.127  -7.078  -13.932 1.00 23.04 ? 170 ARG A N     1 
ATOM   1017 C  CA    . ARG C 3 70 ? 15.889  -5.727  -13.442 1.00 23.99 ? 170 ARG A CA    1 
ATOM   1018 C  C     . ARG C 3 70 ? 15.171  -5.801  -12.093 1.00 22.40 ? 170 ARG A C     1 
ATOM   1019 O  O     . ARG C 3 70 ? 14.228  -6.565  -11.923 1.00 21.37 ? 170 ARG A O     1 
ATOM   1020 C  CB    . ARG C 3 70 ? 15.078  -4.918  -14.453 1.00 26.58 ? 170 ARG A CB    1 
ATOM   1021 C  CG    . ARG C 3 70 ? 14.725  -3.538  -13.968 1.00 31.77 ? 170 ARG A CG    1 
ATOM   1022 C  CD    . ARG C 3 70 ? 14.319  -2.649  -15.115 1.00 36.78 ? 170 ARG A CD    1 
ATOM   1023 N  NE    . ARG C 3 70 ? 13.646  -1.417  -14.697 1.00 43.35 ? 170 ARG A NE    1 
ATOM   1024 C  CZ    . ARG C 3 70 ? 14.001  -0.632  -13.677 1.00 45.78 ? 170 ARG A CZ    1 
ATOM   1025 N  NH1   . ARG C 3 70 ? 15.044  -0.913  -12.900 1.00 47.51 ? 170 ARG A NH1   1 
ATOM   1026 N  NH2   . ARG C 3 70 ? 13.317  0.482   -13.461 1.00 46.80 ? 170 ARG A NH2   1 
ATOM   1027 N  N     . LYS C 3 71 ? 15.647  -5.011  -11.138 1.00 22.82 ? 171 LYS A N     1 
ATOM   1028 C  CA    . LYS C 3 71 ? 15.106  -4.994  -9.785  1.00 22.52 ? 171 LYS A CA    1 
ATOM   1029 C  C     . LYS C 3 71 ? 14.095  -3.896  -9.518  1.00 21.20 ? 171 LYS A C     1 
ATOM   1030 O  O     . LYS C 3 71 ? 14.164  -2.802  -10.088 1.00 21.14 ? 171 LYS A O     1 
ATOM   1031 C  CB    . LYS C 3 71 ? 16.237  -4.897  -8.758  1.00 23.59 ? 171 LYS A CB    1 
ATOM   1032 C  CG    . LYS C 3 71 ? 17.012  -6.181  -8.580  1.00 29.44 ? 171 LYS A CG    1 
ATOM   1033 C  CD    . LYS C 3 71 ? 18.231  -5.972  -7.709  1.00 32.44 ? 171 LYS A CD    1 
ATOM   1034 C  CE    . LYS C 3 71 ? 19.055  -7.236  -7.642  1.00 35.14 ? 171 LYS A CE    1 
ATOM   1035 N  NZ    . LYS C 3 71 ? 20.448  -6.916  -7.232  1.00 40.46 ? 171 LYS A NZ    1 
ATOM   1036 N  N     . PHE C 3 72 ? 13.194  -4.188  -8.591  1.00 18.02 ? 172 PHE A N     1 
ATOM   1037 C  CA    . PHE C 3 72 ? 12.144  -3.264  -8.212  1.00 16.63 ? 172 PHE A CA    1 
ATOM   1038 C  C     . PHE C 3 72 ? 11.926  -3.294  -6.717  1.00 16.70 ? 172 PHE A C     1 
ATOM   1039 O  O     . PHE C 3 72 ? 12.146  -4.308  -6.064  1.00 16.72 ? 172 PHE A O     1 
ATOM   1040 C  CB    . PHE C 3 72 ? 10.835  -3.637  -8.912  1.00 17.34 ? 172 PHE A CB    1 
ATOM   1041 C  CG    . PHE C 3 72 ? 10.933  -3.624  -10.399 1.00 19.38 ? 172 PHE A CG    1 
ATOM   1042 C  CD1   . PHE C 3 72 ? 10.721  -2.446  -11.111 1.00 18.28 ? 172 PHE A CD1   1 
ATOM   1043 C  CD2   . PHE C 3 72 ? 11.278  -4.781  -11.092 1.00 19.24 ? 172 PHE A CD2   1 
ATOM   1044 C  CE1   . PHE C 3 72 ? 10.854  -2.419  -12.487 1.00 19.22 ? 172 PHE A CE1   1 
ATOM   1045 C  CE2   . PHE C 3 72 ? 11.412  -4.763  -12.478 1.00 20.30 ? 172 PHE A CE2   1 
ATOM   1046 C  CZ    . PHE C 3 72 ? 11.201  -3.580  -13.175 1.00 19.63 ? 172 PHE A CZ    1 
ATOM   1047 N  N     . ALA C 3 73 ? 11.403  -2.189  -6.207  1.00 17.75 ? 173 ALA A N     1 
ATOM   1048 C  CA    . ALA C 3 73 ? 11.101  -2.043  -4.795  1.00 17.90 ? 173 ALA A CA    1 
ATOM   1049 C  C     . ALA C 3 73 ? 9.813   -2.785  -4.419  1.00 16.80 ? 173 ALA A C     1 
ATOM   1050 O  O     . ALA C 3 73 ? 9.689   -3.281  -3.306  1.00 16.83 ? 173 ALA A O     1 
ATOM   1051 C  CB    . ALA C 3 73 ? 10.981  -0.555  -4.449  1.00 18.41 ? 173 ALA A CB    1 
ATOM   1052 N  N     . ARG C 3 74 ? 8.877   -2.900  -5.360  1.00 17.89 ? 174 ARG A N     1 
ATOM   1053 C  CA    . ARG C 3 74 ? 7.596   -3.578  -5.090  1.00 19.82 ? 174 ARG A CA    1 
ATOM   1054 C  C     . ARG C 3 74 ? 7.253   -4.673  -6.097  1.00 19.35 ? 174 ARG A C     1 
ATOM   1055 O  O     . ARG C 3 74 ? 7.611   -4.587  -7.277  1.00 18.04 ? 174 ARG A O     1 
ATOM   1056 C  CB    . ARG C 3 74 ? 6.437   -2.567  -5.014  1.00 19.89 ? 174 ARG A CB    1 
ATOM   1057 C  CG    . ARG C 3 74 ? 6.523   -1.611  -3.823  1.00 20.89 ? 174 ARG A CG    1 
ATOM   1058 C  CD    . ARG C 3 74 ? 5.380   -0.580  -3.723  1.00 20.50 ? 174 ARG A CD    1 
ATOM   1059 N  NE    . ARG C 3 74 ? 4.472   -0.489  -4.872  1.00 18.96 ? 174 ARG A NE    1 
ATOM   1060 C  CZ    . ARG C 3 74 ? 3.746   0.596   -5.159  1.00 21.32 ? 174 ARG A CZ    1 
ATOM   1061 N  NH1   . ARG C 3 74 ? 3.830   1.680   -4.396  1.00 20.77 ? 174 ARG A NH1   1 
ATOM   1062 N  NH2   . ARG C 3 74 ? 2.901   0.602   -6.187  1.00 19.92 ? 174 ARG A NH2   1 
ATOM   1063 N  N     . SER C 3 75 ? 6.538   -5.691  -5.621  1.00 18.43 ? 175 SER A N     1 
ATOM   1064 C  CA    . SER C 3 75 ? 6.142   -6.820  -6.456  1.00 17.86 ? 175 SER A CA    1 
ATOM   1065 C  C     . SER C 3 75 ? 5.219   -6.419  -7.597  1.00 16.57 ? 175 SER A C     1 
ATOM   1066 O  O     . SER C 3 75 ? 5.261   -7.007  -8.669  1.00 17.08 ? 175 SER A O     1 
ATOM   1067 C  CB    . SER C 3 75 ? 5.473   -7.904  -5.602  1.00 18.74 ? 175 SER A CB    1 
ATOM   1068 O  OG    . SER C 3 75 ? 4.299   -7.409  -4.986  1.00 20.06 ? 175 SER A OG    1 
ATOM   1069 N  N     . ASP C 3 76 ? 4.354   -5.441  -7.357  1.00 18.51 ? 176 ASP A N     1 
ATOM   1070 C  CA    . ASP C 3 76 ? 3.435   -4.991  -8.404  1.00 18.19 ? 176 ASP A CA    1 
ATOM   1071 C  C     . ASP C 3 76 ? 4.201   -4.246  -9.500  1.00 16.40 ? 176 ASP A C     1 
ATOM   1072 O  O     . ASP C 3 76 ? 3.773   -4.221  -10.647 1.00 17.60 ? 176 ASP A O     1 
ATOM   1073 C  CB    . ASP C 3 76 ? 2.284   -4.160  -7.823  1.00 18.84 ? 176 ASP A CB    1 
ATOM   1074 C  CG    . ASP C 3 76 ? 2.746   -2.874  -7.200  1.00 21.50 ? 176 ASP A CG    1 
ATOM   1075 O  OD1   . ASP C 3 76 ? 3.382   -2.916  -6.130  1.00 21.38 ? 176 ASP A OD1   1 
ATOM   1076 O  OD2   . ASP C 3 76 ? 2.472   -1.807  -7.785  1.00 24.69 ? 176 ASP A OD2   1 
ATOM   1077 N  N     . GLU C 3 77 ? 5.349   -3.674  -9.155  1.00 15.14 ? 177 GLU A N     1 
ATOM   1078 C  CA    . GLU C 3 77 ? 6.172   -3.002  -10.148 1.00 15.11 ? 177 GLU A CA    1 
ATOM   1079 C  C     . GLU C 3 77 ? 6.796   -4.091  -11.016 1.00 16.15 ? 177 GLU A C     1 
ATOM   1080 O  O     . GLU C 3 77 ? 6.853   -3.965  -12.242 1.00 17.40 ? 177 GLU A O     1 
ATOM   1081 C  CB    . GLU C 3 77 ? 7.296   -2.198  -9.502  1.00 16.78 ? 177 GLU A CB    1 
ATOM   1082 C  CG    . GLU C 3 77 ? 6.862   -0.919  -8.822  1.00 19.90 ? 177 GLU A CG    1 
ATOM   1083 C  CD    . GLU C 3 77 ? 8.041   -0.201  -8.208  1.00 23.58 ? 177 GLU A CD    1 
ATOM   1084 O  OE1   . GLU C 3 77 ? 8.496   -0.606  -7.119  1.00 25.77 ? 177 GLU A OE1   1 
ATOM   1085 O  OE2   . GLU C 3 77 ? 8.537   0.744   -8.836  1.00 26.60 ? 177 GLU A OE2   1 
ATOM   1086 N  N     . ARG C 3 78 ? 7.260   -5.165  -10.384 1.00 15.18 ? 178 ARG A N     1 
ATOM   1087 C  CA    . ARG C 3 78 ? 7.866   -6.247  -11.134 1.00 16.21 ? 178 ARG A CA    1 
ATOM   1088 C  C     . ARG C 3 78 ? 6.818   -6.878  -12.042 1.00 18.27 ? 178 ARG A C     1 
ATOM   1089 O  O     . ARG C 3 78 ? 7.081   -7.121  -13.218 1.00 19.41 ? 178 ARG A O     1 
ATOM   1090 C  CB    . ARG C 3 78 ? 8.453   -7.302  -10.198 1.00 18.50 ? 178 ARG A CB    1 
ATOM   1091 C  CG    . ARG C 3 78 ? 9.187   -8.431  -10.937 1.00 21.94 ? 178 ARG A CG    1 
ATOM   1092 C  CD    . ARG C 3 78 ? 9.144   -9.724  -10.132 1.00 25.30 ? 178 ARG A CD    1 
ATOM   1093 N  NE    . ARG C 3 78 ? 7.750   -10.057 -9.885  1.00 29.26 ? 178 ARG A NE    1 
ATOM   1094 C  CZ    . ARG C 3 78 ? 7.250   -10.490 -8.736  1.00 30.65 ? 178 ARG A CZ    1 
ATOM   1095 N  NH1   . ARG C 3 78 ? 8.028   -10.684 -7.680  1.00 31.15 ? 178 ARG A NH1   1 
ATOM   1096 N  NH2   . ARG C 3 78 ? 5.937   -10.602 -8.621  1.00 31.35 ? 178 ARG A NH2   1 
ATOM   1097 N  N     . LYS C 3 79 ? 5.616   -7.099  -11.508 1.00 17.94 ? 179 LYS A N     1 
ATOM   1098 C  CA    . LYS C 3 79 ? 4.521   -7.695  -12.276 1.00 19.62 ? 179 LYS A CA    1 
ATOM   1099 C  C     . LYS C 3 79 ? 4.170   -6.851  -13.507 1.00 20.24 ? 179 LYS A C     1 
ATOM   1100 O  O     . LYS C 3 79 ? 3.980   -7.386  -14.605 1.00 21.45 ? 179 LYS A O     1 
ATOM   1101 C  CB    . LYS C 3 79 ? 3.289   -7.871  -11.389 1.00 21.80 ? 179 LYS A CB    1 
ATOM   1102 C  CG    . LYS C 3 79 ? 2.074   -8.500  -12.068 1.00 25.28 ? 179 LYS A CG    1 
ATOM   1103 C  CD    . LYS C 3 79 ? 1.073   -8.943  -10.992 1.00 29.66 ? 179 LYS A CD    1 
ATOM   1104 C  CE    . LYS C 3 79 ? -0.233  -9.477  -11.562 1.00 32.25 ? 179 LYS A CE    1 
ATOM   1105 N  NZ    . LYS C 3 79 ? -0.041  -10.659 -12.442 1.00 33.13 ? 179 LYS A NZ    1 
ATOM   1106 N  N     . ARG C 3 80 ? 4.112   -5.530  -13.328 1.00 17.51 ? 180 ARG A N     1 
ATOM   1107 C  CA    . ARG C 3 80 ? 3.796   -4.640  -14.435 1.00 17.55 ? 180 ARG A CA    1 
ATOM   1108 C  C     . ARG C 3 80 ? 4.902   -4.716  -15.495 1.00 16.80 ? 180 ARG A C     1 
ATOM   1109 O  O     . ARG C 3 80 ? 4.629   -4.692  -16.699 1.00 18.29 ? 180 ARG A O     1 
ATOM   1110 C  CB    . ARG C 3 80 ? 3.614   -3.206  -13.927 1.00 16.78 ? 180 ARG A CB    1 
ATOM   1111 C  CG    . ARG C 3 80 ? 3.145   -2.224  -15.001 1.00 17.67 ? 180 ARG A CG    1 
ATOM   1112 C  CD    . ARG C 3 80 ? 2.948   -0.818  -14.451 1.00 18.26 ? 180 ARG A CD    1 
ATOM   1113 N  NE    . ARG C 3 80 ? 4.193   -0.241  -13.959 1.00 20.17 ? 180 ARG A NE    1 
ATOM   1114 C  CZ    . ARG C 3 80 ? 4.316   1.007   -13.518 1.00 21.06 ? 180 ARG A CZ    1 
ATOM   1115 N  NH1   . ARG C 3 80 ? 3.269   1.817   -13.507 1.00 19.91 ? 180 ARG A NH1   1 
ATOM   1116 N  NH2   . ARG C 3 80 ? 5.490   1.442   -13.076 1.00 22.93 ? 180 ARG A NH2   1 
ATOM   1117 N  N     . HIS C 3 81 ? 6.139   -4.874  -15.037 1.00 15.18 ? 181 HIS A N     1 
ATOM   1118 C  CA    . HIS C 3 81 ? 7.291   -4.962  -15.928 1.00 17.41 ? 181 HIS A CA    1 
ATOM   1119 C  C     . HIS C 3 81 ? 7.464   -6.281  -16.702 1.00 19.16 ? 181 HIS A C     1 
ATOM   1120 O  O     . HIS C 3 81 ? 7.764   -6.254  -17.900 1.00 19.81 ? 181 HIS A O     1 
ATOM   1121 C  CB    . HIS C 3 81 ? 8.587   -4.663  -15.167 1.00 15.13 ? 181 HIS A CB    1 
ATOM   1122 C  CG    . HIS C 3 81 ? 9.818   -5.176  -15.848 1.00 17.47 ? 181 HIS A CG    1 
ATOM   1123 N  ND1   . HIS C 3 81 ? 10.558  -4.413  -16.725 1.00 18.39 ? 181 HIS A ND1   1 
ATOM   1124 C  CD2   . HIS C 3 81 ? 10.441  -6.379  -15.782 1.00 16.88 ? 181 HIS A CD2   1 
ATOM   1125 C  CE1   . HIS C 3 81 ? 11.585  -5.121  -17.166 1.00 18.84 ? 181 HIS A CE1   1 
ATOM   1126 N  NE2   . HIS C 3 81 ? 11.534  -6.317  -16.608 1.00 18.39 ? 181 HIS A NE2   1 
ATOM   1127 N  N     . THR C 3 82 ? 7.293   -7.422  -16.035 1.00 16.54 ? 182 THR A N     1 
ATOM   1128 C  CA    . THR C 3 82 ? 7.516   -8.702  -16.706 1.00 18.14 ? 182 THR A CA    1 
ATOM   1129 C  C     . THR C 3 82 ? 6.726   -8.864  -17.984 1.00 18.00 ? 182 THR A C     1 
ATOM   1130 O  O     . THR C 3 82 ? 7.185   -9.492  -18.937 1.00 19.48 ? 182 THR A O     1 
ATOM   1131 C  CB    . THR C 3 82 ? 7.257   -9.893  -15.768 1.00 17.84 ? 182 THR A CB    1 
ATOM   1132 O  OG1   . THR C 3 82 ? 8.016   -9.711  -14.577 1.00 17.13 ? 182 THR A OG1   1 
ATOM   1133 C  CG2   . THR C 3 82 ? 7.718   -11.193 -16.418 1.00 19.57 ? 182 THR A CG2   1 
ATOM   1134 N  N     . LYS C 3 83 ? 5.565   -8.234  -18.006 1.00 20.18 ? 183 LYS A N     1 
ATOM   1135 C  CA    . LYS C 3 83 ? 4.653   -8.253  -19.138 1.00 24.59 ? 183 LYS A CA    1 
ATOM   1136 C  C     . LYS C 3 83 ? 5.289   -7.735  -20.439 1.00 23.76 ? 183 LYS A C     1 
ATOM   1137 O  O     . LYS C 3 83 ? 4.959   -8.203  -21.532 1.00 23.57 ? 183 LYS A O     1 
ATOM   1138 C  CB    . LYS C 3 83 ? 3.467   -7.358  -18.791 1.00 29.13 ? 183 LYS A CB    1 
ATOM   1139 C  CG    . LYS C 3 83 ? 2.111   -7.939  -19.037 1.00 36.01 ? 183 LYS A CG    1 
ATOM   1140 C  CD    . LYS C 3 83 ? 1.078   -6.861  -18.772 1.00 38.75 ? 183 LYS A CD    1 
ATOM   1141 C  CE    . LYS C 3 83 ? 1.170   -6.350  -17.350 1.00 41.25 ? 183 LYS A CE    1 
ATOM   1142 N  NZ    . LYS C 3 83 ? 0.886   -7.440  -16.369 1.00 44.56 ? 183 LYS A NZ    1 
ATOM   1143 N  N     . ILE C 3 84 ? 6.190   -6.762  -20.324 1.00 22.53 ? 184 ILE A N     1 
ATOM   1144 C  CA    . ILE C 3 84 ? 6.812   -6.176  -21.511 1.00 21.54 ? 184 ILE A CA    1 
ATOM   1145 C  C     . ILE C 3 84 ? 7.636   -7.157  -22.339 1.00 22.75 ? 184 ILE A C     1 
ATOM   1146 O  O     . ILE C 3 84 ? 7.892   -6.908  -23.525 1.00 21.75 ? 184 ILE A O     1 
ATOM   1147 C  CB    . ILE C 3 84 ? 7.669   -4.924  -21.182 1.00 21.39 ? 184 ILE A CB    1 
ATOM   1148 C  CG1   . ILE C 3 84 ? 8.983   -5.333  -20.522 1.00 21.43 ? 184 ILE A CG1   1 
ATOM   1149 C  CG2   . ILE C 3 84 ? 6.868   -3.951  -20.321 1.00 21.93 ? 184 ILE A CG2   1 
ATOM   1150 C  CD1   . ILE C 3 84 ? 9.896   -4.193  -20.263 1.00 25.19 ? 184 ILE A CD1   1 
ATOM   1151 N  N     . HIS C 3 85 ? 8.029   -8.277  -21.740 1.00 21.12 ? 185 HIS A N     1 
ATOM   1152 C  CA    . HIS C 3 85 ? 8.821   -9.256  -22.480 1.00 23.46 ? 185 HIS A CA    1 
ATOM   1153 C  C     . HIS C 3 85 ? 7.998   -10.065 -23.465 1.00 27.09 ? 185 HIS A C     1 
ATOM   1154 O  O     . HIS C 3 85 ? 8.545   -10.880 -24.204 1.00 27.55 ? 185 HIS A O     1 
ATOM   1155 C  CB    . HIS C 3 85 ? 9.587   -10.163 -21.540 1.00 22.28 ? 185 HIS A CB    1 
ATOM   1156 C  CG    . HIS C 3 85 ? 10.585  -9.437  -20.709 1.00 21.23 ? 185 HIS A CG    1 
ATOM   1157 N  ND1   . HIS C 3 85 ? 11.642  -8.747  -21.259 1.00 19.88 ? 185 HIS A ND1   1 
ATOM   1158 C  CD2   . HIS C 3 85 ? 10.681  -9.276  -19.367 1.00 19.88 ? 185 HIS A CD2   1 
ATOM   1159 C  CE1   . HIS C 3 85 ? 12.350  -8.191  -20.292 1.00 22.67 ? 185 HIS A CE1   1 
ATOM   1160 N  NE2   . HIS C 3 85 ? 11.788  -8.497  -19.134 1.00 22.69 ? 185 HIS A NE2   1 
ATOM   1161 N  N     . LEU C 3 86 ? 6.680   -9.878  -23.429 1.00 30.18 ? 186 LEU A N     1 
ATOM   1162 C  CA    . LEU C 3 86 ? 5.785   -10.536 -24.370 1.00 34.63 ? 186 LEU A CA    1 
ATOM   1163 C  C     . LEU C 3 86 ? 5.849   -9.600  -25.564 1.00 39.59 ? 186 LEU A C     1 
ATOM   1164 O  O     . LEU C 3 86 ? 6.006   -10.039 -26.702 1.00 43.24 ? 186 LEU A O     1 
ATOM   1165 C  CB    . LEU C 3 86 ? 4.351   -10.580 -23.835 1.00 33.08 ? 186 LEU A CB    1 
ATOM   1166 C  CG    . LEU C 3 86 ? 4.069   -11.454 -22.613 1.00 33.14 ? 186 LEU A CG    1 
ATOM   1167 C  CD1   . LEU C 3 86 ? 2.633   -11.253 -22.163 1.00 32.89 ? 186 LEU A CD1   1 
ATOM   1168 C  CD2   . LEU C 3 86 ? 4.326   -12.918 -22.943 1.00 31.99 ? 186 LEU A CD2   1 
ATOM   1169 N  N     . ARG C 3 87 ? 5.745   -8.303  -25.269 1.00 44.32 ? 187 ARG A N     1 
ATOM   1170 C  CA    . ARG C 3 87 ? 5.815   -7.227  -26.256 1.00 49.34 ? 187 ARG A CA    1 
ATOM   1171 C  C     . ARG C 3 87 ? 5.692   -5.880  -25.557 1.00 50.12 ? 187 ARG A C     1 
ATOM   1172 O  O     . ARG C 3 87 ? 6.452   -4.956  -25.840 1.00 52.12 ? 187 ARG A O     1 
ATOM   1173 C  CB    . ARG C 3 87 ? 4.719   -7.343  -27.313 1.00 52.50 ? 187 ARG A CB    1 
ATOM   1174 C  CG    . ARG C 3 87 ? 4.943   -6.412  -28.493 1.00 55.98 ? 187 ARG A CG    1 
ATOM   1175 C  CD    . ARG C 3 87 ? 3.723   -5.540  -28.777 1.00 58.55 ? 187 ARG A CD    1 
ATOM   1176 N  NE    . ARG C 3 87 ? 3.423   -4.583  -27.705 1.00 60.16 ? 187 ARG A NE    1 
ATOM   1177 C  CZ    . ARG C 3 87 ? 4.141   -3.493  -27.437 1.00 60.48 ? 187 ARG A CZ    1 
ATOM   1178 N  NH1   . ARG C 3 87 ? 5.226   -3.203  -28.146 1.00 60.84 ? 187 ARG A NH1   1 
ATOM   1179 N  NH2   . ARG C 3 87 ? 3.732   -2.650  -26.502 1.00 59.68 ? 187 ARG A NH2   1 
HETATM 1180 ZN ZN    . ZN  D 4 .  ? -16.408 5.554   4.271   1.00 31.65 ? 201 ZN  A ZN    1 
HETATM 1181 ZN ZN    . ZN  E 4 .  ? 10.106  8.576   4.426   1.00 23.91 ? 202 ZN  A ZN    1 
HETATM 1182 ZN ZN    . ZN  F 4 .  ? 12.596  -7.911  -17.312 1.00 19.72 ? 203 ZN  A ZN    1 
HETATM 1183 O  O     . HOH G 5 .  ? -8.486  -4.936  7.013   1.00 25.76 ? 205 HOH B O     1 
HETATM 1184 O  O     . HOH G 5 .  ? -14.463 -6.370  1.973   1.00 31.37 ? 206 HOH B O     1 
HETATM 1185 O  O     . HOH G 5 .  ? -1.335  7.638   3.984   1.00 28.18 ? 208 HOH B O     1 
HETATM 1186 O  O     . HOH G 5 .  ? 0.585   5.087   1.408   1.00 27.49 ? 209 HOH B O     1 
HETATM 1187 O  O     . HOH G 5 .  ? 5.418   2.362   -1.824  1.00 19.26 ? 211 HOH B O     1 
HETATM 1188 O  O     . HOH G 5 .  ? 8.644   2.098   -5.700  1.00 20.56 ? 214 HOH B O     1 
HETATM 1189 O  O     . HOH G 5 .  ? 3.492   -0.601  -10.358 1.00 22.23 ? 216 HOH B O     1 
HETATM 1190 O  O     . HOH G 5 .  ? 1.949   -1.249  -2.723  1.00 27.20 ? 221 HOH B O     1 
HETATM 1191 O  O     . HOH G 5 .  ? -5.044  -12.951 1.896   1.00 31.44 ? 231 HOH B O     1 
HETATM 1192 O  O     . HOH G 5 .  ? -14.927 -9.771  -3.012  1.00 51.11 ? 247 HOH B O     1 
HETATM 1193 O  O     . HOH G 5 .  ? -8.777  -5.147  -4.150  1.00 42.67 ? 250 HOH B O     1 
HETATM 1194 O  O     . HOH G 5 .  ? -8.506  0.630   -4.484  1.00 36.19 ? 252 HOH B O     1 
HETATM 1195 O  O     . HOH G 5 .  ? 1.200   9.966   3.287   1.00 31.62 ? 254 HOH B O     1 
HETATM 1196 O  O     . HOH G 5 .  ? 7.657   9.271   -2.261  1.00 45.30 ? 262 HOH B O     1 
HETATM 1197 O  O     . HOH G 5 .  ? -3.332  7.550   -4.124  1.00 44.05 ? 263 HOH B O     1 
HETATM 1198 O  O     . HOH G 5 .  ? 12.707  2.358   -6.479  1.00 60.17 ? 264 HOH B O     1 
HETATM 1199 O  O     . HOH G 5 .  ? 6.030   8.997   -7.470  1.00 37.90 ? 274 HOH B O     1 
HETATM 1200 O  O     . HOH G 5 .  ? 3.109   8.581   -5.755  1.00 36.92 ? 276 HOH B O     1 
HETATM 1201 O  O     . HOH G 5 .  ? -13.174 -14.807 -1.162  1.00 57.44 ? 277 HOH B O     1 
HETATM 1202 O  O     . HOH G 5 .  ? 3.216   0.931   -17.317 1.00 44.89 ? 285 HOH B O     1 
HETATM 1203 O  O     . HOH G 5 .  ? -0.701  -12.835 9.835   1.00 41.74 ? 294 HOH B O     1 
HETATM 1204 O  O     . HOH G 5 .  ? -1.345  -14.424 4.863   1.00 40.99 ? 295 HOH B O     1 
HETATM 1205 O  O     . HOH G 5 .  ? -2.074  -15.710 2.408   1.00 47.79 ? 296 HOH B O     1 
HETATM 1206 O  O     . HOH G 5 .  ? 8.578   0.382   -13.630 1.00 29.22 ? 303 HOH B O     1 
HETATM 1207 O  O     . HOH G 5 .  ? 0.501   0.391   -15.952 1.00 55.14 ? 313 HOH B O     1 
HETATM 1208 O  O     . HOH G 5 .  ? -10.609 -12.611 9.980   1.00 46.34 ? 324 HOH B O     1 
HETATM 1209 O  O     . HOH G 5 .  ? -4.271  8.151   3.529   1.00 36.29 ? 329 HOH B O     1 
HETATM 1210 O  O     . HOH G 5 .  ? -3.203  10.587  2.311   1.00 48.50 ? 330 HOH B O     1 
HETATM 1211 O  O     . HOH G 5 .  ? -6.050  3.859   -4.113  1.00 42.76 ? 341 HOH B O     1 
HETATM 1212 O  O     . HOH G 5 .  ? -9.250  -9.488  -4.123  1.00 52.77 ? 342 HOH B O     1 
HETATM 1213 O  O     . HOH G 5 .  ? -9.466  0.326   3.038   1.00 38.30 ? 357 HOH B O     1 
HETATM 1214 O  O     . HOH G 5 .  ? -0.926  9.123   -5.337  1.00 57.08 ? 366 HOH B O     1 
HETATM 1215 O  O     . HOH H 5 .  ? 5.905   -11.144 -5.597  1.00 46.27 ? 229 HOH C O     1 
HETATM 1216 O  O     . HOH H 5 .  ? -4.154  -3.644  6.663   1.00 35.44 ? 244 HOH C O     1 
HETATM 1217 O  O     . HOH H 5 .  ? -1.327  -3.145  6.680   1.00 37.01 ? 245 HOH C O     1 
HETATM 1218 O  O     . HOH H 5 .  ? 3.466   -3.102  11.455  1.00 47.38 ? 246 HOH C O     1 
HETATM 1219 O  O     . HOH H 5 .  ? -6.993  -0.011  -6.781  1.00 41.45 ? 251 HOH C O     1 
HETATM 1220 O  O     . HOH H 5 .  ? 4.791   -5.273  2.920   1.00 43.99 ? 256 HOH C O     1 
HETATM 1221 O  O     . HOH H 5 .  ? 5.817   -8.516  12.692  1.00 56.10 ? 259 HOH C O     1 
HETATM 1222 O  O     . HOH H 5 .  ? 0.437   1.414   -12.803 1.00 38.46 ? 266 HOH C O     1 
HETATM 1223 O  O     . HOH H 5 .  ? -1.151  -1.259  -13.076 1.00 65.66 ? 268 HOH C O     1 
HETATM 1224 O  O     . HOH H 5 .  ? -2.286  -3.398  -11.417 1.00 44.25 ? 269 HOH C O     1 
HETATM 1225 O  O     . HOH H 5 .  ? -0.043  -11.688 4.131   1.00 63.79 ? 297 HOH C O     1 
HETATM 1226 O  O     . HOH H 5 .  ? -2.286  8.755   -7.963  1.00 43.30 ? 305 HOH C O     1 
HETATM 1227 O  O     . HOH H 5 .  ? -10.155 6.836   -14.738 1.00 56.63 ? 317 HOH C O     1 
HETATM 1228 O  O     . HOH H 5 .  ? 3.349   -6.493  -1.947  1.00 53.56 ? 319 HOH C O     1 
HETATM 1229 O  O     . HOH H 5 .  ? -5.177  -8.499  18.111  1.00 47.44 ? 321 HOH C O     1 
HETATM 1230 O  O     . HOH H 5 .  ? 3.089   -5.782  0.792   1.00 38.73 ? 337 HOH C O     1 
HETATM 1231 O  O     . HOH H 5 .  ? -1.824  -12.509 1.503   1.00 45.19 ? 343 HOH C O     1 
HETATM 1232 O  O     . HOH H 5 .  ? 7.274   -6.647  5.778   1.00 48.97 ? 352 HOH C O     1 
HETATM 1233 O  O     . HOH H 5 .  ? 0.871   10.022  -8.037  1.00 53.98 ? 365 HOH C O     1 
HETATM 1234 O  O     . HOH H 5 .  ? 1.444   -11.672 7.724   1.00 43.43 ? 367 HOH C O     1 
HETATM 1235 O  O     . HOH H 5 .  ? -0.761  -9.711  13.305  1.00 41.60 ? 368 HOH C O     1 
HETATM 1236 O  O     . HOH H 5 .  ? -0.408  4.118   -15.692 1.00 45.91 ? 369 HOH C O     1 
HETATM 1237 O  O     . HOH H 5 .  ? -5.944  14.355  -10.109 1.00 57.55 ? 370 HOH C O     1 
HETATM 1238 O  O     . HOH H 5 .  ? -8.086  12.832  -13.668 1.00 51.16 ? 371 HOH C O     1 
HETATM 1239 O  O     . HOH H 5 .  ? -12.729 -4.056  13.824  1.00 49.00 ? 374 HOH C O     1 
HETATM 1240 O  O     . HOH H 5 .  ? -3.287  -3.454  9.540   1.00 63.69 ? 377 HOH C O     1 
HETATM 1241 O  O     . HOH H 5 .  ? -5.316  -4.135  11.613  1.00 36.18 ? 379 HOH C O     1 
HETATM 1242 O  O     . HOH H 5 .  ? -0.363  -0.847  15.177  1.00 56.89 ? 380 HOH C O     1 
HETATM 1243 O  O     . HOH I 5 .  ? -12.550 -9.890  3.414   1.00 29.23 ? 204 HOH A O     1 
HETATM 1244 O  O     . HOH I 5 .  ? 3.331   4.328   0.931   1.00 20.84 ? 210 HOH A O     1 
HETATM 1245 O  O     . HOH I 5 .  ? 2.682   -1.196  0.072   1.00 17.91 ? 212 HOH A O     1 
HETATM 1246 O  O     . HOH I 5 .  ? 8.095   1.752   -2.982  1.00 24.11 ? 213 HOH A O     1 
HETATM 1247 O  O     . HOH I 5 .  ? 11.359  0.329   -7.915  1.00 22.00 ? 215 HOH A O     1 
HETATM 1248 O  O     . HOH I 5 .  ? 5.882   -5.166  -2.867  1.00 27.75 ? 217 HOH A O     1 
HETATM 1249 O  O     . HOH I 5 .  ? 11.450  -1.064  4.077   1.00 28.21 ? 218 HOH A O     1 
HETATM 1250 O  O     . HOH I 5 .  ? 2.839   -4.297  7.483   1.00 26.07 ? 219 HOH A O     1 
HETATM 1251 O  O     . HOH I 5 .  ? -5.784  8.194   6.836   1.00 33.74 ? 222 HOH A O     1 
HETATM 1252 O  O     . HOH I 5 .  ? -6.624  3.111   5.831   1.00 42.77 ? 223 HOH A O     1 
HETATM 1253 O  O     . HOH I 5 .  ? -9.322  6.646   12.910  1.00 36.10 ? 224 HOH A O     1 
HETATM 1254 O  O     . HOH I 5 .  ? 14.144  1.326   -3.903  1.00 25.60 ? 225 HOH A O     1 
HETATM 1255 O  O     . HOH I 5 .  ? 6.749   -1.617  -13.730 1.00 21.47 ? 226 HOH A O     1 
HETATM 1256 O  O     . HOH I 5 .  ? 1.254   -4.417  -11.363 1.00 35.41 ? 227 HOH A O     1 
HETATM 1257 O  O     . HOH I 5 .  ? 7.251   -14.383 -13.355 1.00 20.03 ? 228 HOH A O     1 
HETATM 1258 O  O     . HOH I 5 .  ? 6.986   -1.471  -16.652 1.00 28.57 ? 230 HOH A O     1 
HETATM 1259 O  O     . HOH I 5 .  ? -11.171 -13.478 6.233   1.00 31.02 ? 232 HOH A O     1 
HETATM 1260 O  O     . HOH I 5 .  ? -18.964 -2.031  -0.499  1.00 53.07 ? 233 HOH A O     1 
HETATM 1261 O  O     . HOH I 5 .  ? -15.712 -2.151  0.338   1.00 50.67 ? 234 HOH A O     1 
HETATM 1262 O  O     . HOH I 5 .  ? -6.841  -5.670  9.857   1.00 39.44 ? 237 HOH A O     1 
HETATM 1263 O  O     . HOH I 5 .  ? -9.801  3.606   12.842  1.00 37.09 ? 238 HOH A O     1 
HETATM 1264 O  O     . HOH I 5 .  ? -6.932  1.261   3.367   1.00 33.19 ? 239 HOH A O     1 
HETATM 1265 O  O     . HOH I 5 .  ? -10.467 -1.920  4.179   1.00 24.84 ? 240 HOH A O     1 
HETATM 1266 O  O     . HOH I 5 .  ? -11.567 -4.734  2.389   1.00 38.98 ? 241 HOH A O     1 
HETATM 1267 O  O     . HOH I 5 .  ? -6.874  6.212   5.137   1.00 48.60 ? 242 HOH A O     1 
HETATM 1268 O  O     . HOH I 5 .  ? -0.750  4.374   3.760   1.00 27.99 ? 255 HOH A O     1 
HETATM 1269 O  O     . HOH I 5 .  ? 5.025   -4.452  5.782   1.00 28.51 ? 257 HOH A O     1 
HETATM 1270 O  O     . HOH I 5 .  ? 5.678   -0.899  8.869   1.00 34.06 ? 258 HOH A O     1 
HETATM 1271 O  O     . HOH I 5 .  ? -2.750  10.817  12.581  1.00 37.70 ? 260 HOH A O     1 
HETATM 1272 O  O     . HOH I 5 .  ? 11.026  9.234   -0.924  1.00 38.90 ? 261 HOH A O     1 
HETATM 1273 O  O     . HOH I 5 .  ? 13.424  -0.061  -10.351 1.00 52.19 ? 265 HOH A O     1 
HETATM 1274 O  O     . HOH I 5 .  ? 0.505   -1.557  -9.936  1.00 39.57 ? 267 HOH A O     1 
HETATM 1275 O  O     . HOH I 5 .  ? 0.597   -10.256 -16.292 1.00 52.50 ? 270 HOH A O     1 
HETATM 1276 O  O     . HOH I 5 .  ? 4.844   -1.074  -18.589 1.00 32.07 ? 271 HOH A O     1 
HETATM 1277 O  O     . HOH I 5 .  ? 3.480   -3.401  -18.611 1.00 34.19 ? 272 HOH A O     1 
HETATM 1278 O  O     . HOH I 5 .  ? 9.414   1.235   -11.240 1.00 29.76 ? 279 HOH A O     1 
HETATM 1279 O  O     . HOH I 5 .  ? 9.809   -1.597  -16.872 1.00 25.26 ? 280 HOH A O     1 
HETATM 1280 O  O     . HOH I 5 .  ? 5.054   -0.454  -21.260 1.00 29.09 ? 281 HOH A O     1 
HETATM 1281 O  O     . HOH I 5 .  ? 14.226  -13.374 -10.551 1.00 32.22 ? 282 HOH A O     1 
HETATM 1282 O  O     . HOH I 5 .  ? 9.647   8.770   12.872  1.00 50.73 ? 286 HOH A O     1 
HETATM 1283 O  O     . HOH I 5 .  ? 14.422  -0.633  3.176   1.00 32.52 ? 287 HOH A O     1 
HETATM 1284 O  O     . HOH I 5 .  ? 18.156  -4.362  -3.023  1.00 34.46 ? 288 HOH A O     1 
HETATM 1285 O  O     . HOH I 5 .  ? -15.810 -8.534  14.388  1.00 44.27 ? 291 HOH A O     1 
HETATM 1286 O  O     . HOH I 5 .  ? -5.280  -1.647  9.274   1.00 48.52 ? 298 HOH A O     1 
HETATM 1287 O  O     . HOH I 5 .  ? 13.063  -11.625 -6.187  1.00 44.43 ? 299 HOH A O     1 
HETATM 1288 O  O     . HOH I 5 .  ? 2.411   -3.611  -3.866  1.00 39.74 ? 300 HOH A O     1 
HETATM 1289 O  O     . HOH I 5 .  ? 2.311   -7.930  -7.115  1.00 34.60 ? 301 HOH A O     1 
HETATM 1290 O  O     . HOH I 5 .  ? 8.592   -13.096 -11.413 0.50 20.69 ? 302 HOH A O     1 
HETATM 1291 O  O     . HOH I 5 .  ? 16.351  -11.411 -5.720  1.00 50.22 ? 304 HOH A O     1 
HETATM 1292 O  O     . HOH I 5 .  ? 10.952  -10.102 -24.632 1.00 60.09 ? 306 HOH A O     1 
HETATM 1293 O  O     . HOH I 5 .  ? 12.153  -7.789  -23.920 1.00 32.83 ? 307 HOH A O     1 
HETATM 1294 O  O     . HOH I 5 .  ? 9.368   -12.451 -26.824 1.00 56.65 ? 308 HOH A O     1 
HETATM 1295 O  O     . HOH I 5 .  ? 18.941  -11.392 -19.592 1.00 57.58 ? 309 HOH A O     1 
HETATM 1296 O  O     . HOH I 5 .  ? 19.242  -8.357  -19.709 1.00 46.24 ? 310 HOH A O     1 
HETATM 1297 O  O     . HOH I 5 .  ? 0.582   -2.500  -18.063 1.00 44.63 ? 314 HOH A O     1 
HETATM 1298 O  O     . HOH I 5 .  ? 19.432  -1.530  -5.059  1.00 64.79 ? 315 HOH A O     1 
HETATM 1299 O  O     . HOH I 5 .  ? -0.357  -6.237  -8.935  1.00 51.21 ? 318 HOH A O     1 
HETATM 1300 O  O     . HOH I 5 .  ? 7.200   11.191  0.590   1.00 49.49 ? 320 HOH A O     1 
HETATM 1301 O  O     . HOH I 5 .  ? -13.600 -10.963 11.834  1.00 55.46 ? 325 HOH A O     1 
HETATM 1302 O  O     . HOH I 5 .  ? -15.502 -9.283  11.894  1.00 61.51 ? 326 HOH A O     1 
HETATM 1303 O  O     . HOH I 5 .  ? -9.672  14.796  9.352   1.00 61.47 ? 328 HOH A O     1 
HETATM 1304 O  O     . HOH I 5 .  ? 3.138   8.264   14.687  1.00 57.07 ? 331 HOH A O     1 
HETATM 1305 O  O     . HOH I 5 .  ? 9.496   4.132   10.571  1.00 48.92 ? 333 HOH A O     1 
HETATM 1306 O  O     . HOH I 5 .  ? 2.908   13.592  6.315   1.00 39.26 ? 334 HOH A O     1 
HETATM 1307 O  O     . HOH I 5 .  ? 0.936   -3.562  0.619   1.00 25.25 ? 335 HOH A O     1 
HETATM 1308 O  O     . HOH I 5 .  ? 6.955   -5.724  -0.199  1.00 32.86 ? 336 HOH A O     1 
HETATM 1309 O  O     . HOH I 5 .  ? 11.852  -4.027  3.585   1.00 41.13 ? 338 HOH A O     1 
HETATM 1310 O  O     . HOH I 5 .  ? 2.776   -7.500  -23.022 1.00 55.12 ? 344 HOH A O     1 
HETATM 1311 O  O     . HOH I 5 .  ? 2.748   -1.898  -24.292 1.00 37.03 ? 345 HOH A O     1 
HETATM 1312 O  O     . HOH I 5 .  ? 5.073   -11.082 -28.828 1.00 52.71 ? 346 HOH A O     1 
HETATM 1313 O  O     . HOH I 5 .  ? -19.115 2.730   11.465  0.50 36.21 ? 347 HOH A O     1 
HETATM 1314 O  O     . HOH I 5 .  ? 15.509  4.272   -3.993  1.00 46.51 ? 348 HOH A O     1 
HETATM 1315 O  O     . HOH I 5 .  ? 10.514  -11.488 -8.176  1.00 48.44 ? 350 HOH A O     1 
HETATM 1316 O  O     . HOH I 5 .  ? 19.493  -9.281  -10.152 1.00 62.98 ? 351 HOH A O     1 
HETATM 1317 O  O     . HOH I 5 .  ? 10.775  -1.561  6.773   1.00 39.42 ? 353 HOH A O     1 
HETATM 1318 O  O     . HOH I 5 .  ? 4.938   15.292  8.863   1.00 43.00 ? 354 HOH A O     1 
HETATM 1319 O  O     . HOH I 5 .  ? 11.834  7.142   14.720  1.00 51.30 ? 356 HOH A O     1 
HETATM 1320 O  O     . HOH I 5 .  ? -15.733 -1.759  12.642  1.00 47.52 ? 359 HOH A O     1 
HETATM 1321 O  O     . HOH I 5 .  ? -18.270 -11.626 4.783   1.00 58.19 ? 360 HOH A O     1 
HETATM 1322 O  O     . HOH I 5 .  ? -22.151 -3.997  11.451  1.00 55.85 ? 363 HOH A O     1 
HETATM 1323 O  O     . HOH I 5 .  ? -22.741 5.819   4.862   1.00 51.35 ? 372 HOH A O     1 
HETATM 1324 O  O     . HOH I 5 .  ? 17.937  8.513   0.283   1.00 53.18 ? 373 HOH A O     1 
HETATM 1325 O  O     . HOH I 5 .  ? -1.807  -1.009  8.616   1.00 52.98 ? 378 HOH A O     1 
HETATM 1326 O  O     . HOH I 5 .  ? 3.037   -3.721  -1.219  1.00 56.59 ? 381 HOH A O     1 
HETATM 1327 O  O     . HOH I 5 .  ? 8.161   -3.010  8.386   1.00 66.47 ? 382 HOH A O     1 
HETATM 1328 O  O     . HOH I 5 .  ? -17.337 10.398  1.497   1.00 64.59 ? 383 HOH A O     1 
HETATM 1329 O  O     . HOH I 5 .  ? -15.695 -8.757  0.975   1.00 67.23 ? 384 HOH A O     1 
HETATM 1330 O  O     . HOH I 5 .  ? -13.555 13.717  6.607   1.00 53.61 ? 385 HOH A O     1 
# 
loop_
_pdbx_poly_seq_scheme.asym_id 
_pdbx_poly_seq_scheme.entity_id 
_pdbx_poly_seq_scheme.seq_id 
_pdbx_poly_seq_scheme.mon_id 
_pdbx_poly_seq_scheme.ndb_seq_num 
_pdbx_poly_seq_scheme.pdb_seq_num 
_pdbx_poly_seq_scheme.auth_seq_num 
_pdbx_poly_seq_scheme.pdb_mon_id 
_pdbx_poly_seq_scheme.auth_mon_id 
_pdbx_poly_seq_scheme.pdb_strand_id 
_pdbx_poly_seq_scheme.pdb_ins_code 
_pdbx_poly_seq_scheme.hetero 
A 1 1  DA  1  1   1   DA  A   B . n 
A 1 2  DG  2  2   2   DG  G   B . n 
A 1 3  DC  3  3   3   DC  C   B . n 
A 1 4  DG  4  4   4   DG  G   B . n 
A 1 5  DT  5  5   5   DT  T   B . n 
A 1 6  DG  6  6   6   DG  G   B . n 
A 1 7  DG  7  7   7   DG  G   B . n 
A 1 8  DG  8  8   8   DG  G   B . n 
A 1 9  DC  9  9   9   DC  C   B . n 
A 1 10 DG  10 10  10  DG  G   B . n 
A 1 11 DT  11 11  11  DT  T   B . n 
B 2 1  DT  1  51  51  DT  T   C . n 
B 2 2  DA  2  52  52  DA  A   C . n 
B 2 3  DC  3  53  53  DC  C   C . n 
B 2 4  DG  4  54  54  DG  G   C . n 
B 2 5  DC  5  55  55  DC  C   C . n 
B 2 6  DC  6  56  56  DC  C   C . n 
B 2 7  DC  7  57  57  DC  C   C . n 
B 2 8  DA  8  58  58  DA  A   C . n 
B 2 9  DC  9  59  59  DC  C   C . n 
B 2 10 DG  10 60  60  DG  G   C . n 
B 2 11 DC  11 61  61  DC  C   C . n 
C 3 1  MET 1  101 ?   ?   ?   A . n 
C 3 2  GLU 2  102 ?   ?   ?   A . n 
C 3 3  ARG 3  103 103 ARG ARG A . n 
C 3 4  PRO 4  104 104 PRO PRO A . n 
C 3 5  TYR 5  105 105 TYR TYR A . n 
C 3 6  ALA 6  106 106 ALA ALA A . n 
C 3 7  CYS 7  107 107 CYS CYS A . n 
C 3 8  PRO 8  108 108 PRO PRO A . n 
C 3 9  VAL 9  109 109 VAL VAL A . n 
C 3 10 GLU 10 110 110 GLU GLU A . n 
C 3 11 SER 11 111 111 SER SER A . n 
C 3 12 CYS 12 112 112 CYS CYS A . n 
C 3 13 ASP 13 113 113 ASP ASP A . n 
C 3 14 ARG 14 114 114 ARG ARG A . n 
C 3 15 ARG 15 115 115 ARG ARG A . n 
C 3 16 PHE 16 116 116 PHE PHE A . n 
C 3 17 SER 17 117 117 SER SER A . n 
C 3 18 ARG 18 118 118 ARG ARG A . n 
C 3 19 SER 19 119 119 SER SER A . n 
C 3 20 ASP 20 120 120 ASP ASP A . n 
C 3 21 GLU 21 121 121 GLU GLU A . n 
C 3 22 LEU 22 122 122 LEU LEU A . n 
C 3 23 THR 23 123 123 THR THR A . n 
C 3 24 ARG 24 124 124 ARG ARG A . n 
C 3 25 HIS 25 125 125 HIS HIS A . n 
C 3 26 ILE 26 126 126 ILE ILE A . n 
C 3 27 ARG 27 127 127 ARG ARG A . n 
C 3 28 ILE 28 128 128 ILE ILE A . n 
C 3 29 HIS 29 129 129 HIS HIS A . n 
C 3 30 THR 30 130 130 THR THR A . n 
C 3 31 GLY 31 131 131 GLY GLY A . n 
C 3 32 GLN 32 132 132 GLN GLN A . n 
C 3 33 LYS 33 133 133 LYS LYS A . n 
C 3 34 PRO 34 134 134 PRO PRO A . n 
C 3 35 PHE 35 135 135 PHE PHE A . n 
C 3 36 GLN 36 136 136 GLN GLN A . n 
C 3 37 CYS 37 137 137 CYS CYS A . n 
C 3 38 ARG 38 138 138 ARG ARG A . n 
C 3 39 ILE 39 139 139 ILE ILE A . n 
C 3 40 CYS 40 140 140 CYS CYS A . n 
C 3 41 MET 41 141 141 MET MET A . n 
C 3 42 ARG 42 142 142 ARG ARG A . n 
C 3 43 ASN 43 143 143 ASN ASN A . n 
C 3 44 PHE 44 144 144 PHE PHE A . n 
C 3 45 SER 45 145 145 SER SER A . n 
C 3 46 ARG 46 146 146 ARG ARG A . n 
C 3 47 SER 47 147 147 SER SER A . n 
C 3 48 ASP 48 148 148 ASP ASP A . n 
C 3 49 HIS 49 149 149 HIS HIS A . n 
C 3 50 LEU 50 150 150 LEU LEU A . n 
C 3 51 THR 51 151 151 THR THR A . n 
C 3 52 THR 52 152 152 THR THR A . n 
C 3 53 HIS 53 153 153 HIS HIS A . n 
C 3 54 ILE 54 154 154 ILE ILE A . n 
C 3 55 ARG 55 155 155 ARG ARG A . n 
C 3 56 THR 56 156 156 THR THR A . n 
C 3 57 HIS 57 157 157 HIS HIS A . n 
C 3 58 THR 58 158 158 THR THR A . n 
C 3 59 GLY 59 159 159 GLY GLY A . n 
C 3 60 GLU 60 160 160 GLU GLU A . n 
C 3 61 LYS 61 161 161 LYS LYS A . n 
C 3 62 PRO 62 162 162 PRO PRO A . n 
C 3 63 PHE 63 163 163 PHE PHE A . n 
C 3 64 ALA 64 164 164 ALA ALA A . n 
C 3 65 CYS 65 165 165 CYS CYS A . n 
C 3 66 ASP 66 166 166 ASP ASP A . n 
C 3 67 ILE 67 167 167 ILE ILE A . n 
C 3 68 CYS 68 168 168 CYS CYS A . n 
C 3 69 GLY 69 169 169 GLY GLY A . n 
C 3 70 ARG 70 170 170 ARG ARG A . n 
C 3 71 LYS 71 171 171 LYS LYS A . n 
C 3 72 PHE 72 172 172 PHE PHE A . n 
C 3 73 ALA 73 173 173 ALA ALA A . n 
C 3 74 ARG 74 174 174 ARG ARG A . n 
C 3 75 SER 75 175 175 SER SER A . n 
C 3 76 ASP 76 176 176 ASP ASP A . n 
C 3 77 GLU 77 177 177 GLU GLU A . n 
C 3 78 ARG 78 178 178 ARG ARG A . n 
C 3 79 LYS 79 179 179 LYS LYS A . n 
C 3 80 ARG 80 180 180 ARG ARG A . n 
C 3 81 HIS 81 181 181 HIS HIS A . n 
C 3 82 THR 82 182 182 THR THR A . n 
C 3 83 LYS 83 183 183 LYS LYS A . n 
C 3 84 ILE 84 184 184 ILE ILE A . n 
C 3 85 HIS 85 185 185 HIS HIS A . n 
C 3 86 LEU 86 186 186 LEU LEU A . n 
C 3 87 ARG 87 187 187 ARG ARG A . n 
C 3 88 GLN 88 188 ?   ?   ?   A . n 
C 3 89 LYS 89 189 ?   ?   ?   A . n 
C 3 90 ASP 90 190 ?   ?   ?   A . n 
# 
loop_
_pdbx_nonpoly_scheme.asym_id 
_pdbx_nonpoly_scheme.entity_id 
_pdbx_nonpoly_scheme.mon_id 
_pdbx_nonpoly_scheme.ndb_seq_num 
_pdbx_nonpoly_scheme.pdb_seq_num 
_pdbx_nonpoly_scheme.auth_seq_num 
_pdbx_nonpoly_scheme.pdb_mon_id 
_pdbx_nonpoly_scheme.auth_mon_id 
_pdbx_nonpoly_scheme.pdb_strand_id 
_pdbx_nonpoly_scheme.pdb_ins_code 
D 4 ZN  1  201 201 ZN  ZN  A . 
E 4 ZN  1  202 202 ZN  ZN  A . 
F 4 ZN  1  203 203 ZN  ZN  A . 
G 5 HOH 1  205 205 HOH HOH B . 
G 5 HOH 2  206 206 HOH HOH B . 
G 5 HOH 3  208 208 HOH HOH B . 
G 5 HOH 4  209 209 HOH HOH B . 
G 5 HOH 5  211 211 HOH HOH B . 
G 5 HOH 6  214 214 HOH HOH B . 
G 5 HOH 7  216 216 HOH HOH B . 
G 5 HOH 8  221 221 HOH HOH B . 
G 5 HOH 9  231 231 HOH HOH B . 
G 5 HOH 10 247 247 HOH HOH B . 
G 5 HOH 11 250 250 HOH HOH B . 
G 5 HOH 12 252 252 HOH HOH B . 
G 5 HOH 13 254 254 HOH HOH B . 
G 5 HOH 14 262 262 HOH HOH B . 
G 5 HOH 15 263 263 HOH HOH B . 
G 5 HOH 16 264 264 HOH HOH B . 
G 5 HOH 17 274 274 HOH HOH B . 
G 5 HOH 18 276 276 HOH HOH B . 
G 5 HOH 19 277 277 HOH HOH B . 
G 5 HOH 20 285 285 HOH HOH B . 
G 5 HOH 21 294 294 HOH HOH B . 
G 5 HOH 22 295 295 HOH HOH B . 
G 5 HOH 23 296 296 HOH HOH B . 
G 5 HOH 24 303 303 HOH HOH B . 
G 5 HOH 25 313 313 HOH HOH B . 
G 5 HOH 26 324 324 HOH HOH B . 
G 5 HOH 27 329 329 HOH HOH B . 
G 5 HOH 28 330 330 HOH HOH B . 
G 5 HOH 29 341 341 HOH HOH B . 
G 5 HOH 30 342 342 HOH HOH B . 
G 5 HOH 31 357 357 HOH HOH B . 
G 5 HOH 32 366 366 HOH HOH B . 
H 5 HOH 1  229 229 HOH HOH C . 
H 5 HOH 2  244 244 HOH HOH C . 
H 5 HOH 3  245 245 HOH HOH C . 
H 5 HOH 4  246 246 HOH HOH C . 
H 5 HOH 5  251 251 HOH HOH C . 
H 5 HOH 6  256 256 HOH HOH C . 
H 5 HOH 7  259 259 HOH HOH C . 
H 5 HOH 8  266 266 HOH HOH C . 
H 5 HOH 9  268 268 HOH HOH C . 
H 5 HOH 10 269 269 HOH HOH C . 
H 5 HOH 11 297 297 HOH HOH C . 
H 5 HOH 12 305 305 HOH HOH C . 
H 5 HOH 13 317 317 HOH HOH C . 
H 5 HOH 14 319 319 HOH HOH C . 
H 5 HOH 15 321 321 HOH HOH C . 
H 5 HOH 16 337 337 HOH HOH C . 
H 5 HOH 17 343 343 HOH HOH C . 
H 5 HOH 18 352 352 HOH HOH C . 
H 5 HOH 19 365 365 HOH HOH C . 
H 5 HOH 20 367 367 HOH HOH C . 
H 5 HOH 21 368 368 HOH HOH C . 
H 5 HOH 22 369 369 HOH HOH C . 
H 5 HOH 23 370 370 HOH HOH C . 
H 5 HOH 24 371 371 HOH HOH C . 
H 5 HOH 25 374 374 HOH HOH C . 
H 5 HOH 26 377 377 HOH HOH C . 
H 5 HOH 27 379 379 HOH HOH C . 
H 5 HOH 28 380 380 HOH HOH C . 
I 5 HOH 1  204 204 HOH HOH A . 
I 5 HOH 2  210 210 HOH HOH A . 
I 5 HOH 3  212 212 HOH HOH A . 
I 5 HOH 4  213 213 HOH HOH A . 
I 5 HOH 5  215 215 HOH HOH A . 
I 5 HOH 6  217 217 HOH HOH A . 
I 5 HOH 7  218 218 HOH HOH A . 
I 5 HOH 8  219 219 HOH HOH A . 
I 5 HOH 9  222 222 HOH HOH A . 
I 5 HOH 10 223 223 HOH HOH A . 
I 5 HOH 11 224 224 HOH HOH A . 
I 5 HOH 12 225 225 HOH HOH A . 
I 5 HOH 13 226 226 HOH HOH A . 
I 5 HOH 14 227 227 HOH HOH A . 
I 5 HOH 15 228 228 HOH HOH A . 
I 5 HOH 16 230 230 HOH HOH A . 
I 5 HOH 17 232 232 HOH HOH A . 
I 5 HOH 18 233 233 HOH HOH A . 
I 5 HOH 19 234 234 HOH HOH A . 
I 5 HOH 20 237 237 HOH HOH A . 
I 5 HOH 21 238 238 HOH HOH A . 
I 5 HOH 22 239 239 HOH HOH A . 
I 5 HOH 23 240 240 HOH HOH A . 
I 5 HOH 24 241 241 HOH HOH A . 
I 5 HOH 25 242 242 HOH HOH A . 
I 5 HOH 26 255 255 HOH HOH A . 
I 5 HOH 27 257 257 HOH HOH A . 
I 5 HOH 28 258 258 HOH HOH A . 
I 5 HOH 29 260 260 HOH HOH A . 
I 5 HOH 30 261 261 HOH HOH A . 
I 5 HOH 31 265 265 HOH HOH A . 
I 5 HOH 32 267 267 HOH HOH A . 
I 5 HOH 33 270 270 HOH HOH A . 
I 5 HOH 34 271 271 HOH HOH A . 
I 5 HOH 35 272 272 HOH HOH A . 
I 5 HOH 36 279 279 HOH HOH A . 
I 5 HOH 37 280 280 HOH HOH A . 
I 5 HOH 38 281 281 HOH HOH A . 
I 5 HOH 39 282 282 HOH HOH A . 
I 5 HOH 40 286 286 HOH HOH A . 
I 5 HOH 41 287 287 HOH HOH A . 
I 5 HOH 42 288 288 HOH HOH A . 
I 5 HOH 43 291 291 HOH HOH A . 
I 5 HOH 44 298 298 HOH HOH A . 
I 5 HOH 45 299 299 HOH HOH A . 
I 5 HOH 46 300 300 HOH HOH A . 
I 5 HOH 47 301 301 HOH HOH A . 
I 5 HOH 48 302 302 HOH HOH A . 
I 5 HOH 49 304 304 HOH HOH A . 
I 5 HOH 50 306 306 HOH HOH A . 
I 5 HOH 51 307 307 HOH HOH A . 
I 5 HOH 52 308 308 HOH HOH A . 
I 5 HOH 53 309 309 HOH HOH A . 
I 5 HOH 54 310 310 HOH HOH A . 
I 5 HOH 55 314 314 HOH HOH A . 
I 5 HOH 56 315 315 HOH HOH A . 
I 5 HOH 57 318 318 HOH HOH A . 
I 5 HOH 58 320 320 HOH HOH A . 
I 5 HOH 59 325 325 HOH HOH A . 
I 5 HOH 60 326 326 HOH HOH A . 
I 5 HOH 61 328 328 HOH HOH A . 
I 5 HOH 62 331 331 HOH HOH A . 
I 5 HOH 63 333 333 HOH HOH A . 
I 5 HOH 64 334 334 HOH HOH A . 
I 5 HOH 65 335 335 HOH HOH A . 
I 5 HOH 66 336 336 HOH HOH A . 
I 5 HOH 67 338 338 HOH HOH A . 
I 5 HOH 68 344 344 HOH HOH A . 
I 5 HOH 69 345 345 HOH HOH A . 
I 5 HOH 70 346 346 HOH HOH A . 
I 5 HOH 71 347 347 HOH HOH A . 
I 5 HOH 72 348 348 HOH HOH A . 
I 5 HOH 73 350 350 HOH HOH A . 
I 5 HOH 74 351 351 HOH HOH A . 
I 5 HOH 75 353 353 HOH HOH A . 
I 5 HOH 76 354 354 HOH HOH A . 
I 5 HOH 77 356 356 HOH HOH A . 
I 5 HOH 78 359 359 HOH HOH A . 
I 5 HOH 79 360 360 HOH HOH A . 
I 5 HOH 80 363 363 HOH HOH A . 
I 5 HOH 81 372 372 HOH HOH A . 
I 5 HOH 82 373 373 HOH HOH A . 
I 5 HOH 83 378 378 HOH HOH A . 
I 5 HOH 84 381 381 HOH HOH A . 
I 5 HOH 85 382 382 HOH HOH A . 
I 5 HOH 86 383 383 HOH HOH A . 
I 5 HOH 87 384 384 HOH HOH A . 
I 5 HOH 88 385 385 HOH HOH A . 
# 
_pdbx_struct_assembly.id                   1 
_pdbx_struct_assembly.details              author_defined_assembly 
_pdbx_struct_assembly.method_details       ? 
_pdbx_struct_assembly.oligomeric_details   trimeric 
_pdbx_struct_assembly.oligomeric_count     3 
# 
_pdbx_struct_assembly_gen.assembly_id       1 
_pdbx_struct_assembly_gen.oper_expression   1 
_pdbx_struct_assembly_gen.asym_id_list      A,B,C,D,E,F,G,H,I 
# 
_pdbx_struct_oper_list.id                   1 
_pdbx_struct_oper_list.type                 'identity operation' 
_pdbx_struct_oper_list.name                 1_555 
_pdbx_struct_oper_list.symmetry_operation   x,y,z 
_pdbx_struct_oper_list.matrix[1][1]         1.0000000000 
_pdbx_struct_oper_list.matrix[1][2]         0.0000000000 
_pdbx_struct_oper_list.matrix[1][3]         0.0000000000 
_pdbx_struct_oper_list.vector[1]            0.0000000000 
_pdbx_struct_oper_list.matrix[2][1]         0.0000000000 
_pdbx_struct_oper_list.matrix[2][2]         1.0000000000 
_pdbx_struct_oper_list.matrix[2][3]         0.0000000000 
_pdbx_struct_oper_list.vector[2]            0.0000000000 
_pdbx_struct_oper_list.matrix[3][1]         0.0000000000 
_pdbx_struct_oper_list.matrix[3][2]         0.0000000000 
_pdbx_struct_oper_list.matrix[3][3]         1.0000000000 
_pdbx_struct_oper_list.vector[3]            0.0000000000 
# 
loop_
_pdbx_struct_special_symmetry.id 
_pdbx_struct_special_symmetry.PDB_model_num 
_pdbx_struct_special_symmetry.auth_asym_id 
_pdbx_struct_special_symmetry.auth_comp_id 
_pdbx_struct_special_symmetry.auth_seq_id 
_pdbx_struct_special_symmetry.PDB_ins_code 
_pdbx_struct_special_symmetry.label_asym_id 
_pdbx_struct_special_symmetry.label_comp_id 
_pdbx_struct_special_symmetry.label_seq_id 
1 1 A HOH 302 ? I HOH . 
2 1 A HOH 347 ? I HOH . 
# 
loop_
_pdbx_struct_conn_angle.id 
_pdbx_struct_conn_angle.ptnr1_label_atom_id 
_pdbx_struct_conn_angle.ptnr1_label_alt_id 
_pdbx_struct_conn_angle.ptnr1_label_asym_id 
_pdbx_struct_conn_angle.ptnr1_label_comp_id 
_pdbx_struct_conn_angle.ptnr1_label_seq_id 
_pdbx_struct_conn_angle.ptnr1_auth_atom_id 
_pdbx_struct_conn_angle.ptnr1_auth_asym_id 
_pdbx_struct_conn_angle.ptnr1_auth_comp_id 
_pdbx_struct_conn_angle.ptnr1_auth_seq_id 
_pdbx_struct_conn_angle.ptnr1_PDB_ins_code 
_pdbx_struct_conn_angle.ptnr1_symmetry 
_pdbx_struct_conn_angle.ptnr2_label_atom_id 
_pdbx_struct_conn_angle.ptnr2_label_alt_id 
_pdbx_struct_conn_angle.ptnr2_label_asym_id 
_pdbx_struct_conn_angle.ptnr2_label_comp_id 
_pdbx_struct_conn_angle.ptnr2_label_seq_id 
_pdbx_struct_conn_angle.ptnr2_auth_atom_id 
_pdbx_struct_conn_angle.ptnr2_auth_asym_id 
_pdbx_struct_conn_angle.ptnr2_auth_comp_id 
_pdbx_struct_conn_angle.ptnr2_auth_seq_id 
_pdbx_struct_conn_angle.ptnr2_PDB_ins_code 
_pdbx_struct_conn_angle.ptnr2_symmetry 
_pdbx_struct_conn_angle.ptnr3_label_atom_id 
_pdbx_struct_conn_angle.ptnr3_label_alt_id 
_pdbx_struct_conn_angle.ptnr3_label_asym_id 
_pdbx_struct_conn_angle.ptnr3_label_comp_id 
_pdbx_struct_conn_angle.ptnr3_label_seq_id 
_pdbx_struct_conn_angle.ptnr3_auth_atom_id 
_pdbx_struct_conn_angle.ptnr3_auth_asym_id 
_pdbx_struct_conn_angle.ptnr3_auth_comp_id 
_pdbx_struct_conn_angle.ptnr3_auth_seq_id 
_pdbx_struct_conn_angle.ptnr3_PDB_ins_code 
_pdbx_struct_conn_angle.ptnr3_symmetry 
_pdbx_struct_conn_angle.value 
_pdbx_struct_conn_angle.value_esd 
1  SG  ? C CYS 7  ? A CYS 107 ? 1_555 ZN ? D ZN . ? A ZN 201 ? 1_555 SG  ? C CYS 12 ? A CYS 112 ? 1_555 114.8 ? 
2  SG  ? C CYS 7  ? A CYS 107 ? 1_555 ZN ? D ZN . ? A ZN 201 ? 1_555 NE2 ? C HIS 25 ? A HIS 125 ? 1_555 106.9 ? 
3  SG  ? C CYS 12 ? A CYS 112 ? 1_555 ZN ? D ZN . ? A ZN 201 ? 1_555 NE2 ? C HIS 25 ? A HIS 125 ? 1_555 109.6 ? 
4  SG  ? C CYS 7  ? A CYS 107 ? 1_555 ZN ? D ZN . ? A ZN 201 ? 1_555 NE2 ? C HIS 29 ? A HIS 129 ? 1_555 107.9 ? 
5  SG  ? C CYS 12 ? A CYS 112 ? 1_555 ZN ? D ZN . ? A ZN 201 ? 1_555 NE2 ? C HIS 29 ? A HIS 129 ? 1_555 111.5 ? 
6  NE2 ? C HIS 25 ? A HIS 125 ? 1_555 ZN ? D ZN . ? A ZN 201 ? 1_555 NE2 ? C HIS 29 ? A HIS 129 ? 1_555 105.7 ? 
7  SG  ? C CYS 37 ? A CYS 137 ? 1_555 ZN ? E ZN . ? A ZN 202 ? 1_555 SG  ? C CYS 40 ? A CYS 140 ? 1_555 115.7 ? 
8  SG  ? C CYS 37 ? A CYS 137 ? 1_555 ZN ? E ZN . ? A ZN 202 ? 1_555 NE2 ? C HIS 53 ? A HIS 153 ? 1_555 108.5 ? 
9  SG  ? C CYS 40 ? A CYS 140 ? 1_555 ZN ? E ZN . ? A ZN 202 ? 1_555 NE2 ? C HIS 53 ? A HIS 153 ? 1_555 110.7 ? 
10 SG  ? C CYS 37 ? A CYS 137 ? 1_555 ZN ? E ZN . ? A ZN 202 ? 1_555 NE2 ? C HIS 57 ? A HIS 157 ? 1_555 111.0 ? 
11 SG  ? C CYS 40 ? A CYS 140 ? 1_555 ZN ? E ZN . ? A ZN 202 ? 1_555 NE2 ? C HIS 57 ? A HIS 157 ? 1_555 114.2 ? 
12 NE2 ? C HIS 53 ? A HIS 153 ? 1_555 ZN ? E ZN . ? A ZN 202 ? 1_555 NE2 ? C HIS 57 ? A HIS 157 ? 1_555 94.8  ? 
13 SG  ? C CYS 65 ? A CYS 165 ? 1_555 ZN ? F ZN . ? A ZN 203 ? 1_555 SG  ? C CYS 68 ? A CYS 168 ? 1_555 116.9 ? 
14 SG  ? C CYS 65 ? A CYS 165 ? 1_555 ZN ? F ZN . ? A ZN 203 ? 1_555 NE2 ? C HIS 81 ? A HIS 181 ? 1_555 103.3 ? 
15 SG  ? C CYS 68 ? A CYS 168 ? 1_555 ZN ? F ZN . ? A ZN 203 ? 1_555 NE2 ? C HIS 81 ? A HIS 181 ? 1_555 104.7 ? 
16 SG  ? C CYS 65 ? A CYS 165 ? 1_555 ZN ? F ZN . ? A ZN 203 ? 1_555 NE2 ? C HIS 85 ? A HIS 185 ? 1_555 103.9 ? 
17 SG  ? C CYS 68 ? A CYS 168 ? 1_555 ZN ? F ZN . ? A ZN 203 ? 1_555 NE2 ? C HIS 85 ? A HIS 185 ? 1_555 118.2 ? 
18 NE2 ? C HIS 81 ? A HIS 181 ? 1_555 ZN ? F ZN . ? A ZN 203 ? 1_555 NE2 ? C HIS 85 ? A HIS 185 ? 1_555 108.7 ? 
# 
loop_
_pdbx_audit_revision_history.ordinal 
_pdbx_audit_revision_history.data_content_type 
_pdbx_audit_revision_history.major_revision 
_pdbx_audit_revision_history.minor_revision 
_pdbx_audit_revision_history.revision_date 
1 'Structure model' 1 0 1997-04-21 
2 'Structure model' 1 1 2008-05-22 
3 'Structure model' 1 2 2011-07-13 
4 'Structure model' 1 3 2023-08-02 
# 
_pdbx_audit_revision_details.ordinal             1 
_pdbx_audit_revision_details.revision_ordinal    1 
_pdbx_audit_revision_details.data_content_type   'Structure model' 
_pdbx_audit_revision_details.provider            repository 
_pdbx_audit_revision_details.type                'Initial release' 
_pdbx_audit_revision_details.description         ? 
_pdbx_audit_revision_details.details             ? 
# 
loop_
_pdbx_audit_revision_group.ordinal 
_pdbx_audit_revision_group.revision_ordinal 
_pdbx_audit_revision_group.data_content_type 
_pdbx_audit_revision_group.group 
1 2 'Structure model' 'Version format compliance' 
2 3 'Structure model' 'Version format compliance' 
3 4 'Structure model' 'Database references'       
4 4 'Structure model' 'Derived calculations'      
5 4 'Structure model' 'Refinement description'    
# 
loop_
_pdbx_audit_revision_category.ordinal 
_pdbx_audit_revision_category.revision_ordinal 
_pdbx_audit_revision_category.data_content_type 
_pdbx_audit_revision_category.category 
1 4 'Structure model' database_2                    
2 4 'Structure model' pdbx_initial_refinement_model 
3 4 'Structure model' struct_conn                   
4 4 'Structure model' struct_site                   
# 
loop_
_pdbx_audit_revision_item.ordinal 
_pdbx_audit_revision_item.revision_ordinal 
_pdbx_audit_revision_item.data_content_type 
_pdbx_audit_revision_item.item 
1  4 'Structure model' '_database_2.pdbx_DOI'                
2  4 'Structure model' '_database_2.pdbx_database_accession' 
3  4 'Structure model' '_struct_conn.ptnr1_auth_comp_id'     
4  4 'Structure model' '_struct_conn.ptnr1_auth_seq_id'      
5  4 'Structure model' '_struct_conn.ptnr1_label_asym_id'    
6  4 'Structure model' '_struct_conn.ptnr1_label_atom_id'    
7  4 'Structure model' '_struct_conn.ptnr1_label_comp_id'    
8  4 'Structure model' '_struct_conn.ptnr1_label_seq_id'     
9  4 'Structure model' '_struct_conn.ptnr2_auth_comp_id'     
10 4 'Structure model' '_struct_conn.ptnr2_auth_seq_id'      
11 4 'Structure model' '_struct_conn.ptnr2_label_asym_id'    
12 4 'Structure model' '_struct_conn.ptnr2_label_atom_id'    
13 4 'Structure model' '_struct_conn.ptnr2_label_comp_id'    
14 4 'Structure model' '_struct_conn.ptnr2_label_seq_id'     
15 4 'Structure model' '_struct_site.pdbx_auth_asym_id'      
16 4 'Structure model' '_struct_site.pdbx_auth_comp_id'      
17 4 'Structure model' '_struct_site.pdbx_auth_seq_id'       
# 
loop_
_software.name 
_software.classification 
_software.version 
_software.citation_id 
_software.pdbx_ordinal 
X-PLOR    'model building' . ? 1 
X-PLOR    refinement       . ? 2 
DENZO     'data reduction' . ? 3 
SCALEPACK 'data scaling'   . ? 4 
X-PLOR    phasing          . ? 5 
# 
_pdbx_validate_rmsd_bond.id                        1 
_pdbx_validate_rmsd_bond.PDB_model_num             1 
_pdbx_validate_rmsd_bond.auth_atom_id_1            C5 
_pdbx_validate_rmsd_bond.auth_asym_id_1            B 
_pdbx_validate_rmsd_bond.auth_comp_id_1            DT 
_pdbx_validate_rmsd_bond.auth_seq_id_1             5 
_pdbx_validate_rmsd_bond.PDB_ins_code_1            ? 
_pdbx_validate_rmsd_bond.label_alt_id_1            ? 
_pdbx_validate_rmsd_bond.auth_atom_id_2            C7 
_pdbx_validate_rmsd_bond.auth_asym_id_2            B 
_pdbx_validate_rmsd_bond.auth_comp_id_2            DT 
_pdbx_validate_rmsd_bond.auth_seq_id_2             5 
_pdbx_validate_rmsd_bond.PDB_ins_code_2            ? 
_pdbx_validate_rmsd_bond.label_alt_id_2            ? 
_pdbx_validate_rmsd_bond.bond_value                1.536 
_pdbx_validate_rmsd_bond.bond_target_value         1.496 
_pdbx_validate_rmsd_bond.bond_deviation            0.040 
_pdbx_validate_rmsd_bond.bond_standard_deviation   0.006 
_pdbx_validate_rmsd_bond.linker_flag               N 
# 
loop_
_pdbx_validate_rmsd_angle.id 
_pdbx_validate_rmsd_angle.PDB_model_num 
_pdbx_validate_rmsd_angle.auth_atom_id_1 
_pdbx_validate_rmsd_angle.auth_asym_id_1 
_pdbx_validate_rmsd_angle.auth_comp_id_1 
_pdbx_validate_rmsd_angle.auth_seq_id_1 
_pdbx_validate_rmsd_angle.PDB_ins_code_1 
_pdbx_validate_rmsd_angle.label_alt_id_1 
_pdbx_validate_rmsd_angle.auth_atom_id_2 
_pdbx_validate_rmsd_angle.auth_asym_id_2 
_pdbx_validate_rmsd_angle.auth_comp_id_2 
_pdbx_validate_rmsd_angle.auth_seq_id_2 
_pdbx_validate_rmsd_angle.PDB_ins_code_2 
_pdbx_validate_rmsd_angle.label_alt_id_2 
_pdbx_validate_rmsd_angle.auth_atom_id_3 
_pdbx_validate_rmsd_angle.auth_asym_id_3 
_pdbx_validate_rmsd_angle.auth_comp_id_3 
_pdbx_validate_rmsd_angle.auth_seq_id_3 
_pdbx_validate_rmsd_angle.PDB_ins_code_3 
_pdbx_validate_rmsd_angle.label_alt_id_3 
_pdbx_validate_rmsd_angle.angle_value 
_pdbx_validate_rmsd_angle.angle_target_value 
_pdbx_validate_rmsd_angle.angle_deviation 
_pdbx_validate_rmsd_angle.angle_standard_deviation 
_pdbx_validate_rmsd_angle.linker_flag 
1  1 "O4'" B DC 3  ? ? "C1'" B DC 3  ? ? N1    B DC 3  ? ? 111.56 108.30 3.26  0.30 N 
2  1 "O4'" B DT 5  ? ? "C1'" B DT 5  ? ? "C2'" B DT 5  ? ? 100.98 105.90 -4.92 0.80 N 
3  1 "O4'" B DT 5  ? ? "C1'" B DT 5  ? ? N1    B DT 5  ? ? 111.05 108.30 2.75  0.30 N 
4  1 "O4'" B DC 9  ? ? "C1'" B DC 9  ? ? N1    B DC 9  ? ? 111.19 108.30 2.89  0.30 N 
5  1 "O4'" B DT 11 ? ? "C1'" B DT 11 ? ? N1    B DT 11 ? ? 110.42 108.30 2.12  0.30 N 
6  1 "O4'" C DA 52 ? ? "C1'" C DA 52 ? ? N9    C DA 52 ? ? 111.73 108.30 3.43  0.30 N 
7  1 "O4'" C DG 54 ? ? "C1'" C DG 54 ? ? "C2'" C DG 54 ? ? 101.09 105.90 -4.81 0.80 N 
8  1 "O4'" C DC 56 ? ? "C1'" C DC 56 ? ? N1    C DC 56 ? ? 110.35 108.30 2.05  0.30 N 
9  1 N1    C DC 56 ? ? C2    C DC 56 ? ? O2    C DC 56 ? ? 123.11 118.90 4.21  0.60 N 
10 1 "O4'" C DC 57 ? ? "C1'" C DC 57 ? ? N1    C DC 57 ? ? 112.24 108.30 3.94  0.30 N 
11 1 "C1'" C DA 58 ? ? "O4'" C DA 58 ? ? "C4'" C DA 58 ? ? 102.50 110.10 -7.60 1.00 N 
12 1 "O4'" C DC 59 ? ? "C1'" C DC 59 ? ? N1    C DC 59 ? ? 110.44 108.30 2.14  0.30 N 
# 
loop_
_pdbx_unobs_or_zero_occ_residues.id 
_pdbx_unobs_or_zero_occ_residues.PDB_model_num 
_pdbx_unobs_or_zero_occ_residues.polymer_flag 
_pdbx_unobs_or_zero_occ_residues.occupancy_flag 
_pdbx_unobs_or_zero_occ_residues.auth_asym_id 
_pdbx_unobs_or_zero_occ_residues.auth_comp_id 
_pdbx_unobs_or_zero_occ_residues.auth_seq_id 
_pdbx_unobs_or_zero_occ_residues.PDB_ins_code 
_pdbx_unobs_or_zero_occ_residues.label_asym_id 
_pdbx_unobs_or_zero_occ_residues.label_comp_id 
_pdbx_unobs_or_zero_occ_residues.label_seq_id 
1 1 Y 1 A MET 101 ? C MET 1  
2 1 Y 1 A GLU 102 ? C GLU 2  
3 1 Y 1 A GLN 188 ? C GLN 88 
4 1 Y 1 A LYS 189 ? C LYS 89 
5 1 Y 1 A ASP 190 ? C ASP 90 
# 
loop_
_ndb_struct_conf_na.entry_id 
_ndb_struct_conf_na.feature 
1AAY 'double helix'        
1AAY 'b-form double helix' 
# 
loop_
_ndb_struct_na_base_pair.model_number 
_ndb_struct_na_base_pair.i_label_asym_id 
_ndb_struct_na_base_pair.i_label_comp_id 
_ndb_struct_na_base_pair.i_label_seq_id 
_ndb_struct_na_base_pair.i_symmetry 
_ndb_struct_na_base_pair.j_label_asym_id 
_ndb_struct_na_base_pair.j_label_comp_id 
_ndb_struct_na_base_pair.j_label_seq_id 
_ndb_struct_na_base_pair.j_symmetry 
_ndb_struct_na_base_pair.shear 
_ndb_struct_na_base_pair.stretch 
_ndb_struct_na_base_pair.stagger 
_ndb_struct_na_base_pair.buckle 
_ndb_struct_na_base_pair.propeller 
_ndb_struct_na_base_pair.opening 
_ndb_struct_na_base_pair.pair_number 
_ndb_struct_na_base_pair.pair_name 
_ndb_struct_na_base_pair.i_auth_asym_id 
_ndb_struct_na_base_pair.i_auth_seq_id 
_ndb_struct_na_base_pair.i_PDB_ins_code 
_ndb_struct_na_base_pair.j_auth_asym_id 
_ndb_struct_na_base_pair.j_auth_seq_id 
_ndb_struct_na_base_pair.j_PDB_ins_code 
_ndb_struct_na_base_pair.hbond_type_28 
_ndb_struct_na_base_pair.hbond_type_12 
1 A DG 2  1_555 B DC 11 1_555 -0.130 -0.165 -0.276 -8.167 -1.965  1.426  1  B_DG2:DC61_C  B 2  ? C 61 ? 19 1 
1 A DC 3  1_555 B DG 10 1_555 0.415  -0.152 -0.301 10.040 -6.567  0.470  2  B_DC3:DG60_C  B 3  ? C 60 ? 19 1 
1 A DG 4  1_555 B DC 9  1_555 -0.263 -0.220 0.108  -1.702 -6.214  -1.835 3  B_DG4:DC59_C  B 4  ? C 59 ? 19 1 
1 A DT 5  1_555 B DA 8  1_555 -0.084 -0.230 -0.022 0.277  -6.127  -0.008 4  B_DT5:DA58_C  B 5  ? C 58 ? 20 1 
1 A DG 6  1_555 B DC 7  1_555 -0.310 -0.134 0.114  3.146  -10.430 1.417  5  B_DG6:DC57_C  B 6  ? C 57 ? 19 1 
1 A DG 7  1_555 B DC 6  1_555 -0.307 -0.161 -0.101 -3.966 -9.233  -2.316 6  B_DG7:DC56_C  B 7  ? C 56 ? 19 1 
1 A DG 8  1_555 B DC 5  1_555 -0.219 -0.216 -0.105 -3.668 -13.523 -1.143 7  B_DG8:DC55_C  B 8  ? C 55 ? 19 1 
1 A DC 9  1_555 B DG 4  1_555 0.255  -0.133 -0.269 3.223  -5.272  -0.791 8  B_DC9:DG54_C  B 9  ? C 54 ? 19 1 
1 A DG 10 1_555 B DC 3  1_555 -0.086 -0.213 -0.025 3.612  -8.114  -3.186 9  B_DG10:DC53_C B 10 ? C 53 ? 19 1 
1 A DT 11 1_555 B DA 2  1_555 0.053  -0.233 -0.320 6.529  -7.147  2.635  10 B_DT11:DA52_C B 11 ? C 52 ? 20 1 
# 
loop_
_ndb_struct_na_base_pair_step.model_number 
_ndb_struct_na_base_pair_step.i_label_asym_id_1 
_ndb_struct_na_base_pair_step.i_label_comp_id_1 
_ndb_struct_na_base_pair_step.i_label_seq_id_1 
_ndb_struct_na_base_pair_step.i_symmetry_1 
_ndb_struct_na_base_pair_step.j_label_asym_id_1 
_ndb_struct_na_base_pair_step.j_label_comp_id_1 
_ndb_struct_na_base_pair_step.j_label_seq_id_1 
_ndb_struct_na_base_pair_step.j_symmetry_1 
_ndb_struct_na_base_pair_step.i_label_asym_id_2 
_ndb_struct_na_base_pair_step.i_label_comp_id_2 
_ndb_struct_na_base_pair_step.i_label_seq_id_2 
_ndb_struct_na_base_pair_step.i_symmetry_2 
_ndb_struct_na_base_pair_step.j_label_asym_id_2 
_ndb_struct_na_base_pair_step.j_label_comp_id_2 
_ndb_struct_na_base_pair_step.j_label_seq_id_2 
_ndb_struct_na_base_pair_step.j_symmetry_2 
_ndb_struct_na_base_pair_step.shift 
_ndb_struct_na_base_pair_step.slide 
_ndb_struct_na_base_pair_step.rise 
_ndb_struct_na_base_pair_step.tilt 
_ndb_struct_na_base_pair_step.roll 
_ndb_struct_na_base_pair_step.twist 
_ndb_struct_na_base_pair_step.x_displacement 
_ndb_struct_na_base_pair_step.y_displacement 
_ndb_struct_na_base_pair_step.helical_rise 
_ndb_struct_na_base_pair_step.inclination 
_ndb_struct_na_base_pair_step.tip 
_ndb_struct_na_base_pair_step.helical_twist 
_ndb_struct_na_base_pair_step.step_number 
_ndb_struct_na_base_pair_step.step_name 
_ndb_struct_na_base_pair_step.i_auth_asym_id_1 
_ndb_struct_na_base_pair_step.i_auth_seq_id_1 
_ndb_struct_na_base_pair_step.i_PDB_ins_code_1 
_ndb_struct_na_base_pair_step.j_auth_asym_id_1 
_ndb_struct_na_base_pair_step.j_auth_seq_id_1 
_ndb_struct_na_base_pair_step.j_PDB_ins_code_1 
_ndb_struct_na_base_pair_step.i_auth_asym_id_2 
_ndb_struct_na_base_pair_step.i_auth_seq_id_2 
_ndb_struct_na_base_pair_step.i_PDB_ins_code_2 
_ndb_struct_na_base_pair_step.j_auth_asym_id_2 
_ndb_struct_na_base_pair_step.j_auth_seq_id_2 
_ndb_struct_na_base_pair_step.j_PDB_ins_code_2 
1 A DG 2  1_555 B DC 11 1_555 A DC 3  1_555 B DG 10 1_555 0.330  -0.169 2.898 0.825  5.687  25.991 -1.685 -0.526 2.807 12.450 
-1.807 26.608 1 BB_DG2DC3:DG60DC61_CC   B 2  ? C 61 ? B 3  ? C 60 ? 
1 A DC 3  1_555 B DG 10 1_555 A DG 4  1_555 B DC 9  1_555 -0.946 -0.209 3.487 -7.226 7.822  36.165 -1.430 0.444  3.487 12.276 
11.341 37.650 2 BB_DC3DG4:DC59DG60_CC   B 3  ? C 60 ? B 4  ? C 59 ? 
1 A DG 4  1_555 B DC 9  1_555 A DT 5  1_555 B DA 8  1_555 0.537  -0.630 3.465 1.241  5.497  27.902 -2.597 -0.795 3.302 11.255 
-2.540 28.454 3 BB_DG4DT5:DA58DC59_CC   B 4  ? C 59 ? B 5  ? C 58 ? 
1 A DT 5  1_555 B DA 8  1_555 A DG 6  1_555 B DC 7  1_555 -0.943 -0.106 3.305 -5.551 3.485  34.127 -0.728 0.703  3.385 5.870  
9.352  34.732 4 BB_DT5DG6:DC57DA58_CC   B 5  ? C 58 ? B 6  ? C 57 ? 
1 A DG 6  1_555 B DC 7  1_555 A DG 7  1_555 B DC 6  1_555 -0.811 -0.933 3.541 -0.664 3.282  30.631 -2.442 1.387  3.441 6.190  
1.252  30.809 5 BB_DG6DG7:DC56DC57_CC   B 6  ? C 57 ? B 7  ? C 56 ? 
1 A DG 7  1_555 B DC 6  1_555 A DG 8  1_555 B DC 5  1_555 -0.076 -0.375 3.398 -2.042 11.062 35.225 -2.125 -0.163 3.142 17.730 
3.272  36.923 6 BB_DG7DG8:DC55DC56_CC   B 7  ? C 56 ? B 8  ? C 55 ? 
1 A DG 8  1_555 B DC 5  1_555 A DC 9  1_555 B DG 4  1_555 0.706  -0.271 3.176 2.519  -2.183 30.761 -0.094 -0.844 3.234 -4.100 
-4.732 30.937 7 BB_DG8DC9:DG54DC55_CC   B 8  ? C 55 ? B 9  ? C 54 ? 
1 A DC 9  1_555 B DG 4  1_555 A DG 10 1_555 B DC 3  1_555 -1.138 0.307  3.370 -4.495 6.054  33.670 -0.480 1.179  3.489 10.292 
7.642  34.480 8 BB_DC9DG10:DC53DG54_CC  B 9  ? C 54 ? B 10 ? C 53 ? 
1 A DG 10 1_555 B DC 3  1_555 A DT 11 1_555 B DA 2  1_555 1.053  -0.529 3.367 2.084  2.144  31.405 -1.386 -1.535 3.386 3.950  
-3.839 31.544 9 BB_DG10DT11:DA52DC53_CC B 10 ? C 53 ? B 11 ? C 52 ? 
# 
loop_
_pdbx_entity_nonpoly.entity_id 
_pdbx_entity_nonpoly.name 
_pdbx_entity_nonpoly.comp_id 
4 'ZINC ION' ZN  
5 water      HOH 
# 
_pdbx_initial_refinement_model.id               1 
_pdbx_initial_refinement_model.entity_id_list   ? 
_pdbx_initial_refinement_model.type             'experimental model' 
_pdbx_initial_refinement_model.source_name      PDB 
_pdbx_initial_refinement_model.accession_code   1ZAA 
_pdbx_initial_refinement_model.details          'PDB ENTRY 1ZAA, WITHOUT WATERS' 
# 
